data_5S8Z
# 
_entry.id   5S8Z 
# 
_audit_conform.dict_name       mmcif_pdbx.dic 
_audit_conform.dict_version    5.387 
_audit_conform.dict_location   http://mmcif.pdb.org/dictionaries/ascii/mmcif_pdbx.dic 
# 
loop_
_database_2.database_id 
_database_2.database_code 
_database_2.pdbx_database_accession 
_database_2.pdbx_DOI 
PDB   5S8Z         pdb_00005s8z 10.2210/pdb5s8z/pdb 
WWPDB D_1001404208 ?            ?                   
# 
loop_
_pdbx_audit_revision_history.ordinal 
_pdbx_audit_revision_history.data_content_type 
_pdbx_audit_revision_history.major_revision 
_pdbx_audit_revision_history.minor_revision 
_pdbx_audit_revision_history.revision_date 
1 'Structure model' 1 0 2021-02-17 
2 'Structure model' 1 1 2024-03-06 
# 
_pdbx_audit_revision_details.ordinal             1 
_pdbx_audit_revision_details.revision_ordinal    1 
_pdbx_audit_revision_details.data_content_type   'Structure model' 
_pdbx_audit_revision_details.provider            repository 
_pdbx_audit_revision_details.type                'Initial release' 
_pdbx_audit_revision_details.description         ? 
_pdbx_audit_revision_details.details             ? 
# 
loop_
_pdbx_audit_revision_group.ordinal 
_pdbx_audit_revision_group.revision_ordinal 
_pdbx_audit_revision_group.data_content_type 
_pdbx_audit_revision_group.group 
1 2 'Structure model' 'Data collection'     
2 2 'Structure model' 'Database references' 
# 
loop_
_pdbx_audit_revision_category.ordinal 
_pdbx_audit_revision_category.revision_ordinal 
_pdbx_audit_revision_category.data_content_type 
_pdbx_audit_revision_category.category 
1 2 'Structure model' chem_comp_atom 
2 2 'Structure model' chem_comp_bond 
3 2 'Structure model' database_2     
# 
loop_
_pdbx_audit_revision_item.ordinal 
_pdbx_audit_revision_item.revision_ordinal 
_pdbx_audit_revision_item.data_content_type 
_pdbx_audit_revision_item.item 
1 2 'Structure model' '_database_2.pdbx_DOI'                
2 2 'Structure model' '_database_2.pdbx_database_accession' 
# 
_pdbx_database_status.entry_id                        5S8Z 
_pdbx_database_status.status_code                     REL 
_pdbx_database_status.status_code_sf                  REL 
_pdbx_database_status.status_code_mr                  ? 
_pdbx_database_status.status_code_cs                  ? 
_pdbx_database_status.recvd_initial_deposition_date   2021-01-22 
_pdbx_database_status.status_code_nmr_data            ? 
_pdbx_database_status.deposit_site                    RCSB 
_pdbx_database_status.process_site                    RCSB 
_pdbx_database_status.SG_entry                        ? 
_pdbx_database_status.pdb_format_compatible           Y 
_pdbx_database_status.methods_development_category    ? 
# 
loop_
_audit_author.name 
_audit_author.pdbx_ordinal 
_audit_author.identifier_ORCID 
'Grosjean, H.'     1  ? 
'Aimon, A.'        2  ? 
'Hassel-Hart , S.' 3  ? 
'Krojer, T.'       4  ? 
'Talon, R.'        5  ? 
'Douangamath, A.'  6  ? 
'Koekemoer, L.'    7  ? 
'Biggin, P.C.'     8  ? 
'Spencer, J.'      9  ? 
'von Delft, F.'    10 ? 
# 
_citation.id                        primary 
_citation.title                     
;Crystal Structures of the second bromodomain of Pleckstrin homology domain interacting protein (PHIP) in space group C2 soaked with crude reaction mixtures
;
_citation.journal_abbrev            'To Be Published' 
_citation.journal_volume            ? 
_citation.page_first                ? 
_citation.page_last                 ? 
_citation.year                      ? 
_citation.journal_id_ASTM           ? 
_citation.country                   ? 
_citation.journal_id_ISSN           ? 
_citation.journal_id_CSD            0353 
_citation.book_publisher            ? 
_citation.pdbx_database_id_PubMed   ? 
_citation.pdbx_database_id_DOI      ? 
# 
loop_
_citation_author.citation_id 
_citation_author.name 
_citation_author.identifier_ORCID 
_citation_author.ordinal 
primary 'Grosjean, H.'    ? 1  
primary 'Aimon, A.'       ? 2  
primary 'Hart , S.'       ? 3  
primary 'Krojer, T.'      ? 4  
primary 'Talon, R.'       ? 5  
primary 'Douangamath, A.' ? 6  
primary 'Koekemoer, L.'   ? 7  
primary 'Biggin, P.C.'    ? 8  
primary 'Spencer, J.'     ? 9  
primary 'von Delft, F.'   ? 10 
# 
loop_
_entity.id 
_entity.type 
_entity.src_method 
_entity.pdbx_description 
_entity.formula_weight 
_entity.pdbx_number_of_molecules 
_entity.pdbx_ec 
_entity.pdbx_mutation 
_entity.pdbx_fragment 
_entity.details 
1 polymer     man 'PH-interacting protein'                                                                           17627.859 1   
? ? ? ? 
2 non-polymer syn 'N-[(3,4-dihydro-2H-1lambda~4~-thiophen-5-yl)methyl]-4-(furan-2-carbonyl)piperazine-1-carboxamide' 323.411   1   
? ? ? ? 
3 water       nat water                                                                                              18.015    193 
? ? ? ? 
# 
_entity_name_com.entity_id   1 
_entity_name_com.name        
'PHIP,DDB1- and CUL4-associated factor 14,IRS-1 PH domain-binding protein,WD repeat-containing protein 11' 
# 
_entity_poly.entity_id                      1 
_entity_poly.type                           'polypeptide(L)' 
_entity_poly.nstd_linkage                   no 
_entity_poly.nstd_monomer                   no 
_entity_poly.pdbx_seq_one_letter_code       
;MHHHHHHSSGVDLGTENLYFQSMSYDIQAWKKQCEELLNLIFQCEDSEPFRQPVDLLEYPDYRDIIDTPMDFATVRETLE
AGNYESPMELCKDVRLIFSNSKAYTPSKRSRIYSMSLRLSAFFEEHISSVLSDYKSALRFHKRNTITKR
;
_entity_poly.pdbx_seq_one_letter_code_can   
;MHHHHHHSSGVDLGTENLYFQSMSYDIQAWKKQCEELLNLIFQCEDSEPFRQPVDLLEYPDYRDIIDTPMDFATVRETLE
AGNYESPMELCKDVRLIFSNSKAYTPSKRSRIYSMSLRLSAFFEEHISSVLSDYKSALRFHKRNTITKR
;
_entity_poly.pdbx_strand_id                 A 
_entity_poly.pdbx_target_identifier         ? 
# 
loop_
_pdbx_entity_nonpoly.entity_id 
_pdbx_entity_nonpoly.name 
_pdbx_entity_nonpoly.comp_id 
2 'N-[(3,4-dihydro-2H-1lambda~4~-thiophen-5-yl)methyl]-4-(furan-2-carbonyl)piperazine-1-carboxamide' Y1M 
3 water                                                                                              HOH 
# 
loop_
_entity_poly_seq.entity_id 
_entity_poly_seq.num 
_entity_poly_seq.mon_id 
_entity_poly_seq.hetero 
1 1   MET n 
1 2   HIS n 
1 3   HIS n 
1 4   HIS n 
1 5   HIS n 
1 6   HIS n 
1 7   HIS n 
1 8   SER n 
1 9   SER n 
1 10  GLY n 
1 11  VAL n 
1 12  ASP n 
1 13  LEU n 
1 14  GLY n 
1 15  THR n 
1 16  GLU n 
1 17  ASN n 
1 18  LEU n 
1 19  TYR n 
1 20  PHE n 
1 21  GLN n 
1 22  SER n 
1 23  MET n 
1 24  SER n 
1 25  TYR n 
1 26  ASP n 
1 27  ILE n 
1 28  GLN n 
1 29  ALA n 
1 30  TRP n 
1 31  LYS n 
1 32  LYS n 
1 33  GLN n 
1 34  CYS n 
1 35  GLU n 
1 36  GLU n 
1 37  LEU n 
1 38  LEU n 
1 39  ASN n 
1 40  LEU n 
1 41  ILE n 
1 42  PHE n 
1 43  GLN n 
1 44  CYS n 
1 45  GLU n 
1 46  ASP n 
1 47  SER n 
1 48  GLU n 
1 49  PRO n 
1 50  PHE n 
1 51  ARG n 
1 52  GLN n 
1 53  PRO n 
1 54  VAL n 
1 55  ASP n 
1 56  LEU n 
1 57  LEU n 
1 58  GLU n 
1 59  TYR n 
1 60  PRO n 
1 61  ASP n 
1 62  TYR n 
1 63  ARG n 
1 64  ASP n 
1 65  ILE n 
1 66  ILE n 
1 67  ASP n 
1 68  THR n 
1 69  PRO n 
1 70  MET n 
1 71  ASP n 
1 72  PHE n 
1 73  ALA n 
1 74  THR n 
1 75  VAL n 
1 76  ARG n 
1 77  GLU n 
1 78  THR n 
1 79  LEU n 
1 80  GLU n 
1 81  ALA n 
1 82  GLY n 
1 83  ASN n 
1 84  TYR n 
1 85  GLU n 
1 86  SER n 
1 87  PRO n 
1 88  MET n 
1 89  GLU n 
1 90  LEU n 
1 91  CYS n 
1 92  LYS n 
1 93  ASP n 
1 94  VAL n 
1 95  ARG n 
1 96  LEU n 
1 97  ILE n 
1 98  PHE n 
1 99  SER n 
1 100 ASN n 
1 101 SER n 
1 102 LYS n 
1 103 ALA n 
1 104 TYR n 
1 105 THR n 
1 106 PRO n 
1 107 SER n 
1 108 LYS n 
1 109 ARG n 
1 110 SER n 
1 111 ARG n 
1 112 ILE n 
1 113 TYR n 
1 114 SER n 
1 115 MET n 
1 116 SER n 
1 117 LEU n 
1 118 ARG n 
1 119 LEU n 
1 120 SER n 
1 121 ALA n 
1 122 PHE n 
1 123 PHE n 
1 124 GLU n 
1 125 GLU n 
1 126 HIS n 
1 127 ILE n 
1 128 SER n 
1 129 SER n 
1 130 VAL n 
1 131 LEU n 
1 132 SER n 
1 133 ASP n 
1 134 TYR n 
1 135 LYS n 
1 136 SER n 
1 137 ALA n 
1 138 LEU n 
1 139 ARG n 
1 140 PHE n 
1 141 HIS n 
1 142 LYS n 
1 143 ARG n 
1 144 ASN n 
1 145 THR n 
1 146 ILE n 
1 147 THR n 
1 148 LYS n 
1 149 ARG n 
# 
_entity_src_gen.entity_id                          1 
_entity_src_gen.pdbx_src_id                        1 
_entity_src_gen.pdbx_alt_source_flag               sample 
_entity_src_gen.pdbx_seq_type                      'Biological sequence' 
_entity_src_gen.pdbx_beg_seq_num                   1 
_entity_src_gen.pdbx_end_seq_num                   149 
_entity_src_gen.gene_src_common_name               Human 
_entity_src_gen.gene_src_genus                     ? 
_entity_src_gen.pdbx_gene_src_gene                 'PHIP, DCAF14, WDR11' 
_entity_src_gen.gene_src_species                   ? 
_entity_src_gen.gene_src_strain                    ? 
_entity_src_gen.gene_src_tissue                    ? 
_entity_src_gen.gene_src_tissue_fraction           ? 
_entity_src_gen.gene_src_details                   ? 
_entity_src_gen.pdbx_gene_src_fragment             ? 
_entity_src_gen.pdbx_gene_src_scientific_name      'Homo sapiens' 
_entity_src_gen.pdbx_gene_src_ncbi_taxonomy_id     9606 
_entity_src_gen.pdbx_gene_src_variant              ? 
_entity_src_gen.pdbx_gene_src_cell_line            ? 
_entity_src_gen.pdbx_gene_src_atcc                 ? 
_entity_src_gen.pdbx_gene_src_organ                ? 
_entity_src_gen.pdbx_gene_src_organelle            ? 
_entity_src_gen.pdbx_gene_src_cell                 ? 
_entity_src_gen.pdbx_gene_src_cellular_location    ? 
_entity_src_gen.host_org_common_name               ? 
_entity_src_gen.pdbx_host_org_scientific_name      'Escherichia coli' 
_entity_src_gen.pdbx_host_org_ncbi_taxonomy_id     562 
_entity_src_gen.host_org_genus                     ? 
_entity_src_gen.pdbx_host_org_gene                 ? 
_entity_src_gen.pdbx_host_org_organ                ? 
_entity_src_gen.host_org_species                   ? 
_entity_src_gen.pdbx_host_org_tissue               ? 
_entity_src_gen.pdbx_host_org_tissue_fraction      ? 
_entity_src_gen.pdbx_host_org_strain               ? 
_entity_src_gen.pdbx_host_org_variant              ? 
_entity_src_gen.pdbx_host_org_cell_line            ? 
_entity_src_gen.pdbx_host_org_atcc                 ? 
_entity_src_gen.pdbx_host_org_culture_collection   ? 
_entity_src_gen.pdbx_host_org_cell                 ? 
_entity_src_gen.pdbx_host_org_organelle            ? 
_entity_src_gen.pdbx_host_org_cellular_location    ? 
_entity_src_gen.pdbx_host_org_vector_type          ? 
_entity_src_gen.pdbx_host_org_vector               ? 
_entity_src_gen.host_org_details                   ? 
_entity_src_gen.expression_system_id               ? 
_entity_src_gen.plasmid_name                       ? 
_entity_src_gen.plasmid_details                    ? 
_entity_src_gen.pdbx_description                   ? 
# 
loop_
_chem_comp.id 
_chem_comp.type 
_chem_comp.mon_nstd_flag 
_chem_comp.name 
_chem_comp.pdbx_synonyms 
_chem_comp.formula 
_chem_comp.formula_weight 
ALA 'L-peptide linking' y ALANINE                                                                                            ? 
'C3 H7 N O2'      89.093  
ARG 'L-peptide linking' y ARGININE                                                                                           ? 
'C6 H15 N4 O2 1'  175.209 
ASN 'L-peptide linking' y ASPARAGINE                                                                                         ? 
'C4 H8 N2 O3'     132.118 
ASP 'L-peptide linking' y 'ASPARTIC ACID'                                                                                    ? 
'C4 H7 N O4'      133.103 
CYS 'L-peptide linking' y CYSTEINE                                                                                           ? 
'C3 H7 N O2 S'    121.158 
GLN 'L-peptide linking' y GLUTAMINE                                                                                          ? 
'C5 H10 N2 O3'    146.144 
GLU 'L-peptide linking' y 'GLUTAMIC ACID'                                                                                    ? 
'C5 H9 N O4'      147.129 
GLY 'peptide linking'   y GLYCINE                                                                                            ? 
'C2 H5 N O2'      75.067  
HIS 'L-peptide linking' y HISTIDINE                                                                                          ? 
'C6 H10 N3 O2 1'  156.162 
HOH non-polymer         . WATER                                                                                              ? 
'H2 O'            18.015  
ILE 'L-peptide linking' y ISOLEUCINE                                                                                         ? 
'C6 H13 N O2'     131.173 
LEU 'L-peptide linking' y LEUCINE                                                                                            ? 
'C6 H13 N O2'     131.173 
LYS 'L-peptide linking' y LYSINE                                                                                             ? 
'C6 H15 N2 O2 1'  147.195 
MET 'L-peptide linking' y METHIONINE                                                                                         ? 
'C5 H11 N O2 S'   149.211 
PHE 'L-peptide linking' y PHENYLALANINE                                                                                      ? 
'C9 H11 N O2'     165.189 
PRO 'L-peptide linking' y PROLINE                                                                                            ? 
'C5 H9 N O2'      115.130 
SER 'L-peptide linking' y SERINE                                                                                             ? 
'C3 H7 N O3'      105.093 
THR 'L-peptide linking' y THREONINE                                                                                          ? 
'C4 H9 N O3'      119.119 
TRP 'L-peptide linking' y TRYPTOPHAN                                                                                         ? 
'C11 H12 N2 O2'   204.225 
TYR 'L-peptide linking' y TYROSINE                                                                                           ? 
'C9 H11 N O3'     181.189 
VAL 'L-peptide linking' y VALINE                                                                                             ? 
'C5 H11 N O2'     117.146 
Y1M non-polymer         . 'N-[(3,4-dihydro-2H-1lambda~4~-thiophen-5-yl)methyl]-4-(furan-2-carbonyl)piperazine-1-carboxamide' ? 
'C15 H21 N3 O3 S' 323.411 
# 
loop_
_pdbx_poly_seq_scheme.asym_id 
_pdbx_poly_seq_scheme.entity_id 
_pdbx_poly_seq_scheme.seq_id 
_pdbx_poly_seq_scheme.mon_id 
_pdbx_poly_seq_scheme.ndb_seq_num 
_pdbx_poly_seq_scheme.pdb_seq_num 
_pdbx_poly_seq_scheme.auth_seq_num 
_pdbx_poly_seq_scheme.pdb_mon_id 
_pdbx_poly_seq_scheme.auth_mon_id 
_pdbx_poly_seq_scheme.pdb_strand_id 
_pdbx_poly_seq_scheme.pdb_ins_code 
_pdbx_poly_seq_scheme.hetero 
A 1 1   MET 1   1292 ?    ?   ?   A . n 
A 1 2   HIS 2   1293 ?    ?   ?   A . n 
A 1 3   HIS 3   1294 ?    ?   ?   A . n 
A 1 4   HIS 4   1295 ?    ?   ?   A . n 
A 1 5   HIS 5   1296 ?    ?   ?   A . n 
A 1 6   HIS 6   1297 ?    ?   ?   A . n 
A 1 7   HIS 7   1298 ?    ?   ?   A . n 
A 1 8   SER 8   1299 ?    ?   ?   A . n 
A 1 9   SER 9   1300 ?    ?   ?   A . n 
A 1 10  GLY 10  1301 ?    ?   ?   A . n 
A 1 11  VAL 11  1302 ?    ?   ?   A . n 
A 1 12  ASP 12  1303 ?    ?   ?   A . n 
A 1 13  LEU 13  1304 ?    ?   ?   A . n 
A 1 14  GLY 14  1305 ?    ?   ?   A . n 
A 1 15  THR 15  1306 ?    ?   ?   A . n 
A 1 16  GLU 16  1307 ?    ?   ?   A . n 
A 1 17  ASN 17  1308 ?    ?   ?   A . n 
A 1 18  LEU 18  1309 ?    ?   ?   A . n 
A 1 19  TYR 19  1310 ?    ?   ?   A . n 
A 1 20  PHE 20  1311 ?    ?   ?   A . n 
A 1 21  GLN 21  1312 ?    ?   ?   A . n 
A 1 22  SER 22  1313 ?    ?   ?   A . n 
A 1 23  MET 23  1314 ?    ?   ?   A . n 
A 1 24  SER 24  1315 ?    ?   ?   A . n 
A 1 25  TYR 25  1316 1316 TYR TYR A . n 
A 1 26  ASP 26  1317 1317 ASP ASP A . n 
A 1 27  ILE 27  1318 1318 ILE ILE A . n 
A 1 28  GLN 28  1319 1319 GLN GLN A . n 
A 1 29  ALA 29  1320 1320 ALA ALA A . n 
A 1 30  TRP 30  1321 1321 TRP TRP A . n 
A 1 31  LYS 31  1322 1322 LYS LYS A . n 
A 1 32  LYS 32  1323 1323 LYS LYS A . n 
A 1 33  GLN 33  1324 1324 GLN GLN A . n 
A 1 34  CYS 34  1325 1325 CYS CYS A . n 
A 1 35  GLU 35  1326 1326 GLU GLU A . n 
A 1 36  GLU 36  1327 1327 GLU GLU A . n 
A 1 37  LEU 37  1328 1328 LEU LEU A . n 
A 1 38  LEU 38  1329 1329 LEU LEU A . n 
A 1 39  ASN 39  1330 1330 ASN ASN A . n 
A 1 40  LEU 40  1331 1331 LEU LEU A . n 
A 1 41  ILE 41  1332 1332 ILE ILE A . n 
A 1 42  PHE 42  1333 1333 PHE PHE A . n 
A 1 43  GLN 43  1334 1334 GLN GLN A . n 
A 1 44  CYS 44  1335 1335 CYS CYS A . n 
A 1 45  GLU 45  1336 1336 GLU GLU A . n 
A 1 46  ASP 46  1337 1337 ASP ASP A . n 
A 1 47  SER 47  1338 1338 SER SER A . n 
A 1 48  GLU 48  1339 1339 GLU GLU A . n 
A 1 49  PRO 49  1340 1340 PRO PRO A . n 
A 1 50  PHE 50  1341 1341 PHE PHE A . n 
A 1 51  ARG 51  1342 1342 ARG ARG A . n 
A 1 52  GLN 52  1343 1343 GLN GLN A . n 
A 1 53  PRO 53  1344 1344 PRO PRO A . n 
A 1 54  VAL 54  1345 1345 VAL VAL A . n 
A 1 55  ASP 55  1346 1346 ASP ASP A . n 
A 1 56  LEU 56  1347 1347 LEU LEU A . n 
A 1 57  LEU 57  1348 1348 LEU LEU A . n 
A 1 58  GLU 58  1349 1349 GLU GLU A . n 
A 1 59  TYR 59  1350 1350 TYR TYR A . n 
A 1 60  PRO 60  1351 1351 PRO PRO A . n 
A 1 61  ASP 61  1352 1352 ASP ASP A . n 
A 1 62  TYR 62  1353 1353 TYR TYR A . n 
A 1 63  ARG 63  1354 1354 ARG ARG A . n 
A 1 64  ASP 64  1355 1355 ASP ASP A . n 
A 1 65  ILE 65  1356 1356 ILE ILE A . n 
A 1 66  ILE 66  1357 1357 ILE ILE A . n 
A 1 67  ASP 67  1358 1358 ASP ASP A . n 
A 1 68  THR 68  1359 1359 THR THR A . n 
A 1 69  PRO 69  1360 1360 PRO PRO A . n 
A 1 70  MET 70  1361 1361 MET MET A . n 
A 1 71  ASP 71  1362 1362 ASP ASP A . n 
A 1 72  PHE 72  1363 1363 PHE PHE A . n 
A 1 73  ALA 73  1364 1364 ALA ALA A . n 
A 1 74  THR 74  1365 1365 THR THR A . n 
A 1 75  VAL 75  1366 1366 VAL VAL A . n 
A 1 76  ARG 76  1367 1367 ARG ARG A . n 
A 1 77  GLU 77  1368 1368 GLU GLU A . n 
A 1 78  THR 78  1369 1369 THR THR A . n 
A 1 79  LEU 79  1370 1370 LEU LEU A . n 
A 1 80  GLU 80  1371 1371 GLU GLU A . n 
A 1 81  ALA 81  1372 1372 ALA ALA A . n 
A 1 82  GLY 82  1373 1373 GLY GLY A . n 
A 1 83  ASN 83  1374 1374 ASN ASN A . n 
A 1 84  TYR 84  1375 1375 TYR TYR A . n 
A 1 85  GLU 85  1376 1376 GLU GLU A . n 
A 1 86  SER 86  1377 1377 SER SER A . n 
A 1 87  PRO 87  1378 1378 PRO PRO A . n 
A 1 88  MET 88  1379 1379 MET MET A . n 
A 1 89  GLU 89  1380 1380 GLU GLU A . n 
A 1 90  LEU 90  1381 1381 LEU LEU A . n 
A 1 91  CYS 91  1382 1382 CYS CYS A . n 
A 1 92  LYS 92  1383 1383 LYS LYS A . n 
A 1 93  ASP 93  1384 1384 ASP ASP A . n 
A 1 94  VAL 94  1385 1385 VAL VAL A . n 
A 1 95  ARG 95  1386 1386 ARG ARG A . n 
A 1 96  LEU 96  1387 1387 LEU LEU A . n 
A 1 97  ILE 97  1388 1388 ILE ILE A . n 
A 1 98  PHE 98  1389 1389 PHE PHE A . n 
A 1 99  SER 99  1390 1390 SER SER A . n 
A 1 100 ASN 100 1391 1391 ASN ASN A . n 
A 1 101 SER 101 1392 1392 SER SER A . n 
A 1 102 LYS 102 1393 1393 LYS LYS A . n 
A 1 103 ALA 103 1394 1394 ALA ALA A . n 
A 1 104 TYR 104 1395 1395 TYR TYR A . n 
A 1 105 THR 105 1396 1396 THR THR A . n 
A 1 106 PRO 106 1397 1397 PRO PRO A . n 
A 1 107 SER 107 1398 1398 SER SER A . n 
A 1 108 LYS 108 1399 1399 LYS LYS A . n 
A 1 109 ARG 109 1400 1400 ARG ARG A . n 
A 1 110 SER 110 1401 1401 SER SER A . n 
A 1 111 ARG 111 1402 1402 ARG ARG A . n 
A 1 112 ILE 112 1403 1403 ILE ILE A . n 
A 1 113 TYR 113 1404 1404 TYR TYR A . n 
A 1 114 SER 114 1405 1405 SER SER A . n 
A 1 115 MET 115 1406 1406 MET MET A . n 
A 1 116 SER 116 1407 1407 SER SER A . n 
A 1 117 LEU 117 1408 1408 LEU LEU A . n 
A 1 118 ARG 118 1409 1409 ARG ARG A . n 
A 1 119 LEU 119 1410 1410 LEU LEU A . n 
A 1 120 SER 120 1411 1411 SER SER A . n 
A 1 121 ALA 121 1412 1412 ALA ALA A . n 
A 1 122 PHE 122 1413 1413 PHE PHE A . n 
A 1 123 PHE 123 1414 1414 PHE PHE A . n 
A 1 124 GLU 124 1415 1415 GLU GLU A . n 
A 1 125 GLU 125 1416 1416 GLU GLU A . n 
A 1 126 HIS 126 1417 1417 HIS HIS A . n 
A 1 127 ILE 127 1418 1418 ILE ILE A . n 
A 1 128 SER 128 1419 1419 SER SER A . n 
A 1 129 SER 129 1420 1420 SER SER A . n 
A 1 130 VAL 130 1421 1421 VAL VAL A . n 
A 1 131 LEU 131 1422 1422 LEU LEU A . n 
A 1 132 SER 132 1423 1423 SER SER A . n 
A 1 133 ASP 133 1424 1424 ASP ASP A . n 
A 1 134 TYR 134 1425 1425 TYR TYR A . n 
A 1 135 LYS 135 1426 1426 LYS LYS A . n 
A 1 136 SER 136 1427 1427 SER SER A . n 
A 1 137 ALA 137 1428 1428 ALA ALA A . n 
A 1 138 LEU 138 1429 1429 LEU LEU A . n 
A 1 139 ARG 139 1430 1430 ARG ARG A . n 
A 1 140 PHE 140 1431 1431 PHE PHE A . n 
A 1 141 HIS 141 1432 1432 HIS HIS A . n 
A 1 142 LYS 142 1433 1433 LYS LYS A . n 
A 1 143 ARG 143 1434 1434 ARG ARG A . n 
A 1 144 ASN 144 1435 ?    ?   ?   A . n 
A 1 145 THR 145 1436 ?    ?   ?   A . n 
A 1 146 ILE 146 1437 ?    ?   ?   A . n 
A 1 147 THR 147 1438 ?    ?   ?   A . n 
A 1 148 LYS 148 1439 ?    ?   ?   A . n 
A 1 149 ARG 149 1440 ?    ?   ?   A . n 
# 
loop_
_pdbx_nonpoly_scheme.asym_id 
_pdbx_nonpoly_scheme.entity_id 
_pdbx_nonpoly_scheme.mon_id 
_pdbx_nonpoly_scheme.ndb_seq_num 
_pdbx_nonpoly_scheme.pdb_seq_num 
_pdbx_nonpoly_scheme.auth_seq_num 
_pdbx_nonpoly_scheme.pdb_mon_id 
_pdbx_nonpoly_scheme.auth_mon_id 
_pdbx_nonpoly_scheme.pdb_strand_id 
_pdbx_nonpoly_scheme.pdb_ins_code 
B 2 Y1M 1   1501 1501 Y1M LIG A . 
C 3 HOH 1   1601 195  HOH HOH A . 
C 3 HOH 2   1602 128  HOH HOH A . 
C 3 HOH 3   1603 151  HOH HOH A . 
C 3 HOH 4   1604 144  HOH HOH A . 
C 3 HOH 5   1605 85   HOH HOH A . 
C 3 HOH 6   1606 197  HOH HOH A . 
C 3 HOH 7   1607 184  HOH HOH A . 
C 3 HOH 8   1608 171  HOH HOH A . 
C 3 HOH 9   1609 154  HOH HOH A . 
C 3 HOH 10  1610 167  HOH HOH A . 
C 3 HOH 11  1611 183  HOH HOH A . 
C 3 HOH 12  1612 205  HOH HOH A . 
C 3 HOH 13  1613 89   HOH HOH A . 
C 3 HOH 14  1614 162  HOH HOH A . 
C 3 HOH 15  1615 124  HOH HOH A . 
C 3 HOH 16  1616 7    HOH HOH A . 
C 3 HOH 17  1617 12   HOH HOH A . 
C 3 HOH 18  1618 121  HOH HOH A . 
C 3 HOH 19  1619 174  HOH HOH A . 
C 3 HOH 20  1620 65   HOH HOH A . 
C 3 HOH 21  1621 10   HOH HOH A . 
C 3 HOH 22  1622 20   HOH HOH A . 
C 3 HOH 23  1623 83   HOH HOH A . 
C 3 HOH 24  1624 172  HOH HOH A . 
C 3 HOH 25  1625 160  HOH HOH A . 
C 3 HOH 26  1626 187  HOH HOH A . 
C 3 HOH 27  1627 70   HOH HOH A . 
C 3 HOH 28  1628 123  HOH HOH A . 
C 3 HOH 29  1629 17   HOH HOH A . 
C 3 HOH 30  1630 141  HOH HOH A . 
C 3 HOH 31  1631 179  HOH HOH A . 
C 3 HOH 32  1632 36   HOH HOH A . 
C 3 HOH 33  1633 98   HOH HOH A . 
C 3 HOH 34  1634 92   HOH HOH A . 
C 3 HOH 35  1635 100  HOH HOH A . 
C 3 HOH 36  1636 139  HOH HOH A . 
C 3 HOH 37  1637 41   HOH HOH A . 
C 3 HOH 38  1638 25   HOH HOH A . 
C 3 HOH 39  1639 74   HOH HOH A . 
C 3 HOH 40  1640 94   HOH HOH A . 
C 3 HOH 41  1641 182  HOH HOH A . 
C 3 HOH 42  1642 50   HOH HOH A . 
C 3 HOH 43  1643 33   HOH HOH A . 
C 3 HOH 44  1644 14   HOH HOH A . 
C 3 HOH 45  1645 206  HOH HOH A . 
C 3 HOH 46  1646 173  HOH HOH A . 
C 3 HOH 47  1647 133  HOH HOH A . 
C 3 HOH 48  1648 75   HOH HOH A . 
C 3 HOH 49  1649 145  HOH HOH A . 
C 3 HOH 50  1650 31   HOH HOH A . 
C 3 HOH 51  1651 64   HOH HOH A . 
C 3 HOH 52  1652 135  HOH HOH A . 
C 3 HOH 53  1653 76   HOH HOH A . 
C 3 HOH 54  1654 176  HOH HOH A . 
C 3 HOH 55  1655 9    HOH HOH A . 
C 3 HOH 56  1656 16   HOH HOH A . 
C 3 HOH 57  1657 52   HOH HOH A . 
C 3 HOH 58  1658 39   HOH HOH A . 
C 3 HOH 59  1659 4    HOH HOH A . 
C 3 HOH 60  1660 140  HOH HOH A . 
C 3 HOH 61  1661 3    HOH HOH A . 
C 3 HOH 62  1662 45   HOH HOH A . 
C 3 HOH 63  1663 130  HOH HOH A . 
C 3 HOH 64  1664 27   HOH HOH A . 
C 3 HOH 65  1665 101  HOH HOH A . 
C 3 HOH 66  1666 28   HOH HOH A . 
C 3 HOH 67  1667 13   HOH HOH A . 
C 3 HOH 68  1668 159  HOH HOH A . 
C 3 HOH 69  1669 158  HOH HOH A . 
C 3 HOH 70  1670 1    HOH HOH A . 
C 3 HOH 71  1671 35   HOH HOH A . 
C 3 HOH 72  1672 138  HOH HOH A . 
C 3 HOH 73  1673 54   HOH HOH A . 
C 3 HOH 74  1674 77   HOH HOH A . 
C 3 HOH 75  1675 91   HOH HOH A . 
C 3 HOH 76  1676 108  HOH HOH A . 
C 3 HOH 77  1677 178  HOH HOH A . 
C 3 HOH 78  1678 152  HOH HOH A . 
C 3 HOH 79  1679 6    HOH HOH A . 
C 3 HOH 80  1680 80   HOH HOH A . 
C 3 HOH 81  1681 157  HOH HOH A . 
C 3 HOH 82  1682 150  HOH HOH A . 
C 3 HOH 83  1683 82   HOH HOH A . 
C 3 HOH 84  1684 71   HOH HOH A . 
C 3 HOH 85  1685 5    HOH HOH A . 
C 3 HOH 86  1686 11   HOH HOH A . 
C 3 HOH 87  1687 59   HOH HOH A . 
C 3 HOH 88  1688 26   HOH HOH A . 
C 3 HOH 89  1689 122  HOH HOH A . 
C 3 HOH 90  1690 62   HOH HOH A . 
C 3 HOH 91  1691 56   HOH HOH A . 
C 3 HOH 92  1692 180  HOH HOH A . 
C 3 HOH 93  1693 23   HOH HOH A . 
C 3 HOH 94  1694 69   HOH HOH A . 
C 3 HOH 95  1695 29   HOH HOH A . 
C 3 HOH 96  1696 129  HOH HOH A . 
C 3 HOH 97  1697 60   HOH HOH A . 
C 3 HOH 98  1698 19   HOH HOH A . 
C 3 HOH 99  1699 113  HOH HOH A . 
C 3 HOH 100 1700 63   HOH HOH A . 
C 3 HOH 101 1701 42   HOH HOH A . 
C 3 HOH 102 1702 40   HOH HOH A . 
C 3 HOH 103 1703 86   HOH HOH A . 
C 3 HOH 104 1704 90   HOH HOH A . 
C 3 HOH 105 1705 67   HOH HOH A . 
C 3 HOH 106 1706 120  HOH HOH A . 
C 3 HOH 107 1707 134  HOH HOH A . 
C 3 HOH 108 1708 48   HOH HOH A . 
C 3 HOH 109 1709 96   HOH HOH A . 
C 3 HOH 110 1710 15   HOH HOH A . 
C 3 HOH 111 1711 161  HOH HOH A . 
C 3 HOH 112 1712 125  HOH HOH A . 
C 3 HOH 113 1713 118  HOH HOH A . 
C 3 HOH 114 1714 117  HOH HOH A . 
C 3 HOH 115 1715 72   HOH HOH A . 
C 3 HOH 116 1716 116  HOH HOH A . 
C 3 HOH 117 1717 105  HOH HOH A . 
C 3 HOH 118 1718 119  HOH HOH A . 
C 3 HOH 119 1719 49   HOH HOH A . 
C 3 HOH 120 1720 143  HOH HOH A . 
C 3 HOH 121 1721 22   HOH HOH A . 
C 3 HOH 122 1722 132  HOH HOH A . 
C 3 HOH 123 1723 181  HOH HOH A . 
C 3 HOH 124 1724 2    HOH HOH A . 
C 3 HOH 125 1725 165  HOH HOH A . 
C 3 HOH 126 1726 38   HOH HOH A . 
C 3 HOH 127 1727 34   HOH HOH A . 
C 3 HOH 128 1728 127  HOH HOH A . 
C 3 HOH 129 1729 53   HOH HOH A . 
C 3 HOH 130 1730 57   HOH HOH A . 
C 3 HOH 131 1731 163  HOH HOH A . 
C 3 HOH 132 1732 88   HOH HOH A . 
C 3 HOH 133 1733 191  HOH HOH A . 
C 3 HOH 134 1734 177  HOH HOH A . 
C 3 HOH 135 1735 95   HOH HOH A . 
C 3 HOH 136 1736 81   HOH HOH A . 
C 3 HOH 137 1737 109  HOH HOH A . 
C 3 HOH 138 1738 136  HOH HOH A . 
C 3 HOH 139 1739 106  HOH HOH A . 
C 3 HOH 140 1740 146  HOH HOH A . 
C 3 HOH 141 1741 142  HOH HOH A . 
C 3 HOH 142 1742 131  HOH HOH A . 
C 3 HOH 143 1743 44   HOH HOH A . 
C 3 HOH 144 1744 84   HOH HOH A . 
C 3 HOH 145 1745 99   HOH HOH A . 
C 3 HOH 146 1746 137  HOH HOH A . 
C 3 HOH 147 1747 153  HOH HOH A . 
C 3 HOH 148 1748 126  HOH HOH A . 
C 3 HOH 149 1749 166  HOH HOH A . 
C 3 HOH 150 1750 202  HOH HOH A . 
C 3 HOH 151 1751 170  HOH HOH A . 
C 3 HOH 152 1752 175  HOH HOH A . 
C 3 HOH 153 1753 114  HOH HOH A . 
C 3 HOH 154 1754 8    HOH HOH A . 
C 3 HOH 155 1755 185  HOH HOH A . 
C 3 HOH 156 1756 104  HOH HOH A . 
C 3 HOH 157 1757 37   HOH HOH A . 
C 3 HOH 158 1758 156  HOH HOH A . 
C 3 HOH 159 1759 186  HOH HOH A . 
C 3 HOH 160 1760 30   HOH HOH A . 
C 3 HOH 161 1761 115  HOH HOH A . 
C 3 HOH 162 1762 107  HOH HOH A . 
C 3 HOH 163 1763 112  HOH HOH A . 
C 3 HOH 164 1764 149  HOH HOH A . 
C 3 HOH 165 1765 199  HOH HOH A . 
C 3 HOH 166 1766 190  HOH HOH A . 
C 3 HOH 167 1767 61   HOH HOH A . 
C 3 HOH 168 1768 193  HOH HOH A . 
C 3 HOH 169 1769 51   HOH HOH A . 
C 3 HOH 170 1770 198  HOH HOH A . 
C 3 HOH 171 1771 78   HOH HOH A . 
C 3 HOH 172 1772 68   HOH HOH A . 
C 3 HOH 173 1773 164  HOH HOH A . 
C 3 HOH 174 1774 188  HOH HOH A . 
C 3 HOH 175 1775 102  HOH HOH A . 
C 3 HOH 176 1776 168  HOH HOH A . 
C 3 HOH 177 1777 46   HOH HOH A . 
C 3 HOH 178 1778 73   HOH HOH A . 
C 3 HOH 179 1779 204  HOH HOH A . 
C 3 HOH 180 1780 110  HOH HOH A . 
C 3 HOH 181 1781 103  HOH HOH A . 
C 3 HOH 182 1782 201  HOH HOH A . 
C 3 HOH 183 1783 93   HOH HOH A . 
C 3 HOH 184 1784 196  HOH HOH A . 
C 3 HOH 185 1785 148  HOH HOH A . 
C 3 HOH 186 1786 111  HOH HOH A . 
C 3 HOH 187 1787 189  HOH HOH A . 
C 3 HOH 188 1788 200  HOH HOH A . 
C 3 HOH 189 1789 97   HOH HOH A . 
C 3 HOH 190 1790 192  HOH HOH A . 
C 3 HOH 191 1791 203  HOH HOH A . 
C 3 HOH 192 1792 87   HOH HOH A . 
C 3 HOH 193 1793 79   HOH HOH A . 
# 
loop_
_pdbx_unobs_or_zero_occ_atoms.id 
_pdbx_unobs_or_zero_occ_atoms.PDB_model_num 
_pdbx_unobs_or_zero_occ_atoms.polymer_flag 
_pdbx_unobs_or_zero_occ_atoms.occupancy_flag 
_pdbx_unobs_or_zero_occ_atoms.auth_asym_id 
_pdbx_unobs_or_zero_occ_atoms.auth_comp_id 
_pdbx_unobs_or_zero_occ_atoms.auth_seq_id 
_pdbx_unobs_or_zero_occ_atoms.PDB_ins_code 
_pdbx_unobs_or_zero_occ_atoms.auth_atom_id 
_pdbx_unobs_or_zero_occ_atoms.label_alt_id 
_pdbx_unobs_or_zero_occ_atoms.label_asym_id 
_pdbx_unobs_or_zero_occ_atoms.label_comp_id 
_pdbx_unobs_or_zero_occ_atoms.label_seq_id 
_pdbx_unobs_or_zero_occ_atoms.label_atom_id 
1 1 Y 1 A LYS 1323 ? CE ? A LYS 32 CE 
2 1 Y 1 A LYS 1323 ? NZ ? A LYS 32 NZ 
# 
loop_
_software.pdbx_ordinal 
_software.name 
_software.version 
_software.date 
_software.type 
_software.contact_author 
_software.contact_author_email 
_software.classification 
_software.location 
_software.language 
_software.citation_id 
1 REFMAC      5.8.0267 ?               program 'Garib N. Murshudov' garib@ysbl.york.ac.uk    refinement        
http://www.ccp4.ac.uk/dist/html/refmac5.html        Fortran_77 ? 
2 Aimless     .        ?               program 'Phil Evans'         ?                        'data scaling'    
http://www.mrc-lmb.cam.ac.uk/harry/pre/aimless.html ?          ? 
3 PDB_EXTRACT 3.23     'SEP. 23, 2016' package PDB                  deposit@deposit.rcsb.org 'data extraction' 
http://sw-tools.pdb.org/apps/PDB_EXTRACT/           C++        ? 
4 XDS         .        ?               program ?                    ?                        'data reduction'  ? ?          ? 
5 REFMAC      .        ?               program ?                    ?                        phasing           ? ?          ? 
# 
_cell.entry_id           5S8Z 
_cell.length_a           80.708 
_cell.length_b           27.344 
_cell.length_c           55.943 
_cell.angle_alpha        90.000 
_cell.angle_beta         100.390 
_cell.angle_gamma        90.000 
_cell.Z_PDB              4 
_cell.pdbx_unique_axis   ? 
# 
_symmetry.entry_id                         5S8Z 
_symmetry.space_group_name_H-M             'C 1 2 1' 
_symmetry.pdbx_full_space_group_name_H-M   ? 
_symmetry.cell_setting                     ? 
_symmetry.Int_Tables_number                5 
# 
_exptl.crystals_number   1 
_exptl.entry_id          5S8Z 
_exptl.method            'X-RAY DIFFRACTION' 
# 
_exptl_crystal.id                    1 
_exptl_crystal.density_meas          ? 
_exptl_crystal.density_Matthews      1.72 
_exptl_crystal.density_percent_sol   28.58 
_exptl_crystal.description           ? 
_exptl_crystal.preparation           ? 
# 
_exptl_crystal_grow.crystal_id      1 
_exptl_crystal_grow.method          'VAPOR DIFFUSION, SITTING DROP' 
_exptl_crystal_grow.pH              5.6 
_exptl_crystal_grow.temp            277 
_exptl_crystal_grow.pdbx_details    '20% PEG 8000, 0.04M POTASSIUM PHOSPHATE' 
_exptl_crystal_grow.temp_details    ? 
_exptl_crystal_grow.pdbx_pH_range   ? 
# 
_diffrn.id                               1 
_diffrn.ambient_temp                     100 
_diffrn.crystal_id                       1 
_diffrn.ambient_temp_details             ? 
_diffrn.pdbx_serial_crystal_experiment   ? 
# 
_diffrn_detector.detector               PIXEL 
_diffrn_detector.type                   'DECTRIS PILATUS 6M' 
_diffrn_detector.pdbx_collection_date   2020-03-04 
_diffrn_detector.diffrn_id              1 
_diffrn_detector.details                ? 
# 
_diffrn_radiation.diffrn_id                        1 
_diffrn_radiation.wavelength_id                    1 
_diffrn_radiation.pdbx_diffrn_protocol             'SINGLE WAVELENGTH' 
_diffrn_radiation.pdbx_monochromatic_or_laue_m_l   ? 
_diffrn_radiation.monochromator                    ? 
_diffrn_radiation.pdbx_scattering_type             x-ray 
# 
_diffrn_radiation_wavelength.id           1 
_diffrn_radiation_wavelength.wavelength   0.9126 
_diffrn_radiation_wavelength.wt           1.0 
# 
_diffrn_source.diffrn_id                   1 
_diffrn_source.source                      SYNCHROTRON 
_diffrn_source.type                        'DIAMOND BEAMLINE I04-1' 
_diffrn_source.pdbx_wavelength_list        0.9126 
_diffrn_source.pdbx_synchrotron_site       Diamond 
_diffrn_source.pdbx_synchrotron_beamline   I04-1 
_diffrn_source.pdbx_wavelength             ? 
# 
_reflns.entry_id                     5S8Z 
_reflns.pdbx_diffrn_id               1 
_reflns.pdbx_ordinal                 1 
_reflns.observed_criterion_sigma_I   ? 
_reflns.observed_criterion_sigma_F   ? 
_reflns.d_resolution_low             55.080 
_reflns.d_resolution_high            1.250 
_reflns.number_obs                   28152 
_reflns.number_all                   ? 
_reflns.percent_possible_obs         83.600 
_reflns.pdbx_Rmerge_I_obs            0.030 
_reflns.pdbx_Rsym_value              ? 
_reflns.pdbx_netI_over_sigmaI        24.200 
_reflns.B_iso_Wilson_estimate        ? 
_reflns.pdbx_redundancy              ? 
_reflns.pdbx_Rrim_I_all              ? 
_reflns.pdbx_Rpim_I_all              ? 
_reflns.pdbx_CC_half                 1.000 
_reflns.pdbx_netI_over_av_sigmaI     ? 
_reflns.pdbx_number_measured_all     ? 
_reflns.pdbx_scaling_rejects         ? 
_reflns.pdbx_chi_squared             ? 
_reflns.Rmerge_F_all                 ? 
_reflns.Rmerge_F_obs                 ? 
_reflns.observed_criterion_F_max     ? 
_reflns.observed_criterion_F_min     ? 
_reflns.observed_criterion_I_max     ? 
_reflns.observed_criterion_I_min     ? 
_reflns.pdbx_d_res_high_opt          ? 
_reflns.pdbx_d_res_low_opt           ? 
_reflns.details                      ? 
_reflns.pdbx_CC_star                 ? 
# 
loop_
_reflns_shell.pdbx_diffrn_id 
_reflns_shell.pdbx_ordinal 
_reflns_shell.d_res_high 
_reflns_shell.d_res_low 
_reflns_shell.number_measured_obs 
_reflns_shell.number_measured_all 
_reflns_shell.number_unique_obs 
_reflns_shell.pdbx_rejects 
_reflns_shell.Rmerge_I_obs 
_reflns_shell.meanI_over_sigI_obs 
_reflns_shell.pdbx_Rsym_value 
_reflns_shell.pdbx_chi_squared 
_reflns_shell.pdbx_redundancy 
_reflns_shell.percent_possible_obs 
_reflns_shell.pdbx_netI_over_sigmaI_obs 
_reflns_shell.number_possible 
_reflns_shell.number_unique_all 
_reflns_shell.Rmerge_F_all 
_reflns_shell.Rmerge_F_obs 
_reflns_shell.Rmerge_I_all 
_reflns_shell.meanI_over_sigI_all 
_reflns_shell.percent_possible_all 
_reflns_shell.pdbx_Rrim_I_all 
_reflns_shell.pdbx_Rpim_I_all 
_reflns_shell.pdbx_CC_half 
_reflns_shell.pdbx_CC_star 
1 1 1.250 1.270  ? ? ? ? 0.175 ? ? ? ? ? 1.500  ? 409  ? ? ? ? 24.900 ? ? 0.930 ? 
1 2 3.390 55.080 ? ? ? ? 0.020 ? ? ? ? ? 79.500 ? 1768 ? ? ? ? 99.700 ? ? 1.000 ? 
# 
_refine.entry_id                                 5S8Z 
_refine.pdbx_refine_id                           'X-RAY DIFFRACTION' 
_refine.ls_d_res_high                            1.2500 
_refine.ls_d_res_low                             55.0300 
_refine.pdbx_ls_sigma_F                          0.000 
_refine.pdbx_data_cutoff_high_absF               ? 
_refine.pdbx_data_cutoff_low_absF                ? 
_refine.ls_percent_reflns_obs                    83.6200 
_refine.ls_number_reflns_obs                     26735 
_refine.ls_number_reflns_all                     ? 
_refine.pdbx_ls_cross_valid_method               THROUGHOUT 
_refine.ls_matrix_type                           ? 
_refine.pdbx_R_Free_selection_details            RANDOM 
_refine.details                                  
'HYDROGENS HAVE BEEN ADDED IN THE RIDING POSITIONS U VALUES      : REFINED INDIVIDUALLY' 
_refine.ls_R_factor_all                          ? 
_refine.ls_R_factor_obs                          0.1707 
_refine.ls_R_factor_R_work                       0.1692 
_refine.ls_wR_factor_R_work                      ? 
_refine.ls_R_factor_R_free                       0.1997 
_refine.ls_wR_factor_R_free                      ? 
_refine.ls_percent_reflns_R_free                 5.0000 
_refine.ls_number_reflns_R_free                  1417 
_refine.ls_number_reflns_R_work                  ? 
_refine.ls_R_factor_R_free_error                 ? 
_refine.B_iso_mean                               16.2710 
_refine.solvent_model_param_bsol                 ? 
_refine.solvent_model_param_ksol                 ? 
_refine.pdbx_isotropic_thermal_model             ? 
_refine.aniso_B[1][1]                            -0.2700 
_refine.aniso_B[2][2]                            1.0000 
_refine.aniso_B[3][3]                            -0.7600 
_refine.aniso_B[1][2]                            -0.0000 
_refine.aniso_B[1][3]                            0.2400 
_refine.aniso_B[2][3]                            0.0000 
_refine.correlation_coeff_Fo_to_Fc               0.9690 
_refine.correlation_coeff_Fo_to_Fc_free          0.9560 
_refine.overall_SU_R_Cruickshank_DPI             ? 
_refine.pdbx_overall_SU_R_free_Cruickshank_DPI   ? 
_refine.pdbx_overall_SU_R_Blow_DPI               ? 
_refine.pdbx_overall_SU_R_free_Blow_DPI          ? 
_refine.overall_SU_R_free                        ? 
_refine.pdbx_overall_ESU_R                       0.0670 
_refine.pdbx_overall_ESU_R_Free                  0.0680 
_refine.overall_SU_ML                            0.0440 
_refine.overall_SU_B                             1.0570 
_refine.solvent_model_details                    MASK 
_refine.pdbx_solvent_vdw_probe_radii             1.2000 
_refine.pdbx_solvent_ion_probe_radii             0.8000 
_refine.pdbx_solvent_shrinkage_radii             0.8000 
_refine.ls_number_parameters                     ? 
_refine.ls_number_restraints                     ? 
_refine.pdbx_starting_model                      5RJI 
_refine.pdbx_method_to_determine_struct          'FOURIER SYNTHESIS' 
_refine.pdbx_stereochemistry_target_values       'MAXIMUM LIKELIHOOD' 
_refine.pdbx_stereochem_target_val_spec_case     ? 
_refine.overall_FOM_work_R_set                   ? 
_refine.B_iso_max                                61.980 
_refine.B_iso_min                                8.710 
_refine.pdbx_overall_phase_error                 ? 
_refine.occupancy_max                            ? 
_refine.occupancy_min                            ? 
_refine.pdbx_diffrn_id                           1 
_refine.pdbx_TLS_residual_ADP_flag               ? 
_refine.pdbx_ls_sigma_I                          ? 
_refine.pdbx_data_cutoff_high_rms_absF           ? 
_refine.ls_R_factor_R_free_error_details         ? 
# 
_refine_hist.cycle_id                         final 
_refine_hist.pdbx_refine_id                   'X-RAY DIFFRACTION' 
_refine_hist.d_res_high                       1.2500 
_refine_hist.d_res_low                        55.0300 
_refine_hist.pdbx_number_atoms_ligand         22 
_refine_hist.number_atoms_solvent             193 
_refine_hist.number_atoms_total               1205 
_refine_hist.pdbx_number_residues_total       119 
_refine_hist.pdbx_B_iso_mean_ligand           13.31 
_refine_hist.pdbx_B_iso_mean_solvent          28.38 
_refine_hist.pdbx_number_atoms_protein        990 
_refine_hist.pdbx_number_atoms_nucleic_acid   0 
# 
loop_
_refine_ls_restr.pdbx_refine_id 
_refine_ls_restr.type 
_refine_ls_restr.number 
_refine_ls_restr.dev_ideal 
_refine_ls_restr.dev_ideal_target 
_refine_ls_restr.weight 
_refine_ls_restr.pdbx_restraint_function 
'X-RAY DIFFRACTION' r_bond_refined_d       1873 0.012  0.014  ? ? 
'X-RAY DIFFRACTION' r_bond_other_d         1361 0.001  0.017  ? ? 
'X-RAY DIFFRACTION' r_angle_refined_deg    2143 1.788  1.664  ? ? 
'X-RAY DIFFRACTION' r_angle_other_deg      3190 1.574  1.605  ? ? 
'X-RAY DIFFRACTION' r_dihedral_angle_1_deg 202  5.477  5.000  ? ? 
'X-RAY DIFFRACTION' r_dihedral_angle_2_deg 80   23.405 22.250 ? ? 
'X-RAY DIFFRACTION' r_dihedral_angle_3_deg 249  12.379 15.000 ? ? 
'X-RAY DIFFRACTION' r_dihedral_angle_4_deg 9    11.728 15.000 ? ? 
'X-RAY DIFFRACTION' r_chiral_restr         186  0.099  0.200  ? ? 
'X-RAY DIFFRACTION' r_gen_planes_refined   1990 0.010  0.020  ? ? 
'X-RAY DIFFRACTION' r_gen_planes_other     373  0.002  0.020  ? ? 
'X-RAY DIFFRACTION' r_mcbond_it            889  1.039  1.518  ? ? 
'X-RAY DIFFRACTION' r_mcbond_other         873  1.049  1.490  ? ? 
'X-RAY DIFFRACTION' r_mcangle_it           954  1.672  2.178  ? ? 
# 
_refine_ls_shell.d_res_high                       1.2500 
_refine_ls_shell.d_res_low                        1.2820 
_refine_ls_shell.pdbx_total_number_of_bins_used   20 
_refine_ls_shell.percent_reflns_obs               27.4900 
_refine_ls_shell.number_reflns_R_work             636 
_refine_ls_shell.R_factor_all                     ? 
_refine_ls_shell.R_factor_R_work                  0.2950 
_refine_ls_shell.R_factor_R_free                  0.3140 
_refine_ls_shell.percent_reflns_R_free            ? 
_refine_ls_shell.number_reflns_R_free             40 
_refine_ls_shell.R_factor_R_free_error            ? 
_refine_ls_shell.number_reflns_all                676 
_refine_ls_shell.number_reflns_obs                ? 
_refine_ls_shell.pdbx_refine_id                   'X-RAY DIFFRACTION' 
_refine_ls_shell.R_factor_obs                     ? 
# 
_struct.entry_id                  5S8Z 
_struct.title                     
'PanDDA analysis group deposition -- Crystal Structure of PHIP in complex with Z198194396 synthetic derivative' 
_struct.pdbx_model_details        ? 
_struct.pdbx_CASP_flag            ? 
_struct.pdbx_model_type_details   ? 
# 
_struct_keywords.entry_id        5S8Z 
_struct_keywords.text            
;SGC - Diamond I04-1 fragment screening, PanDDA, XChemExplorer, Robotic chemistry, Crystal soaking, Reaction crudes, SIGNALING PROTEIN
;
_struct_keywords.pdbx_keywords   'SIGNALING PROTEIN' 
# 
loop_
_struct_asym.id 
_struct_asym.pdbx_blank_PDB_chainid_flag 
_struct_asym.pdbx_modified 
_struct_asym.entity_id 
_struct_asym.details 
A N N 1 ? 
B N N 2 ? 
C N N 3 ? 
# 
_struct_ref.id                         1 
_struct_ref.db_name                    UNP 
_struct_ref.db_code                    PHIP_HUMAN 
_struct_ref.pdbx_db_accession          Q8WWQ0 
_struct_ref.pdbx_db_isoform            ? 
_struct_ref.entity_id                  1 
_struct_ref.pdbx_seq_one_letter_code   
;SYDIQAWKKQCEELLNLIFQCEDSEPFRQPVDLLEYPDYRDIIDTPMDFATVRETLEAGNYESPMELCKDVRLIFSNSKA
YTPSKRSRIYSMSLRLSAFFEEHISSVLSDYKSALRFHKRNTITKR
;
_struct_ref.pdbx_align_begin           1315 
# 
_struct_ref_seq.align_id                      1 
_struct_ref_seq.ref_id                        1 
_struct_ref_seq.pdbx_PDB_id_code              5S8Z 
_struct_ref_seq.pdbx_strand_id                A 
_struct_ref_seq.seq_align_beg                 24 
_struct_ref_seq.pdbx_seq_align_beg_ins_code   ? 
_struct_ref_seq.seq_align_end                 149 
_struct_ref_seq.pdbx_seq_align_end_ins_code   ? 
_struct_ref_seq.pdbx_db_accession             Q8WWQ0 
_struct_ref_seq.db_align_beg                  1315 
_struct_ref_seq.pdbx_db_align_beg_ins_code    ? 
_struct_ref_seq.db_align_end                  1440 
_struct_ref_seq.pdbx_db_align_end_ins_code    ? 
_struct_ref_seq.pdbx_auth_seq_align_beg       1315 
_struct_ref_seq.pdbx_auth_seq_align_end       1440 
# 
loop_
_struct_ref_seq_dif.align_id 
_struct_ref_seq_dif.pdbx_pdb_id_code 
_struct_ref_seq_dif.mon_id 
_struct_ref_seq_dif.pdbx_pdb_strand_id 
_struct_ref_seq_dif.seq_num 
_struct_ref_seq_dif.pdbx_pdb_ins_code 
_struct_ref_seq_dif.pdbx_seq_db_name 
_struct_ref_seq_dif.pdbx_seq_db_accession_code 
_struct_ref_seq_dif.db_mon_id 
_struct_ref_seq_dif.pdbx_seq_db_seq_num 
_struct_ref_seq_dif.details 
_struct_ref_seq_dif.pdbx_auth_seq_num 
_struct_ref_seq_dif.pdbx_ordinal 
1 5S8Z MET A 1  ? UNP Q8WWQ0 ? ? 'initiating methionine' 1292 1  
1 5S8Z HIS A 2  ? UNP Q8WWQ0 ? ? 'expression tag'        1293 2  
1 5S8Z HIS A 3  ? UNP Q8WWQ0 ? ? 'expression tag'        1294 3  
1 5S8Z HIS A 4  ? UNP Q8WWQ0 ? ? 'expression tag'        1295 4  
1 5S8Z HIS A 5  ? UNP Q8WWQ0 ? ? 'expression tag'        1296 5  
1 5S8Z HIS A 6  ? UNP Q8WWQ0 ? ? 'expression tag'        1297 6  
1 5S8Z HIS A 7  ? UNP Q8WWQ0 ? ? 'expression tag'        1298 7  
1 5S8Z SER A 8  ? UNP Q8WWQ0 ? ? 'expression tag'        1299 8  
1 5S8Z SER A 9  ? UNP Q8WWQ0 ? ? 'expression tag'        1300 9  
1 5S8Z GLY A 10 ? UNP Q8WWQ0 ? ? 'expression tag'        1301 10 
1 5S8Z VAL A 11 ? UNP Q8WWQ0 ? ? 'expression tag'        1302 11 
1 5S8Z ASP A 12 ? UNP Q8WWQ0 ? ? 'expression tag'        1303 12 
1 5S8Z LEU A 13 ? UNP Q8WWQ0 ? ? 'expression tag'        1304 13 
1 5S8Z GLY A 14 ? UNP Q8WWQ0 ? ? 'expression tag'        1305 14 
1 5S8Z THR A 15 ? UNP Q8WWQ0 ? ? 'expression tag'        1306 15 
1 5S8Z GLU A 16 ? UNP Q8WWQ0 ? ? 'expression tag'        1307 16 
1 5S8Z ASN A 17 ? UNP Q8WWQ0 ? ? 'expression tag'        1308 17 
1 5S8Z LEU A 18 ? UNP Q8WWQ0 ? ? 'expression tag'        1309 18 
1 5S8Z TYR A 19 ? UNP Q8WWQ0 ? ? 'expression tag'        1310 19 
1 5S8Z PHE A 20 ? UNP Q8WWQ0 ? ? 'expression tag'        1311 20 
1 5S8Z GLN A 21 ? UNP Q8WWQ0 ? ? 'expression tag'        1312 21 
1 5S8Z SER A 22 ? UNP Q8WWQ0 ? ? 'expression tag'        1313 22 
1 5S8Z MET A 23 ? UNP Q8WWQ0 ? ? 'expression tag'        1314 23 
# 
_pdbx_struct_assembly.id                   1 
_pdbx_struct_assembly.details              author_and_software_defined_assembly 
_pdbx_struct_assembly.method_details       PISA 
_pdbx_struct_assembly.oligomeric_details   monomeric 
_pdbx_struct_assembly.oligomeric_count     1 
# 
_pdbx_struct_assembly_gen.assembly_id       1 
_pdbx_struct_assembly_gen.oper_expression   1 
_pdbx_struct_assembly_gen.asym_id_list      A,B,C 
# 
_pdbx_struct_oper_list.id                   1 
_pdbx_struct_oper_list.type                 'identity operation' 
_pdbx_struct_oper_list.name                 1_555 
_pdbx_struct_oper_list.symmetry_operation   x,y,z 
_pdbx_struct_oper_list.matrix[1][1]         1.0000000000 
_pdbx_struct_oper_list.matrix[1][2]         0.0000000000 
_pdbx_struct_oper_list.matrix[1][3]         0.0000000000 
_pdbx_struct_oper_list.vector[1]            0.0000000000 
_pdbx_struct_oper_list.matrix[2][1]         0.0000000000 
_pdbx_struct_oper_list.matrix[2][2]         1.0000000000 
_pdbx_struct_oper_list.matrix[2][3]         0.0000000000 
_pdbx_struct_oper_list.vector[2]            0.0000000000 
_pdbx_struct_oper_list.matrix[3][1]         0.0000000000 
_pdbx_struct_oper_list.matrix[3][2]         0.0000000000 
_pdbx_struct_oper_list.matrix[3][3]         1.0000000000 
_pdbx_struct_oper_list.vector[3]            0.0000000000 
# 
loop_
_struct_conf.conf_type_id 
_struct_conf.id 
_struct_conf.pdbx_PDB_helix_id 
_struct_conf.beg_label_comp_id 
_struct_conf.beg_label_asym_id 
_struct_conf.beg_label_seq_id 
_struct_conf.pdbx_beg_PDB_ins_code 
_struct_conf.end_label_comp_id 
_struct_conf.end_label_asym_id 
_struct_conf.end_label_seq_id 
_struct_conf.pdbx_end_PDB_ins_code 
_struct_conf.beg_auth_comp_id 
_struct_conf.beg_auth_asym_id 
_struct_conf.beg_auth_seq_id 
_struct_conf.end_auth_comp_id 
_struct_conf.end_auth_asym_id 
_struct_conf.end_auth_seq_id 
_struct_conf.pdbx_PDB_helix_class 
_struct_conf.details 
_struct_conf.pdbx_PDB_helix_length 
HELX_P HELX_P1 AA1 ALA A 29  ? CYS A 44  ? ALA A 1320 CYS A 1335 1 ? 16 
HELX_P HELX_P2 AA2 GLU A 45  ? ARG A 51  ? GLU A 1336 ARG A 1342 5 ? 7  
HELX_P HELX_P3 AA3 ASP A 61  ? ILE A 66  ? ASP A 1352 ILE A 1357 1 ? 6  
HELX_P HELX_P4 AA4 ASP A 71  ? ALA A 81  ? ASP A 1362 ALA A 1372 1 ? 11 
HELX_P HELX_P5 AA5 SER A 86  ? THR A 105 ? SER A 1377 THR A 1396 1 ? 20 
HELX_P HELX_P6 AA6 SER A 110 ? LYS A 142 ? SER A 1401 LYS A 1433 1 ? 33 
# 
_struct_conf_type.id          HELX_P 
_struct_conf_type.criteria    ? 
_struct_conf_type.reference   ? 
# 
_struct_site.id                   AC1 
_struct_site.pdbx_evidence_code   Software 
_struct_site.pdbx_auth_asym_id    A 
_struct_site.pdbx_auth_comp_id    Y1M 
_struct_site.pdbx_auth_seq_id     1501 
_struct_site.pdbx_auth_ins_code   ? 
_struct_site.pdbx_num_residues    12 
_struct_site.details              'binding site for residue Y1M A 1501' 
# 
loop_
_struct_site_gen.id 
_struct_site_gen.site_id 
_struct_site_gen.pdbx_num_res 
_struct_site_gen.label_comp_id 
_struct_site_gen.label_asym_id 
_struct_site_gen.label_seq_id 
_struct_site_gen.pdbx_auth_ins_code 
_struct_site_gen.auth_comp_id 
_struct_site_gen.auth_asym_id 
_struct_site_gen.auth_seq_id 
_struct_site_gen.label_atom_id 
_struct_site_gen.label_alt_id 
_struct_site_gen.symmetry 
_struct_site_gen.details 
1  AC1 12 GLU A 48  ? GLU A 1339 . ? 1_555 ? 
2  AC1 12 PRO A 49  ? PRO A 1340 . ? 1_555 ? 
3  AC1 12 PHE A 50  ? PHE A 1341 . ? 1_555 ? 
4  AC1 12 TYR A 59  ? TYR A 1350 . ? 1_555 ? 
5  AC1 12 SER A 101 ? SER A 1392 . ? 1_555 ? 
6  AC1 12 THR A 105 ? THR A 1396 . ? 1_555 ? 
7  AC1 12 PRO A 106 ? PRO A 1397 . ? 4_456 ? 
8  AC1 12 SER A 107 ? SER A 1398 . ? 4_456 ? 
9  AC1 12 SER A 110 ? SER A 1401 . ? 1_555 ? 
10 AC1 12 ILE A 112 ? ILE A 1403 . ? 1_555 ? 
11 AC1 12 HOH C .   ? HOH A 1612 . ? 1_555 ? 
12 AC1 12 HOH C .   ? HOH A 1629 . ? 1_555 ? 
# 
loop_
_pdbx_validate_close_contact.id 
_pdbx_validate_close_contact.PDB_model_num 
_pdbx_validate_close_contact.auth_atom_id_1 
_pdbx_validate_close_contact.auth_asym_id_1 
_pdbx_validate_close_contact.auth_comp_id_1 
_pdbx_validate_close_contact.auth_seq_id_1 
_pdbx_validate_close_contact.PDB_ins_code_1 
_pdbx_validate_close_contact.label_alt_id_1 
_pdbx_validate_close_contact.auth_atom_id_2 
_pdbx_validate_close_contact.auth_asym_id_2 
_pdbx_validate_close_contact.auth_comp_id_2 
_pdbx_validate_close_contact.auth_seq_id_2 
_pdbx_validate_close_contact.PDB_ins_code_2 
_pdbx_validate_close_contact.label_alt_id_2 
_pdbx_validate_close_contact.dist 
1 1 O   A HOH 1608 ? ? O A HOH 1720 ? ? 1.84 
2 1 O   A HOH 1672 ? ? O A HOH 1733 ? ? 1.94 
3 1 O   A HOH 1701 ? ? O A HOH 1745 ? ? 2.01 
4 1 OE1 A GLN 1343 ? ? O A HOH 1601 ? ? 2.03 
5 1 OE1 A GLU 1327 ? ? O A HOH 1602 ? ? 2.05 
# 
_pdbx_validate_symm_contact.id                1 
_pdbx_validate_symm_contact.PDB_model_num     1 
_pdbx_validate_symm_contact.auth_atom_id_1    O 
_pdbx_validate_symm_contact.auth_asym_id_1    A 
_pdbx_validate_symm_contact.auth_comp_id_1    HOH 
_pdbx_validate_symm_contact.auth_seq_id_1     1762 
_pdbx_validate_symm_contact.PDB_ins_code_1    ? 
_pdbx_validate_symm_contact.label_alt_id_1    ? 
_pdbx_validate_symm_contact.site_symmetry_1   1_555 
_pdbx_validate_symm_contact.auth_atom_id_2    O 
_pdbx_validate_symm_contact.auth_asym_id_2    A 
_pdbx_validate_symm_contact.auth_comp_id_2    HOH 
_pdbx_validate_symm_contact.auth_seq_id_2     1771 
_pdbx_validate_symm_contact.PDB_ins_code_2    ? 
_pdbx_validate_symm_contact.label_alt_id_2    ? 
_pdbx_validate_symm_contact.site_symmetry_2   4_445 
_pdbx_validate_symm_contact.dist              2.01 
# 
loop_
_pdbx_struct_special_symmetry.id 
_pdbx_struct_special_symmetry.PDB_model_num 
_pdbx_struct_special_symmetry.auth_asym_id 
_pdbx_struct_special_symmetry.auth_comp_id 
_pdbx_struct_special_symmetry.auth_seq_id 
_pdbx_struct_special_symmetry.PDB_ins_code 
_pdbx_struct_special_symmetry.label_asym_id 
_pdbx_struct_special_symmetry.label_comp_id 
_pdbx_struct_special_symmetry.label_seq_id 
1 1 A HOH 1739 ? C HOH . 
2 1 A HOH 1786 ? C HOH . 
# 
_phasing.method   MR 
# 
loop_
_pdbx_unobs_or_zero_occ_residues.id 
_pdbx_unobs_or_zero_occ_residues.PDB_model_num 
_pdbx_unobs_or_zero_occ_residues.polymer_flag 
_pdbx_unobs_or_zero_occ_residues.occupancy_flag 
_pdbx_unobs_or_zero_occ_residues.auth_asym_id 
_pdbx_unobs_or_zero_occ_residues.auth_comp_id 
_pdbx_unobs_or_zero_occ_residues.auth_seq_id 
_pdbx_unobs_or_zero_occ_residues.PDB_ins_code 
_pdbx_unobs_or_zero_occ_residues.label_asym_id 
_pdbx_unobs_or_zero_occ_residues.label_comp_id 
_pdbx_unobs_or_zero_occ_residues.label_seq_id 
1  1 Y 1 A MET 1292 ? A MET 1   
2  1 Y 1 A HIS 1293 ? A HIS 2   
3  1 Y 1 A HIS 1294 ? A HIS 3   
4  1 Y 1 A HIS 1295 ? A HIS 4   
5  1 Y 1 A HIS 1296 ? A HIS 5   
6  1 Y 1 A HIS 1297 ? A HIS 6   
7  1 Y 1 A HIS 1298 ? A HIS 7   
8  1 Y 1 A SER 1299 ? A SER 8   
9  1 Y 1 A SER 1300 ? A SER 9   
10 1 Y 1 A GLY 1301 ? A GLY 10  
11 1 Y 1 A VAL 1302 ? A VAL 11  
12 1 Y 1 A ASP 1303 ? A ASP 12  
13 1 Y 1 A LEU 1304 ? A LEU 13  
14 1 Y 1 A GLY 1305 ? A GLY 14  
15 1 Y 1 A THR 1306 ? A THR 15  
16 1 Y 1 A GLU 1307 ? A GLU 16  
17 1 Y 1 A ASN 1308 ? A ASN 17  
18 1 Y 1 A LEU 1309 ? A LEU 18  
19 1 Y 1 A TYR 1310 ? A TYR 19  
20 1 Y 1 A PHE 1311 ? A PHE 20  
21 1 Y 1 A GLN 1312 ? A GLN 21  
22 1 Y 1 A SER 1313 ? A SER 22  
23 1 Y 1 A MET 1314 ? A MET 23  
24 1 Y 1 A SER 1315 ? A SER 24  
25 1 Y 1 A ASN 1435 ? A ASN 144 
26 1 Y 1 A THR 1436 ? A THR 145 
27 1 Y 1 A ILE 1437 ? A ILE 146 
28 1 Y 1 A THR 1438 ? A THR 147 
29 1 Y 1 A LYS 1439 ? A LYS 148 
30 1 Y 1 A ARG 1440 ? A ARG 149 
# 
loop_
_chem_comp_atom.comp_id 
_chem_comp_atom.atom_id 
_chem_comp_atom.type_symbol 
_chem_comp_atom.pdbx_aromatic_flag 
_chem_comp_atom.pdbx_stereo_config 
_chem_comp_atom.pdbx_ordinal 
ALA N    N N N 1   
ALA CA   C N S 2   
ALA C    C N N 3   
ALA O    O N N 4   
ALA CB   C N N 5   
ALA OXT  O N N 6   
ALA H    H N N 7   
ALA H2   H N N 8   
ALA HA   H N N 9   
ALA HB1  H N N 10  
ALA HB2  H N N 11  
ALA HB3  H N N 12  
ALA HXT  H N N 13  
ARG N    N N N 14  
ARG CA   C N S 15  
ARG C    C N N 16  
ARG O    O N N 17  
ARG CB   C N N 18  
ARG CG   C N N 19  
ARG CD   C N N 20  
ARG NE   N N N 21  
ARG CZ   C N N 22  
ARG NH1  N N N 23  
ARG NH2  N N N 24  
ARG OXT  O N N 25  
ARG H    H N N 26  
ARG H2   H N N 27  
ARG HA   H N N 28  
ARG HB2  H N N 29  
ARG HB3  H N N 30  
ARG HG2  H N N 31  
ARG HG3  H N N 32  
ARG HD2  H N N 33  
ARG HD3  H N N 34  
ARG HE   H N N 35  
ARG HH11 H N N 36  
ARG HH12 H N N 37  
ARG HH21 H N N 38  
ARG HH22 H N N 39  
ARG HXT  H N N 40  
ASN N    N N N 41  
ASN CA   C N S 42  
ASN C    C N N 43  
ASN O    O N N 44  
ASN CB   C N N 45  
ASN CG   C N N 46  
ASN OD1  O N N 47  
ASN ND2  N N N 48  
ASN OXT  O N N 49  
ASN H    H N N 50  
ASN H2   H N N 51  
ASN HA   H N N 52  
ASN HB2  H N N 53  
ASN HB3  H N N 54  
ASN HD21 H N N 55  
ASN HD22 H N N 56  
ASN HXT  H N N 57  
ASP N    N N N 58  
ASP CA   C N S 59  
ASP C    C N N 60  
ASP O    O N N 61  
ASP CB   C N N 62  
ASP CG   C N N 63  
ASP OD1  O N N 64  
ASP OD2  O N N 65  
ASP OXT  O N N 66  
ASP H    H N N 67  
ASP H2   H N N 68  
ASP HA   H N N 69  
ASP HB2  H N N 70  
ASP HB3  H N N 71  
ASP HD2  H N N 72  
ASP HXT  H N N 73  
CYS N    N N N 74  
CYS CA   C N R 75  
CYS C    C N N 76  
CYS O    O N N 77  
CYS CB   C N N 78  
CYS SG   S N N 79  
CYS OXT  O N N 80  
CYS H    H N N 81  
CYS H2   H N N 82  
CYS HA   H N N 83  
CYS HB2  H N N 84  
CYS HB3  H N N 85  
CYS HG   H N N 86  
CYS HXT  H N N 87  
GLN N    N N N 88  
GLN CA   C N S 89  
GLN C    C N N 90  
GLN O    O N N 91  
GLN CB   C N N 92  
GLN CG   C N N 93  
GLN CD   C N N 94  
GLN OE1  O N N 95  
GLN NE2  N N N 96  
GLN OXT  O N N 97  
GLN H    H N N 98  
GLN H2   H N N 99  
GLN HA   H N N 100 
GLN HB2  H N N 101 
GLN HB3  H N N 102 
GLN HG2  H N N 103 
GLN HG3  H N N 104 
GLN HE21 H N N 105 
GLN HE22 H N N 106 
GLN HXT  H N N 107 
GLU N    N N N 108 
GLU CA   C N S 109 
GLU C    C N N 110 
GLU O    O N N 111 
GLU CB   C N N 112 
GLU CG   C N N 113 
GLU CD   C N N 114 
GLU OE1  O N N 115 
GLU OE2  O N N 116 
GLU OXT  O N N 117 
GLU H    H N N 118 
GLU H2   H N N 119 
GLU HA   H N N 120 
GLU HB2  H N N 121 
GLU HB3  H N N 122 
GLU HG2  H N N 123 
GLU HG3  H N N 124 
GLU HE2  H N N 125 
GLU HXT  H N N 126 
GLY N    N N N 127 
GLY CA   C N N 128 
GLY C    C N N 129 
GLY O    O N N 130 
GLY OXT  O N N 131 
GLY H    H N N 132 
GLY H2   H N N 133 
GLY HA2  H N N 134 
GLY HA3  H N N 135 
GLY HXT  H N N 136 
HIS N    N N N 137 
HIS CA   C N S 138 
HIS C    C N N 139 
HIS O    O N N 140 
HIS CB   C N N 141 
HIS CG   C Y N 142 
HIS ND1  N Y N 143 
HIS CD2  C Y N 144 
HIS CE1  C Y N 145 
HIS NE2  N Y N 146 
HIS OXT  O N N 147 
HIS H    H N N 148 
HIS H2   H N N 149 
HIS HA   H N N 150 
HIS HB2  H N N 151 
HIS HB3  H N N 152 
HIS HD1  H N N 153 
HIS HD2  H N N 154 
HIS HE1  H N N 155 
HIS HE2  H N N 156 
HIS HXT  H N N 157 
HOH O    O N N 158 
HOH H1   H N N 159 
HOH H2   H N N 160 
ILE N    N N N 161 
ILE CA   C N S 162 
ILE C    C N N 163 
ILE O    O N N 164 
ILE CB   C N S 165 
ILE CG1  C N N 166 
ILE CG2  C N N 167 
ILE CD1  C N N 168 
ILE OXT  O N N 169 
ILE H    H N N 170 
ILE H2   H N N 171 
ILE HA   H N N 172 
ILE HB   H N N 173 
ILE HG12 H N N 174 
ILE HG13 H N N 175 
ILE HG21 H N N 176 
ILE HG22 H N N 177 
ILE HG23 H N N 178 
ILE HD11 H N N 179 
ILE HD12 H N N 180 
ILE HD13 H N N 181 
ILE HXT  H N N 182 
LEU N    N N N 183 
LEU CA   C N S 184 
LEU C    C N N 185 
LEU O    O N N 186 
LEU CB   C N N 187 
LEU CG   C N N 188 
LEU CD1  C N N 189 
LEU CD2  C N N 190 
LEU OXT  O N N 191 
LEU H    H N N 192 
LEU H2   H N N 193 
LEU HA   H N N 194 
LEU HB2  H N N 195 
LEU HB3  H N N 196 
LEU HG   H N N 197 
LEU HD11 H N N 198 
LEU HD12 H N N 199 
LEU HD13 H N N 200 
LEU HD21 H N N 201 
LEU HD22 H N N 202 
LEU HD23 H N N 203 
LEU HXT  H N N 204 
LYS N    N N N 205 
LYS CA   C N S 206 
LYS C    C N N 207 
LYS O    O N N 208 
LYS CB   C N N 209 
LYS CG   C N N 210 
LYS CD   C N N 211 
LYS CE   C N N 212 
LYS NZ   N N N 213 
LYS OXT  O N N 214 
LYS H    H N N 215 
LYS H2   H N N 216 
LYS HA   H N N 217 
LYS HB2  H N N 218 
LYS HB3  H N N 219 
LYS HG2  H N N 220 
LYS HG3  H N N 221 
LYS HD2  H N N 222 
LYS HD3  H N N 223 
LYS HE2  H N N 224 
LYS HE3  H N N 225 
LYS HZ1  H N N 226 
LYS HZ2  H N N 227 
LYS HZ3  H N N 228 
LYS HXT  H N N 229 
MET N    N N N 230 
MET CA   C N S 231 
MET C    C N N 232 
MET O    O N N 233 
MET CB   C N N 234 
MET CG   C N N 235 
MET SD   S N N 236 
MET CE   C N N 237 
MET OXT  O N N 238 
MET H    H N N 239 
MET H2   H N N 240 
MET HA   H N N 241 
MET HB2  H N N 242 
MET HB3  H N N 243 
MET HG2  H N N 244 
MET HG3  H N N 245 
MET HE1  H N N 246 
MET HE2  H N N 247 
MET HE3  H N N 248 
MET HXT  H N N 249 
PHE N    N N N 250 
PHE CA   C N S 251 
PHE C    C N N 252 
PHE O    O N N 253 
PHE CB   C N N 254 
PHE CG   C Y N 255 
PHE CD1  C Y N 256 
PHE CD2  C Y N 257 
PHE CE1  C Y N 258 
PHE CE2  C Y N 259 
PHE CZ   C Y N 260 
PHE OXT  O N N 261 
PHE H    H N N 262 
PHE H2   H N N 263 
PHE HA   H N N 264 
PHE HB2  H N N 265 
PHE HB3  H N N 266 
PHE HD1  H N N 267 
PHE HD2  H N N 268 
PHE HE1  H N N 269 
PHE HE2  H N N 270 
PHE HZ   H N N 271 
PHE HXT  H N N 272 
PRO N    N N N 273 
PRO CA   C N S 274 
PRO C    C N N 275 
PRO O    O N N 276 
PRO CB   C N N 277 
PRO CG   C N N 278 
PRO CD   C N N 279 
PRO OXT  O N N 280 
PRO H    H N N 281 
PRO HA   H N N 282 
PRO HB2  H N N 283 
PRO HB3  H N N 284 
PRO HG2  H N N 285 
PRO HG3  H N N 286 
PRO HD2  H N N 287 
PRO HD3  H N N 288 
PRO HXT  H N N 289 
SER N    N N N 290 
SER CA   C N S 291 
SER C    C N N 292 
SER O    O N N 293 
SER CB   C N N 294 
SER OG   O N N 295 
SER OXT  O N N 296 
SER H    H N N 297 
SER H2   H N N 298 
SER HA   H N N 299 
SER HB2  H N N 300 
SER HB3  H N N 301 
SER HG   H N N 302 
SER HXT  H N N 303 
THR N    N N N 304 
THR CA   C N S 305 
THR C    C N N 306 
THR O    O N N 307 
THR CB   C N R 308 
THR OG1  O N N 309 
THR CG2  C N N 310 
THR OXT  O N N 311 
THR H    H N N 312 
THR H2   H N N 313 
THR HA   H N N 314 
THR HB   H N N 315 
THR HG1  H N N 316 
THR HG21 H N N 317 
THR HG22 H N N 318 
THR HG23 H N N 319 
THR HXT  H N N 320 
TRP N    N N N 321 
TRP CA   C N S 322 
TRP C    C N N 323 
TRP O    O N N 324 
TRP CB   C N N 325 
TRP CG   C Y N 326 
TRP CD1  C Y N 327 
TRP CD2  C Y N 328 
TRP NE1  N Y N 329 
TRP CE2  C Y N 330 
TRP CE3  C Y N 331 
TRP CZ2  C Y N 332 
TRP CZ3  C Y N 333 
TRP CH2  C Y N 334 
TRP OXT  O N N 335 
TRP H    H N N 336 
TRP H2   H N N 337 
TRP HA   H N N 338 
TRP HB2  H N N 339 
TRP HB3  H N N 340 
TRP HD1  H N N 341 
TRP HE1  H N N 342 
TRP HE3  H N N 343 
TRP HZ2  H N N 344 
TRP HZ3  H N N 345 
TRP HH2  H N N 346 
TRP HXT  H N N 347 
TYR N    N N N 348 
TYR CA   C N S 349 
TYR C    C N N 350 
TYR O    O N N 351 
TYR CB   C N N 352 
TYR CG   C Y N 353 
TYR CD1  C Y N 354 
TYR CD2  C Y N 355 
TYR CE1  C Y N 356 
TYR CE2  C Y N 357 
TYR CZ   C Y N 358 
TYR OH   O N N 359 
TYR OXT  O N N 360 
TYR H    H N N 361 
TYR H2   H N N 362 
TYR HA   H N N 363 
TYR HB2  H N N 364 
TYR HB3  H N N 365 
TYR HD1  H N N 366 
TYR HD2  H N N 367 
TYR HE1  H N N 368 
TYR HE2  H N N 369 
TYR HH   H N N 370 
TYR HXT  H N N 371 
VAL N    N N N 372 
VAL CA   C N S 373 
VAL C    C N N 374 
VAL O    O N N 375 
VAL CB   C N N 376 
VAL CG1  C N N 377 
VAL CG2  C N N 378 
VAL OXT  O N N 379 
VAL H    H N N 380 
VAL H2   H N N 381 
VAL HA   H N N 382 
VAL HB   H N N 383 
VAL HG11 H N N 384 
VAL HG12 H N N 385 
VAL HG13 H N N 386 
VAL HG21 H N N 387 
VAL HG22 H N N 388 
VAL HG23 H N N 389 
VAL HXT  H N N 390 
Y1M N1   N N N 391 
Y1M C4   C N N 392 
Y1M C5   C N N 393 
Y1M C6   C N N 394 
Y1M C7   C N N 395 
Y1M C8   C N N 396 
Y1M C10  C Y N 397 
Y1M C13  C N N 398 
Y1M N    N N N 399 
Y1M C    C N N 400 
Y1M O    O N N 401 
Y1M C1   C N N 402 
Y1M C11  C Y N 403 
Y1M C12  C Y N 404 
Y1M C14  C N N 405 
Y1M C2   C N N 406 
Y1M C3   C N N 407 
Y1M C9   C Y N 408 
Y1M N2   N N N 409 
Y1M O1   O N N 410 
Y1M O2   O Y N 411 
Y1M S    S N N 412 
Y1M H4   H N N 413 
Y1M H17  H N N 414 
Y1M H5   H N N 415 
Y1M H18  H N N 416 
Y1M H6   H N N 417 
Y1M H7   H N N 418 
Y1M H9   H N N 419 
Y1M H8   H N N 420 
Y1M H10  H N N 421 
Y1M H13  H N N 422 
Y1M H14  H N N 423 
Y1M H    H N N 424 
Y1M H1   H N N 425 
Y1M H2   H N N 426 
Y1M H11  H N N 427 
Y1M H12  H N N 428 
Y1M H16  H N N 429 
Y1M H15  H N N 430 
Y1M H3   H N N 431 
Y1M H19  H N N 432 
Y1M H20  H N N 433 
# 
loop_
_chem_comp_bond.comp_id 
_chem_comp_bond.atom_id_1 
_chem_comp_bond.atom_id_2 
_chem_comp_bond.value_order 
_chem_comp_bond.pdbx_aromatic_flag 
_chem_comp_bond.pdbx_stereo_config 
_chem_comp_bond.pdbx_ordinal 
ALA N   CA   sing N N 1   
ALA N   H    sing N N 2   
ALA N   H2   sing N N 3   
ALA CA  C    sing N N 4   
ALA CA  CB   sing N N 5   
ALA CA  HA   sing N N 6   
ALA C   O    doub N N 7   
ALA C   OXT  sing N N 8   
ALA CB  HB1  sing N N 9   
ALA CB  HB2  sing N N 10  
ALA CB  HB3  sing N N 11  
ALA OXT HXT  sing N N 12  
ARG N   CA   sing N N 13  
ARG N   H    sing N N 14  
ARG N   H2   sing N N 15  
ARG CA  C    sing N N 16  
ARG CA  CB   sing N N 17  
ARG CA  HA   sing N N 18  
ARG C   O    doub N N 19  
ARG C   OXT  sing N N 20  
ARG CB  CG   sing N N 21  
ARG CB  HB2  sing N N 22  
ARG CB  HB3  sing N N 23  
ARG CG  CD   sing N N 24  
ARG CG  HG2  sing N N 25  
ARG CG  HG3  sing N N 26  
ARG CD  NE   sing N N 27  
ARG CD  HD2  sing N N 28  
ARG CD  HD3  sing N N 29  
ARG NE  CZ   sing N N 30  
ARG NE  HE   sing N N 31  
ARG CZ  NH1  sing N N 32  
ARG CZ  NH2  doub N N 33  
ARG NH1 HH11 sing N N 34  
ARG NH1 HH12 sing N N 35  
ARG NH2 HH21 sing N N 36  
ARG NH2 HH22 sing N N 37  
ARG OXT HXT  sing N N 38  
ASN N   CA   sing N N 39  
ASN N   H    sing N N 40  
ASN N   H2   sing N N 41  
ASN CA  C    sing N N 42  
ASN CA  CB   sing N N 43  
ASN CA  HA   sing N N 44  
ASN C   O    doub N N 45  
ASN C   OXT  sing N N 46  
ASN CB  CG   sing N N 47  
ASN CB  HB2  sing N N 48  
ASN CB  HB3  sing N N 49  
ASN CG  OD1  doub N N 50  
ASN CG  ND2  sing N N 51  
ASN ND2 HD21 sing N N 52  
ASN ND2 HD22 sing N N 53  
ASN OXT HXT  sing N N 54  
ASP N   CA   sing N N 55  
ASP N   H    sing N N 56  
ASP N   H2   sing N N 57  
ASP CA  C    sing N N 58  
ASP CA  CB   sing N N 59  
ASP CA  HA   sing N N 60  
ASP C   O    doub N N 61  
ASP C   OXT  sing N N 62  
ASP CB  CG   sing N N 63  
ASP CB  HB2  sing N N 64  
ASP CB  HB3  sing N N 65  
ASP CG  OD1  doub N N 66  
ASP CG  OD2  sing N N 67  
ASP OD2 HD2  sing N N 68  
ASP OXT HXT  sing N N 69  
CYS N   CA   sing N N 70  
CYS N   H    sing N N 71  
CYS N   H2   sing N N 72  
CYS CA  C    sing N N 73  
CYS CA  CB   sing N N 74  
CYS CA  HA   sing N N 75  
CYS C   O    doub N N 76  
CYS C   OXT  sing N N 77  
CYS CB  SG   sing N N 78  
CYS CB  HB2  sing N N 79  
CYS CB  HB3  sing N N 80  
CYS SG  HG   sing N N 81  
CYS OXT HXT  sing N N 82  
GLN N   CA   sing N N 83  
GLN N   H    sing N N 84  
GLN N   H2   sing N N 85  
GLN CA  C    sing N N 86  
GLN CA  CB   sing N N 87  
GLN CA  HA   sing N N 88  
GLN C   O    doub N N 89  
GLN C   OXT  sing N N 90  
GLN CB  CG   sing N N 91  
GLN CB  HB2  sing N N 92  
GLN CB  HB3  sing N N 93  
GLN CG  CD   sing N N 94  
GLN CG  HG2  sing N N 95  
GLN CG  HG3  sing N N 96  
GLN CD  OE1  doub N N 97  
GLN CD  NE2  sing N N 98  
GLN NE2 HE21 sing N N 99  
GLN NE2 HE22 sing N N 100 
GLN OXT HXT  sing N N 101 
GLU N   CA   sing N N 102 
GLU N   H    sing N N 103 
GLU N   H2   sing N N 104 
GLU CA  C    sing N N 105 
GLU CA  CB   sing N N 106 
GLU CA  HA   sing N N 107 
GLU C   O    doub N N 108 
GLU C   OXT  sing N N 109 
GLU CB  CG   sing N N 110 
GLU CB  HB2  sing N N 111 
GLU CB  HB3  sing N N 112 
GLU CG  CD   sing N N 113 
GLU CG  HG2  sing N N 114 
GLU CG  HG3  sing N N 115 
GLU CD  OE1  doub N N 116 
GLU CD  OE2  sing N N 117 
GLU OE2 HE2  sing N N 118 
GLU OXT HXT  sing N N 119 
GLY N   CA   sing N N 120 
GLY N   H    sing N N 121 
GLY N   H2   sing N N 122 
GLY CA  C    sing N N 123 
GLY CA  HA2  sing N N 124 
GLY CA  HA3  sing N N 125 
GLY C   O    doub N N 126 
GLY C   OXT  sing N N 127 
GLY OXT HXT  sing N N 128 
HIS N   CA   sing N N 129 
HIS N   H    sing N N 130 
HIS N   H2   sing N N 131 
HIS CA  C    sing N N 132 
HIS CA  CB   sing N N 133 
HIS CA  HA   sing N N 134 
HIS C   O    doub N N 135 
HIS C   OXT  sing N N 136 
HIS CB  CG   sing N N 137 
HIS CB  HB2  sing N N 138 
HIS CB  HB3  sing N N 139 
HIS CG  ND1  sing Y N 140 
HIS CG  CD2  doub Y N 141 
HIS ND1 CE1  doub Y N 142 
HIS ND1 HD1  sing N N 143 
HIS CD2 NE2  sing Y N 144 
HIS CD2 HD2  sing N N 145 
HIS CE1 NE2  sing Y N 146 
HIS CE1 HE1  sing N N 147 
HIS NE2 HE2  sing N N 148 
HIS OXT HXT  sing N N 149 
HOH O   H1   sing N N 150 
HOH O   H2   sing N N 151 
ILE N   CA   sing N N 152 
ILE N   H    sing N N 153 
ILE N   H2   sing N N 154 
ILE CA  C    sing N N 155 
ILE CA  CB   sing N N 156 
ILE CA  HA   sing N N 157 
ILE C   O    doub N N 158 
ILE C   OXT  sing N N 159 
ILE CB  CG1  sing N N 160 
ILE CB  CG2  sing N N 161 
ILE CB  HB   sing N N 162 
ILE CG1 CD1  sing N N 163 
ILE CG1 HG12 sing N N 164 
ILE CG1 HG13 sing N N 165 
ILE CG2 HG21 sing N N 166 
ILE CG2 HG22 sing N N 167 
ILE CG2 HG23 sing N N 168 
ILE CD1 HD11 sing N N 169 
ILE CD1 HD12 sing N N 170 
ILE CD1 HD13 sing N N 171 
ILE OXT HXT  sing N N 172 
LEU N   CA   sing N N 173 
LEU N   H    sing N N 174 
LEU N   H2   sing N N 175 
LEU CA  C    sing N N 176 
LEU CA  CB   sing N N 177 
LEU CA  HA   sing N N 178 
LEU C   O    doub N N 179 
LEU C   OXT  sing N N 180 
LEU CB  CG   sing N N 181 
LEU CB  HB2  sing N N 182 
LEU CB  HB3  sing N N 183 
LEU CG  CD1  sing N N 184 
LEU CG  CD2  sing N N 185 
LEU CG  HG   sing N N 186 
LEU CD1 HD11 sing N N 187 
LEU CD1 HD12 sing N N 188 
LEU CD1 HD13 sing N N 189 
LEU CD2 HD21 sing N N 190 
LEU CD2 HD22 sing N N 191 
LEU CD2 HD23 sing N N 192 
LEU OXT HXT  sing N N 193 
LYS N   CA   sing N N 194 
LYS N   H    sing N N 195 
LYS N   H2   sing N N 196 
LYS CA  C    sing N N 197 
LYS CA  CB   sing N N 198 
LYS CA  HA   sing N N 199 
LYS C   O    doub N N 200 
LYS C   OXT  sing N N 201 
LYS CB  CG   sing N N 202 
LYS CB  HB2  sing N N 203 
LYS CB  HB3  sing N N 204 
LYS CG  CD   sing N N 205 
LYS CG  HG2  sing N N 206 
LYS CG  HG3  sing N N 207 
LYS CD  CE   sing N N 208 
LYS CD  HD2  sing N N 209 
LYS CD  HD3  sing N N 210 
LYS CE  NZ   sing N N 211 
LYS CE  HE2  sing N N 212 
LYS CE  HE3  sing N N 213 
LYS NZ  HZ1  sing N N 214 
LYS NZ  HZ2  sing N N 215 
LYS NZ  HZ3  sing N N 216 
LYS OXT HXT  sing N N 217 
MET N   CA   sing N N 218 
MET N   H    sing N N 219 
MET N   H2   sing N N 220 
MET CA  C    sing N N 221 
MET CA  CB   sing N N 222 
MET CA  HA   sing N N 223 
MET C   O    doub N N 224 
MET C   OXT  sing N N 225 
MET CB  CG   sing N N 226 
MET CB  HB2  sing N N 227 
MET CB  HB3  sing N N 228 
MET CG  SD   sing N N 229 
MET CG  HG2  sing N N 230 
MET CG  HG3  sing N N 231 
MET SD  CE   sing N N 232 
MET CE  HE1  sing N N 233 
MET CE  HE2  sing N N 234 
MET CE  HE3  sing N N 235 
MET OXT HXT  sing N N 236 
PHE N   CA   sing N N 237 
PHE N   H    sing N N 238 
PHE N   H2   sing N N 239 
PHE CA  C    sing N N 240 
PHE CA  CB   sing N N 241 
PHE CA  HA   sing N N 242 
PHE C   O    doub N N 243 
PHE C   OXT  sing N N 244 
PHE CB  CG   sing N N 245 
PHE CB  HB2  sing N N 246 
PHE CB  HB3  sing N N 247 
PHE CG  CD1  doub Y N 248 
PHE CG  CD2  sing Y N 249 
PHE CD1 CE1  sing Y N 250 
PHE CD1 HD1  sing N N 251 
PHE CD2 CE2  doub Y N 252 
PHE CD2 HD2  sing N N 253 
PHE CE1 CZ   doub Y N 254 
PHE CE1 HE1  sing N N 255 
PHE CE2 CZ   sing Y N 256 
PHE CE2 HE2  sing N N 257 
PHE CZ  HZ   sing N N 258 
PHE OXT HXT  sing N N 259 
PRO N   CA   sing N N 260 
PRO N   CD   sing N N 261 
PRO N   H    sing N N 262 
PRO CA  C    sing N N 263 
PRO CA  CB   sing N N 264 
PRO CA  HA   sing N N 265 
PRO C   O    doub N N 266 
PRO C   OXT  sing N N 267 
PRO CB  CG   sing N N 268 
PRO CB  HB2  sing N N 269 
PRO CB  HB3  sing N N 270 
PRO CG  CD   sing N N 271 
PRO CG  HG2  sing N N 272 
PRO CG  HG3  sing N N 273 
PRO CD  HD2  sing N N 274 
PRO CD  HD3  sing N N 275 
PRO OXT HXT  sing N N 276 
SER N   CA   sing N N 277 
SER N   H    sing N N 278 
SER N   H2   sing N N 279 
SER CA  C    sing N N 280 
SER CA  CB   sing N N 281 
SER CA  HA   sing N N 282 
SER C   O    doub N N 283 
SER C   OXT  sing N N 284 
SER CB  OG   sing N N 285 
SER CB  HB2  sing N N 286 
SER CB  HB3  sing N N 287 
SER OG  HG   sing N N 288 
SER OXT HXT  sing N N 289 
THR N   CA   sing N N 290 
THR N   H    sing N N 291 
THR N   H2   sing N N 292 
THR CA  C    sing N N 293 
THR CA  CB   sing N N 294 
THR CA  HA   sing N N 295 
THR C   O    doub N N 296 
THR C   OXT  sing N N 297 
THR CB  OG1  sing N N 298 
THR CB  CG2  sing N N 299 
THR CB  HB   sing N N 300 
THR OG1 HG1  sing N N 301 
THR CG2 HG21 sing N N 302 
THR CG2 HG22 sing N N 303 
THR CG2 HG23 sing N N 304 
THR OXT HXT  sing N N 305 
TRP N   CA   sing N N 306 
TRP N   H    sing N N 307 
TRP N   H2   sing N N 308 
TRP CA  C    sing N N 309 
TRP CA  CB   sing N N 310 
TRP CA  HA   sing N N 311 
TRP C   O    doub N N 312 
TRP C   OXT  sing N N 313 
TRP CB  CG   sing N N 314 
TRP CB  HB2  sing N N 315 
TRP CB  HB3  sing N N 316 
TRP CG  CD1  doub Y N 317 
TRP CG  CD2  sing Y N 318 
TRP CD1 NE1  sing Y N 319 
TRP CD1 HD1  sing N N 320 
TRP CD2 CE2  doub Y N 321 
TRP CD2 CE3  sing Y N 322 
TRP NE1 CE2  sing Y N 323 
TRP NE1 HE1  sing N N 324 
TRP CE2 CZ2  sing Y N 325 
TRP CE3 CZ3  doub Y N 326 
TRP CE3 HE3  sing N N 327 
TRP CZ2 CH2  doub Y N 328 
TRP CZ2 HZ2  sing N N 329 
TRP CZ3 CH2  sing Y N 330 
TRP CZ3 HZ3  sing N N 331 
TRP CH2 HH2  sing N N 332 
TRP OXT HXT  sing N N 333 
TYR N   CA   sing N N 334 
TYR N   H    sing N N 335 
TYR N   H2   sing N N 336 
TYR CA  C    sing N N 337 
TYR CA  CB   sing N N 338 
TYR CA  HA   sing N N 339 
TYR C   O    doub N N 340 
TYR C   OXT  sing N N 341 
TYR CB  CG   sing N N 342 
TYR CB  HB2  sing N N 343 
TYR CB  HB3  sing N N 344 
TYR CG  CD1  doub Y N 345 
TYR CG  CD2  sing Y N 346 
TYR CD1 CE1  sing Y N 347 
TYR CD1 HD1  sing N N 348 
TYR CD2 CE2  doub Y N 349 
TYR CD2 HD2  sing N N 350 
TYR CE1 CZ   doub Y N 351 
TYR CE1 HE1  sing N N 352 
TYR CE2 CZ   sing Y N 353 
TYR CE2 HE2  sing N N 354 
TYR CZ  OH   sing N N 355 
TYR OH  HH   sing N N 356 
TYR OXT HXT  sing N N 357 
VAL N   CA   sing N N 358 
VAL N   H    sing N N 359 
VAL N   H2   sing N N 360 
VAL CA  C    sing N N 361 
VAL CA  CB   sing N N 362 
VAL CA  HA   sing N N 363 
VAL C   O    doub N N 364 
VAL C   OXT  sing N N 365 
VAL CB  CG1  sing N N 366 
VAL CB  CG2  sing N N 367 
VAL CB  HB   sing N N 368 
VAL CG1 HG11 sing N N 369 
VAL CG1 HG12 sing N N 370 
VAL CG1 HG13 sing N N 371 
VAL CG2 HG21 sing N N 372 
VAL CG2 HG22 sing N N 373 
VAL CG2 HG23 sing N N 374 
VAL OXT HXT  sing N N 375 
Y1M O   C    doub N N 376 
Y1M N   C    sing N N 377 
Y1M C1  N    sing N N 378 
Y1M C2  C1   sing N N 379 
Y1M C2  C3   sing N N 380 
Y1M C3  C4   sing N N 381 
Y1M C4  C5   sing N N 382 
Y1M C5  S    sing N N 383 
Y1M S   C2   doub N N 384 
Y1M C   N1   sing N N 385 
Y1M N1  C6   sing N N 386 
Y1M C6  C7   sing N N 387 
Y1M C7  N2   sing N N 388 
Y1M N2  C8   sing N N 389 
Y1M C8  O1   doub N N 390 
Y1M C9  C8   sing N N 391 
Y1M C9  C10  doub Y N 392 
Y1M C10 C11  sing Y N 393 
Y1M C11 C12  doub Y N 394 
Y1M C12 O2   sing Y N 395 
Y1M O2  C9   sing Y N 396 
Y1M C13 N2   sing N N 397 
Y1M C14 C13  sing N N 398 
Y1M N1  C14  sing N N 399 
Y1M C4  H4   sing N N 400 
Y1M C4  H17  sing N N 401 
Y1M C5  H5   sing N N 402 
Y1M C5  H18  sing N N 403 
Y1M C6  H6   sing N N 404 
Y1M C6  H7   sing N N 405 
Y1M C7  H9   sing N N 406 
Y1M C7  H8   sing N N 407 
Y1M C10 H10  sing N N 408 
Y1M C13 H13  sing N N 409 
Y1M C13 H14  sing N N 410 
Y1M N   H    sing N N 411 
Y1M C1  H1   sing N N 412 
Y1M C1  H2   sing N N 413 
Y1M C11 H11  sing N N 414 
Y1M C12 H12  sing N N 415 
Y1M C14 H16  sing N N 416 
Y1M C14 H15  sing N N 417 
Y1M C3  H3   sing N N 418 
Y1M C3  H19  sing N N 419 
Y1M S   H20  sing N N 420 
# 
_pdbx_deposit_group.group_id            G_1002190 
_pdbx_deposit_group.group_description   
;XDomainX of XOrganismX PHIP screened against crude reaction mixtures by X-ray Crystallography at the XChem facility of Diamond Light Source beamline I04-1
;
_pdbx_deposit_group.group_title         'PanDDA analysis group deposition' 
_pdbx_deposit_group.group_type          'changed state' 
# 
_atom_sites.entry_id                    5S8Z 
_atom_sites.fract_transf_matrix[1][1]   -0.00144959 
_atom_sites.fract_transf_matrix[1][2]   0.01187540 
_atom_sites.fract_transf_matrix[1][3]   0.00394248 
_atom_sites.fract_transf_matrix[2][1]   0.03233149 
_atom_sites.fract_transf_matrix[2][2]   -0.00169937 
_atom_sites.fract_transf_matrix[2][3]   0.01700661 
_atom_sites.fract_transf_matrix[3][1]   0.00771963 
_atom_sites.fract_transf_matrix[3][2]   0.00899156 
_atom_sites.fract_transf_matrix[3][3]   -0.01377741 
_atom_sites.fract_transf_vector[1]      -0.146859 
_atom_sites.fract_transf_vector[2]      0.458164 
_atom_sites.fract_transf_vector[3]      0.233901 
# 
loop_
_atom_type.symbol 
C 
N 
O 
S 
# 
loop_
_atom_site.group_PDB 
_atom_site.id 
_atom_site.type_symbol 
_atom_site.label_atom_id 
_atom_site.label_alt_id 
_atom_site.label_comp_id 
_atom_site.label_asym_id 
_atom_site.label_entity_id 
_atom_site.label_seq_id 
_atom_site.pdbx_PDB_ins_code 
_atom_site.Cartn_x 
_atom_site.Cartn_y 
_atom_site.Cartn_z 
_atom_site.occupancy 
_atom_site.B_iso_or_equiv 
_atom_site.pdbx_formal_charge 
_atom_site.auth_seq_id 
_atom_site.auth_comp_id 
_atom_site.auth_asym_id 
_atom_site.auth_atom_id 
_atom_site.pdbx_PDB_model_num 
ATOM   1    N N   . TYR A 1 25  ? -11.409 -6.267  20.611  1.00 20.54 ? 1316 TYR A N   1 
ATOM   2    C CA  . TYR A 1 25  ? -12.445 -5.370  20.055  1.00 15.86 ? 1316 TYR A CA  1 
ATOM   3    C C   . TYR A 1 25  ? -11.917 -3.927  20.107  1.00 14.01 ? 1316 TYR A C   1 
ATOM   4    O O   . TYR A 1 25  ? -12.717 -3.013  20.192  1.00 13.17 ? 1316 TYR A O   1 
ATOM   5    C CB  . TYR A 1 25  ? -13.788 -5.511  20.762  1.00 18.50 ? 1316 TYR A CB  1 
ATOM   6    C CG  . TYR A 1 25  ? -14.381 -6.896  20.708  1.00 17.42 ? 1316 TYR A CG  1 
ATOM   7    C CD1 . TYR A 1 25  ? -14.657 -7.516  19.492  1.00 16.52 ? 1316 TYR A CD1 1 
ATOM   8    C CD2 . TYR A 1 25  ? -14.731 -7.516  21.889  1.00 19.49 ? 1316 TYR A CD2 1 
ATOM   9    C CE1 . TYR A 1 25  ? -15.196 -8.784  19.462  1.00 18.24 ? 1316 TYR A CE1 1 
ATOM   10   C CE2 . TYR A 1 25  ? -15.326 -8.766  21.872  1.00 18.32 ? 1316 TYR A CE2 1 
ATOM   11   C CZ  . TYR A 1 25  ? -15.559 -9.376  20.657  1.00 18.57 ? 1316 TYR A CZ  1 
ATOM   12   O OH  . TYR A 1 25  ? -16.136 -10.629 20.671  1.00 22.06 ? 1316 TYR A OH  1 
ATOM   13   N N   . ASP A 1 26  ? -10.625 -3.763  19.963  1.00 12.45 ? 1317 ASP A N   1 
ATOM   14   C CA  . ASP A 1 26  ? -9.969  -2.415  20.006  1.00 11.94 ? 1317 ASP A CA  1 
ATOM   15   C C   . ASP A 1 26  ? -10.148 -1.759  18.643  1.00 12.02 ? 1317 ASP A C   1 
ATOM   16   O O   . ASP A 1 26  ? -9.502  -2.206  17.675  1.00 11.68 ? 1317 ASP A O   1 
ATOM   17   C CB  . ASP A 1 26  ? -8.533  -2.532  20.461  1.00 11.81 ? 1317 ASP A CB  1 
ATOM   18   C CG  . ASP A 1 26  ? -7.754  -1.244  20.558  1.00 12.58 ? 1317 ASP A CG  1 
ATOM   19   O OD1 . ASP A 1 26  ? -8.220  -0.235  19.973  1.00 12.54 ? 1317 ASP A OD1 1 
ATOM   20   O OD2 . ASP A 1 26  ? -6.713  -1.247  21.270  1.00 16.36 ? 1317 ASP A OD2 1 
ATOM   21   N N   . ILE A 1 27  ? -10.959 -0.742  18.566  1.00 10.39 ? 1318 ILE A N   1 
ATOM   22   C CA  . ILE A 1 27  ? -11.320 -0.035  17.317  1.00 11.23 ? 1318 ILE A CA  1 
ATOM   23   C C   . ILE A 1 27  ? -10.106 0.736   16.813  1.00 10.94 ? 1318 ILE A C   1 
ATOM   24   O O   . ILE A 1 27  ? -10.085 1.014   15.658  1.00 11.99 ? 1318 ILE A O   1 
ATOM   25   C CB  . ILE A 1 27  ? -12.494 0.927   17.591  1.00 13.05 ? 1318 ILE A CB  1 
ATOM   26   C CG1 . ILE A 1 27  ? -13.757 0.197   18.054  1.00 15.23 ? 1318 ILE A CG1 1 
ATOM   27   C CG2 . ILE A 1 27  ? -12.778 1.851   16.419  1.00 14.58 ? 1318 ILE A CG2 1 
ATOM   28   C CD1 . ILE A 1 27  ? -14.803 1.091   18.673  1.00 16.25 ? 1318 ILE A CD1 1 
ATOM   29   N N   . GLN A 1 28  ? -9.130  1.043   17.657  1.00 10.06 ? 1319 GLN A N   1 
ATOM   30   C CA  . GLN A 1 28  ? -7.971  1.856   17.205  1.00 9.78  ? 1319 GLN A CA  1 
ATOM   31   C C   . GLN A 1 28  ? -6.761  1.002   16.886  1.00 10.55 ? 1319 GLN A C   1 
ATOM   32   O O   . GLN A 1 28  ? -5.770  1.548   16.367  1.00 10.31 ? 1319 GLN A O   1 
ATOM   33   C CB  . GLN A 1 28  ? -7.584  2.863   18.280  1.00 11.17 ? 1319 GLN A CB  1 
ATOM   34   C CG  . GLN A 1 28  ? -8.549  4.060   18.323  1.00 11.47 ? 1319 GLN A CG  1 
ATOM   35   C CD  . GLN A 1 28  ? -9.670  3.913   19.335  1.00 10.36 ? 1319 GLN A CD  1 
ATOM   36   O OE1 . GLN A 1 28  ? -9.490  3.526   20.492  1.00 12.26 ? 1319 GLN A OE1 1 
ATOM   37   N NE2 . GLN A 1 28  ? -10.852 4.215   18.915  1.00 11.65 ? 1319 GLN A NE2 1 
ATOM   38   N N   . ALA A 1 29  ? -6.822  -0.328  17.125  1.00 10.67 ? 1320 ALA A N   1 
ATOM   39   C CA  . ALA A 1 29  ? -5.608  -1.147  17.048  1.00 10.74 ? 1320 ALA A CA  1 
ATOM   40   C C   . ALA A 1 29  ? -5.021  -1.187  15.634  1.00 9.55  ? 1320 ALA A C   1 
ATOM   41   O O   . ALA A 1 29  ? -3.815  -1.434  15.501  1.00 10.87 ? 1320 ALA A O   1 
ATOM   42   C CB  . ALA A 1 29  ? -5.875  -2.540  17.594  1.00 10.59 ? 1320 ALA A CB  1 
ATOM   43   N N   . TRP A 1 30  ? -5.862  -1.021  14.630  1.00 9.71  ? 1321 TRP A N   1 
ATOM   44   C CA  . TRP A 1 30  ? -5.398  -1.118  13.241  1.00 9.54  ? 1321 TRP A CA  1 
ATOM   45   C C   . TRP A 1 30  ? -4.264  -0.163  12.950  1.00 9.98  ? 1321 TRP A C   1 
ATOM   46   O O   . TRP A 1 30  ? -3.446  -0.458  12.094  1.00 10.18 ? 1321 TRP A O   1 
ATOM   47   C CB  . TRP A 1 30  ? -6.559  -0.856  12.297  1.00 10.56 ? 1321 TRP A CB  1 
ATOM   48   C CG  . TRP A 1 30  ? -7.059  0.544   12.417  1.00 10.23 ? 1321 TRP A CG  1 
ATOM   49   C CD1 . TRP A 1 30  ? -8.003  0.977   13.277  1.00 10.98 ? 1321 TRP A CD1 1 
ATOM   50   C CD2 . TRP A 1 30  ? -6.628  1.690   11.648  1.00 10.00 ? 1321 TRP A CD2 1 
ATOM   51   N NE1 . TRP A 1 30  ? -8.177  2.337   13.127  1.00 11.31 ? 1321 TRP A NE1 1 
ATOM   52   C CE2 . TRP A 1 30  ? -7.389  2.779   12.124  1.00 10.81 ? 1321 TRP A CE2 1 
ATOM   53   C CE3 . TRP A 1 30  ? -5.789  1.889   10.559  1.00 10.51 ? 1321 TRP A CE3 1 
ATOM   54   C CZ2 . TRP A 1 30  ? -7.272  4.059   11.589  1.00 11.76 ? 1321 TRP A CZ2 1 
ATOM   55   C CZ3 . TRP A 1 30  ? -5.667  3.151   10.031  1.00 11.09 ? 1321 TRP A CZ3 1 
ATOM   56   C CH2 . TRP A 1 30  ? -6.388  4.221   10.580  1.00 12.18 ? 1321 TRP A CH2 1 
ATOM   57   N N   . LYS A 1 31  ? -4.206  0.977   13.641  1.00 9.78  ? 1322 LYS A N   1 
ATOM   58   C CA  . LYS A 1 31  ? -3.215  1.992   13.241  1.00 10.27 ? 1322 LYS A CA  1 
ATOM   59   C C   . LYS A 1 31  ? -1.811  1.510   13.538  1.00 11.02 ? 1322 LYS A C   1 
ATOM   60   O O   . LYS A 1 31  ? -0.977  1.516   12.623  1.00 10.72 ? 1322 LYS A O   1 
ATOM   61   C CB  . LYS A 1 31  ? -3.585  3.321   13.889  1.00 10.46 ? 1322 LYS A CB  1 
ATOM   62   C CG  . LYS A 1 31  ? -2.611  4.432   13.529  1.00 10.85 ? 1322 LYS A CG  1 
ATOM   63   C CD  . LYS A 1 31  ? -3.086  5.763   14.034  1.00 10.91 ? 1322 LYS A CD  1 
ATOM   64   C CE  . LYS A 1 31  ? -2.178  6.893   13.637  1.00 11.72 ? 1322 LYS A CE  1 
ATOM   65   N NZ  . LYS A 1 31  ? -2.757  8.147   14.188  1.00 13.00 ? 1322 LYS A NZ  1 
ATOM   66   N N   . LYS A 1 32  ? -1.542  1.052   14.745  1.00 11.36 ? 1323 LYS A N   1 
ATOM   67   C CA  . LYS A 1 32  ? -0.218  0.505   15.042  1.00 12.07 ? 1323 LYS A CA  1 
ATOM   68   C C   . LYS A 1 32  ? 0.053   -0.752  14.214  1.00 10.91 ? 1323 LYS A C   1 
ATOM   69   O O   . LYS A 1 32  ? 1.158   -0.959  13.768  1.00 11.56 ? 1323 LYS A O   1 
ATOM   70   C CB  . LYS A 1 32  ? -0.133  0.179   16.518  1.00 14.19 ? 1323 LYS A CB  1 
ATOM   71   C CG  . LYS A 1 32  ? 1.255   -0.167  17.002  1.00 19.09 ? 1323 LYS A CG  1 
ATOM   72   C CD  . LYS A 1 32  ? 1.334   -0.332  18.531  1.00 23.44 ? 1323 LYS A CD  1 
ATOM   73   N N   . GLN A 1 33  ? -0.972  -1.563  13.970  1.00 10.96 ? 1324 GLN A N   1 
ATOM   74   C CA  . GLN A 1 33  ? -0.776  -2.764  13.140  1.00 10.79 ? 1324 GLN A CA  1 
ATOM   75   C C   . GLN A 1 33  ? -0.338  -2.341  11.735  1.00 11.14 ? 1324 GLN A C   1 
ATOM   76   O O   . GLN A 1 33  ? 0.585   -2.932  11.142  1.00 10.75 ? 1324 GLN A O   1 
ATOM   77   C CB  . GLN A 1 33  ? -2.055  -3.579  13.076  1.00 11.18 ? 1324 GLN A CB  1 
ATOM   78   C CG  . GLN A 1 33  ? -2.355  -4.218  14.415  1.00 11.04 ? 1324 GLN A CG  1 
ATOM   79   C CD  . GLN A 1 33  ? -3.770  -4.678  14.527  1.00 12.78 ? 1324 GLN A CD  1 
ATOM   80   O OE1 . GLN A 1 33  ? -4.582  -4.508  13.632  1.00 14.24 ? 1324 GLN A OE1 1 
ATOM   81   N NE2 . GLN A 1 33  ? -4.110  -5.238  15.679  1.00 14.79 ? 1324 GLN A NE2 1 
ATOM   82   N N   . CYS A 1 34  ? -0.949  -1.275  11.200  1.00 10.68 ? 1325 CYS A N   1 
ATOM   83   C CA  . CYS A 1 34  ? -0.541  -0.766  9.882   1.00 10.19 ? 1325 CYS A CA  1 
ATOM   84   C C   . CYS A 1 34  ? 0.842   -0.125  9.936   1.00 10.54 ? 1325 CYS A C   1 
ATOM   85   O O   . CYS A 1 34  ? 1.620   -0.278  8.994   1.00 10.76 ? 1325 CYS A O   1 
ATOM   86   C CB  . CYS A 1 34  ? -1.554  0.203   9.342   1.00 10.50 ? 1325 CYS A CB  1 
ATOM   87   S SG  . CYS A 1 34  ? -3.092  -0.580  8.798   1.00 11.13 ? 1325 CYS A SG  1 
ATOM   88   N N   . GLU A 1 35  ? 1.192   0.573   10.997  1.00 10.86 ? 1326 GLU A N   1 
ATOM   89   C CA  . GLU A 1 35  ? 2.559   1.108   11.137  1.00 12.03 ? 1326 GLU A CA  1 
ATOM   90   C C   . GLU A 1 35  ? 3.561   -0.044  11.107  1.00 11.62 ? 1326 GLU A C   1 
ATOM   91   O O   . GLU A 1 35  ? 4.559   0.087   10.395  1.00 13.58 ? 1326 GLU A O   1 
ATOM   92   C CB  . GLU A 1 35  ? 2.676   1.889   12.444  1.00 13.84 ? 1326 GLU A CB  1 
ATOM   93   C CG  . GLU A 1 35  ? 1.916   3.176   12.526  1.00 15.66 ? 1326 GLU A CG  1 
ATOM   94   C CD  . GLU A 1 35  ? 1.847   3.793   13.922  1.00 19.12 ? 1326 GLU A CD  1 
ATOM   95   O OE1 . GLU A 1 35  ? 2.282   3.168   14.891  1.00 22.63 ? 1326 GLU A OE1 1 
ATOM   96   O OE2 . GLU A 1 35  ? 1.271   4.865   14.029  1.00 23.87 ? 1326 GLU A OE2 1 
ATOM   97   N N   . GLU A 1 36  ? 3.292   -1.117  11.816  1.00 12.50 ? 1327 GLU A N   1 
ATOM   98   C CA  . GLU A 1 36  ? 4.224   -2.243  11.862  1.00 13.78 ? 1327 GLU A CA  1 
ATOM   99   C C   . GLU A 1 36  ? 4.314   -2.854  10.490  1.00 12.77 ? 1327 GLU A C   1 
ATOM   100  O O   . GLU A 1 36  ? 5.426   -3.219  10.067  1.00 14.05 ? 1327 GLU A O   1 
ATOM   101  C CB  . GLU A 1 36  ? 3.787   -3.229  12.946  1.00 17.01 ? 1327 GLU A CB  1 
ATOM   102  C CG  . GLU A 1 36  ? 3.919   -2.607  14.334  1.00 25.66 ? 1327 GLU A CG  1 
ATOM   103  C CD  . GLU A 1 36  ? 5.318   -2.126  14.711  1.00 35.26 ? 1327 GLU A CD  1 
ATOM   104  O OE1 . GLU A 1 36  ? 6.296   -2.841  14.362  1.00 47.52 ? 1327 GLU A OE1 1 
ATOM   105  O OE2 . GLU A 1 36  ? 5.446   -1.046  15.331  1.00 40.42 ? 1327 GLU A OE2 1 
ATOM   106  N N   . LEU A 1 37  ? 3.187   -3.057  9.807   1.00 12.15 ? 1328 LEU A N   1 
ATOM   107  C CA  . LEU A 1 37  ? 3.252   -3.668  8.461   1.00 11.25 ? 1328 LEU A CA  1 
ATOM   108  C C   . LEU A 1 37  ? 3.981   -2.760  7.474   1.00 11.01 ? 1328 LEU A C   1 
ATOM   109  O O   . LEU A 1 37  ? 4.795   -3.256  6.682   1.00 11.77 ? 1328 LEU A O   1 
ATOM   110  C CB  . LEU A 1 37  ? 1.825   -3.927  8.003   1.00 11.47 ? 1328 LEU A CB  1 
ATOM   111  C CG  . LEU A 1 37  ? 1.677   -4.488  6.605   1.00 11.84 ? 1328 LEU A CG  1 
ATOM   112  C CD1 . LEU A 1 37  ? 2.556   -5.710  6.403   1.00 13.72 ? 1328 LEU A CD1 1 
ATOM   113  C CD2 . LEU A 1 37  ? 0.232   -4.826  6.356   1.00 12.54 ? 1328 LEU A CD2 1 
ATOM   114  N N   . LEU A 1 38  ? 3.819   -1.458  7.575   1.00 11.81 ? 1329 LEU A N   1 
ATOM   115  C CA  . LEU A 1 38  ? 4.595   -0.550  6.732   1.00 11.86 ? 1329 LEU A CA  1 
ATOM   116  C C   . LEU A 1 38  ? 6.069   -0.648  7.044   1.00 12.85 ? 1329 LEU A C   1 
ATOM   117  O O   . LEU A 1 38  ? 6.871   -0.634  6.104   1.00 14.71 ? 1329 LEU A O   1 
ATOM   118  C CB  . LEU A 1 38  ? 4.088   0.881   6.878   1.00 12.51 ? 1329 LEU A CB  1 
ATOM   119  C CG  . LEU A 1 38  ? 2.735   1.154   6.258   1.00 12.48 ? 1329 LEU A CG  1 
ATOM   120  C CD1 . LEU A 1 38  ? 2.228   2.509   6.713   1.00 13.69 ? 1329 LEU A CD1 1 
ATOM   121  C CD2 . LEU A 1 38  ? 2.764   1.106   4.745   1.00 14.04 ? 1329 LEU A CD2 1 
ATOM   122  N N   . ASN A 1 39  ? 6.420   -0.772  8.298   1.00 13.57 ? 1330 ASN A N   1 
ATOM   123  C CA  . ASN A 1 39  ? 7.817   -1.015  8.687   1.00 16.61 ? 1330 ASN A CA  1 
ATOM   124  C C   . ASN A 1 39  ? 8.318   -2.278  7.984   1.00 15.66 ? 1330 ASN A C   1 
ATOM   125  O O   . ASN A 1 39  ? 9.432   -2.203  7.398   1.00 18.01 ? 1330 ASN A O   1 
ATOM   126  C CB  . ASN A 1 39  ? 7.967   -1.086  10.195  1.00 17.61 ? 1330 ASN A CB  1 
ATOM   127  C CG  . ASN A 1 39  ? 7.812   0.243   10.900  1.00 20.62 ? 1330 ASN A CG  1 
ATOM   128  O OD1 . ASN A 1 39  ? 7.865   1.304   10.294  1.00 26.35 ? 1330 ASN A OD1 1 
ATOM   129  N ND2 . ASN A 1 39  ? 7.650   0.188   12.212  1.00 24.93 ? 1330 ASN A ND2 1 
ATOM   130  N N   . LEU A 1 40  ? 7.608   -3.384  8.059   1.00 13.87 ? 1331 LEU A N   1 
ATOM   131  C CA  . LEU A 1 40  ? 8.015   -4.630  7.386   1.00 15.65 ? 1331 LEU A CA  1 
ATOM   132  C C   . LEU A 1 40  ? 8.160   -4.363  5.887   1.00 15.78 ? 1331 LEU A C   1 
ATOM   133  O O   . LEU A 1 40  ? 9.186   -4.781  5.290   1.00 16.64 ? 1331 LEU A O   1 
ATOM   134  C CB  . LEU A 1 40  ? 7.018   -5.745  7.639   1.00 15.05 ? 1331 LEU A CB  1 
ATOM   135  C CG  . LEU A 1 40  ? 6.946   -6.191  9.106   1.00 15.30 ? 1331 LEU A CG  1 
ATOM   136  C CD1 . LEU A 1 40  ? 5.839   -7.189  9.271   1.00 19.31 ? 1331 LEU A CD1 1 
ATOM   137  C CD2 . LEU A 1 40  ? 8.302   -6.775  9.585   1.00 18.57 ? 1331 LEU A CD2 1 
ATOM   138  N N   . ILE A 1 41  ? 7.240   -3.610  5.276   1.00 13.18 ? 1332 ILE A N   1 
ATOM   139  C CA  . ILE A 1 41  ? 7.317   -3.338  3.828   1.00 12.90 ? 1332 ILE A CA  1 
ATOM   140  C C   . ILE A 1 41  ? 8.565   -2.534  3.513   1.00 13.64 ? 1332 ILE A C   1 
ATOM   141  O O   . ILE A 1 41  ? 9.251   -2.875  2.559   1.00 13.48 ? 1332 ILE A O   1 
ATOM   142  C CB  . ILE A 1 41  ? 6.024   -2.645  3.377   1.00 12.28 ? 1332 ILE A CB  1 
ATOM   143  C CG1 . ILE A 1 41  ? 4.909   -3.691  3.385   1.00 13.83 ? 1332 ILE A CG1 1 
ATOM   144  C CG2 . ILE A 1 41  ? 6.219   -2.004  2.039   1.00 11.80 ? 1332 ILE A CG2 1 
ATOM   145  C CD1 . ILE A 1 41  ? 3.567   -3.127  3.184   1.00 14.49 ? 1332 ILE A CD1 1 
ATOM   146  N N   . PHE A 1 42  ? 8.867   -1.507  4.288   1.00 14.95 ? 1333 PHE A N   1 
ATOM   147  C CA  . PHE A 1 42  ? 10.111  -0.726  4.114   1.00 17.38 ? 1333 PHE A CA  1 
ATOM   148  C C   . PHE A 1 42  ? 11.343  -1.621  4.328   1.00 18.49 ? 1333 PHE A C   1 
ATOM   149  O O   . PHE A 1 42  ? 12.346  -1.329  3.641   1.00 26.52 ? 1333 PHE A O   1 
ATOM   150  C CB  . PHE A 1 42  ? 10.064  0.502   5.024   1.00 17.37 ? 1333 PHE A CB  1 
ATOM   151  C CG  . PHE A 1 42  ? 9.378   1.672   4.383   1.00 16.65 ? 1333 PHE A CG  1 
ATOM   152  C CD1 . PHE A 1 42  ? 8.024   1.857   4.552   1.00 18.43 ? 1333 PHE A CD1 1 
ATOM   153  C CD2 . PHE A 1 42  ? 10.078  2.620   3.638   1.00 17.82 ? 1333 PHE A CD2 1 
ATOM   154  C CE1 . PHE A 1 42  ? 7.384   2.967   4.034   1.00 17.80 ? 1333 PHE A CE1 1 
ATOM   155  C CE2 . PHE A 1 42  ? 9.409   3.714   3.087   1.00 18.27 ? 1333 PHE A CE2 1 
ATOM   156  C CZ  . PHE A 1 42  ? 8.062   3.868   3.271   1.00 18.63 ? 1333 PHE A CZ  1 
ATOM   157  N N   . GLN A 1 43  ? 11.295  -2.718  5.086   1.00 20.27 ? 1334 GLN A N   1 
ATOM   158  C CA  . GLN A 1 43  ? 12.509  -3.584  5.240   1.00 22.54 ? 1334 GLN A CA  1 
ATOM   159  C C   . GLN A 1 43  ? 12.649  -4.540  4.031   1.00 21.75 ? 1334 GLN A C   1 
ATOM   160  O O   . GLN A 1 43  ? 13.717  -5.118  3.830   1.00 22.36 ? 1334 GLN A O   1 
ATOM   161  C CB  . GLN A 1 43  ? 12.524  -4.284  6.604   1.00 27.24 ? 1334 GLN A CB  1 
ATOM   162  C CG  . GLN A 1 43  ? 13.122  -3.419  7.734   1.00 31.70 ? 1334 GLN A CG  1 
ATOM   163  C CD  . GLN A 1 43  ? 14.634  -3.189  7.761   1.00 35.42 ? 1334 GLN A CD  1 
ATOM   164  O OE1 . GLN A 1 43  ? 15.446  -3.993  7.266   1.00 31.46 ? 1334 GLN A OE1 1 
ATOM   165  N NE2 . GLN A 1 43  ? 15.063  -2.083  8.391   1.00 29.47 ? 1334 GLN A NE2 1 
ATOM   166  N N   A CYS A 1 44  ? 11.589  -4.697  3.236   0.26 18.73 ? 1335 CYS A N   1 
ATOM   167  N N   B CYS A 1 44  ? 11.590  -4.711  3.233   0.24 19.94 ? 1335 CYS A N   1 
ATOM   168  C CA  A CYS A 1 44  ? 11.598  -5.551  2.022   0.26 17.32 ? 1335 CYS A CA  1 
ATOM   169  C CA  B CYS A 1 44  ? 11.576  -5.609  2.046   0.24 19.09 ? 1335 CYS A CA  1 
ATOM   170  C C   A CYS A 1 44  ? 12.392  -4.847  0.920   0.26 16.44 ? 1335 CYS A C   1 
ATOM   171  C C   B CYS A 1 44  ? 12.314  -4.920  0.886   0.24 17.25 ? 1335 CYS A C   1 
ATOM   172  O O   A CYS A 1 44  ? 12.091  -3.684  0.588   0.26 15.30 ? 1335 CYS A O   1 
ATOM   173  O O   B CYS A 1 44  ? 11.876  -3.841  0.476   0.24 15.24 ? 1335 CYS A O   1 
ATOM   174  C CB  A CYS A 1 44  ? 10.183  -5.860  1.529   0.26 15.99 ? 1335 CYS A CB  1 
ATOM   175  C CB  B CYS A 1 44  ? 10.140  -5.947  1.633   0.24 19.13 ? 1335 CYS A CB  1 
ATOM   176  S SG  A CYS A 1 44  ? 9.290   -6.943  2.668   0.26 16.94 ? 1335 CYS A SG  1 
ATOM   177  S SG  B CYS A 1 44  ? 9.998   -7.407  0.570   0.24 23.58 ? 1335 CYS A SG  1 
ATOM   178  N N   . GLU A 1 45  ? 13.355  -5.544  0.315   1.00 16.29 ? 1336 GLU A N   1 
ATOM   179  C CA  . GLU A 1 45  ? 14.030  -5.010  -0.874  1.00 15.09 ? 1336 GLU A CA  1 
ATOM   180  C C   . GLU A 1 45  ? 12.990  -4.782  -1.986  1.00 13.83 ? 1336 GLU A C   1 
ATOM   181  O O   . GLU A 1 45  ? 13.134  -3.823  -2.739  1.00 14.00 ? 1336 GLU A O   1 
ATOM   182  C CB  . GLU A 1 45  ? 15.067  -6.008  -1.377  1.00 15.69 ? 1336 GLU A CB  1 
ATOM   183  C CG  . GLU A 1 45  ? 16.287  -5.989  -0.479  1.00 18.15 ? 1336 GLU A CG  1 
ATOM   184  C CD  . GLU A 1 45  ? 17.332  -7.022  -0.800  1.00 20.44 ? 1336 GLU A CD  1 
ATOM   185  O OE1 . GLU A 1 45  ? 17.158  -7.771  -1.771  1.00 20.28 ? 1336 GLU A OE1 1 
ATOM   186  O OE2 . GLU A 1 45  ? 18.300  -7.105  -0.005  1.00 20.27 ? 1336 GLU A OE2 1 
ATOM   187  N N   . ASP A 1 46  ? 11.962  -5.608  -2.055  1.00 13.15 ? 1337 ASP A N   1 
ATOM   188  C CA  . ASP A 1 46  ? 10.941  -5.458  -3.113  1.00 13.50 ? 1337 ASP A CA  1 
ATOM   189  C C   . ASP A 1 46  ? 10.199  -4.133  -3.011  1.00 12.68 ? 1337 ASP A C   1 
ATOM   190  O O   . ASP A 1 46  ? 9.535   -3.795  -3.975  1.00 13.10 ? 1337 ASP A O   1 
ATOM   191  C CB  . ASP A 1 46  ? 9.957   -6.594  -3.070  1.00 12.98 ? 1337 ASP A CB  1 
ATOM   192  C CG  . ASP A 1 46  ? 10.500  -7.899  -3.630  1.00 15.14 ? 1337 ASP A CG  1 
ATOM   193  O OD1 . ASP A 1 46  ? 11.502  -7.838  -4.399  1.00 16.79 ? 1337 ASP A OD1 1 
ATOM   194  O OD2 . ASP A 1 46  ? 9.864   -8.922  -3.361  1.00 15.17 ? 1337 ASP A OD2 1 
ATOM   195  N N   . SER A 1 47  ? 10.219  -3.438  -1.891  1.00 12.18 ? 1338 SER A N   1 
ATOM   196  C CA  . SER A 1 47  ? 9.504   -2.150  -1.818  1.00 12.82 ? 1338 SER A CA  1 
ATOM   197  C C   . SER A 1 47  ? 10.286  -0.972  -2.362  1.00 12.28 ? 1338 SER A C   1 
ATOM   198  O O   . SER A 1 47  ? 9.730   0.099   -2.500  1.00 12.50 ? 1338 SER A O   1 
ATOM   199  C CB  . SER A 1 47  ? 9.068   -1.833  -0.445  1.00 12.43 ? 1338 SER A CB  1 
ATOM   200  O OG  . SER A 1 47  ? 10.167  -1.511  0.413   1.00 13.49 ? 1338 SER A OG  1 
ATOM   201  N N   . GLU A 1 48  ? 11.568  -1.186  -2.680  0.50 13.18 ? 1339 GLU A N   1 
ATOM   202  C CA  . GLU A 1 48  ? 12.481  -0.077  -3.060  0.50 14.11 ? 1339 GLU A CA  1 
ATOM   203  C C   . GLU A 1 48  ? 11.803  0.883   -4.041  0.50 12.59 ? 1339 GLU A C   1 
ATOM   204  O O   . GLU A 1 48  ? 11.727  2.077   -3.757  0.50 13.73 ? 1339 GLU A O   1 
ATOM   205  C CB  . GLU A 1 48  ? 13.818  -0.576  -3.619  0.50 16.24 ? 1339 GLU A CB  1 
ATOM   206  C CG  . GLU A 1 48  ? 14.724  0.593   -3.971  0.50 17.33 ? 1339 GLU A CG  1 
ATOM   207  C CD  . GLU A 1 48  ? 16.056  0.350   -4.659  0.50 19.64 ? 1339 GLU A CD  1 
ATOM   208  O OE1 . GLU A 1 48  ? 16.232  -0.706  -5.305  0.50 22.18 ? 1339 GLU A OE1 1 
ATOM   209  O OE2 . GLU A 1 48  ? 16.904  1.265   -4.571  0.50 21.69 ? 1339 GLU A OE2 1 
ATOM   210  N N   . PRO A 1 49  ? 11.282  0.433   -5.208  0.50 11.98 ? 1340 PRO A N   1 
ATOM   211  C CA  . PRO A 1 49  ? 10.744  1.355   -6.211  0.50 11.33 ? 1340 PRO A CA  1 
ATOM   212  C C   . PRO A 1 49  ? 9.493   2.115   -5.754  0.50 10.90 ? 1340 PRO A C   1 
ATOM   213  O O   . PRO A 1 49  ? 9.121   3.110   -6.387  0.50 10.66 ? 1340 PRO A O   1 
ATOM   214  C CB  . PRO A 1 49  ? 10.391  0.443   -7.399  0.50 11.92 ? 1340 PRO A CB  1 
ATOM   215  C CG  . PRO A 1 49  ? 11.243  -0.779  -7.184  0.50 11.83 ? 1340 PRO A CG  1 
ATOM   216  C CD  . PRO A 1 49  ? 11.203  -0.959  -5.682  0.50 11.72 ? 1340 PRO A CD  1 
ATOM   217  N N   . PHE A 1 50  ? 8.852   1.598   -4.712  0.50 11.15 ? 1341 PHE A N   1 
ATOM   218  C CA  . PHE A 1 50  ? 7.518   2.051   -4.252  0.50 11.01 ? 1341 PHE A CA  1 
ATOM   219  C C   . PHE A 1 50  ? 7.633   2.855   -2.953  0.50 11.80 ? 1341 PHE A C   1 
ATOM   220  O O   . PHE A 1 50  ? 6.619   3.123   -2.319  0.50 11.50 ? 1341 PHE A O   1 
ATOM   221  C CB  . PHE A 1 50  ? 6.615   0.824   -4.110  0.50 10.44 ? 1341 PHE A CB  1 
ATOM   222  C CG  . PHE A 1 50  ? 6.636   -0.057  -5.331  0.50 10.06 ? 1341 PHE A CG  1 
ATOM   223  C CD1 . PHE A 1 50  ? 6.102   0.415   -6.516  0.50 10.56 ? 1341 PHE A CD1 1 
ATOM   224  C CD2 . PHE A 1 50  ? 7.267   -1.294  -5.340  0.50 10.57 ? 1341 PHE A CD2 1 
ATOM   225  C CE1 . PHE A 1 50  ? 6.146   -0.349  -7.666  0.50 10.19 ? 1341 PHE A CE1 1 
ATOM   226  C CE2 . PHE A 1 50  ? 7.317   -2.055  -6.496  0.50 10.40 ? 1341 PHE A CE2 1 
ATOM   227  C CZ  . PHE A 1 50  ? 6.759   -1.581  -7.658  0.50 10.39 ? 1341 PHE A CZ  1 
ATOM   228  N N   . ARG A 1 51  ? 8.836   3.277   -2.579  1.00 12.32 ? 1342 ARG A N   1 
ATOM   229  C CA  . ARG A 1 51  ? 9.020   4.002   -1.310  1.00 13.86 ? 1342 ARG A CA  1 
ATOM   230  C C   . ARG A 1 51  ? 8.860   5.486   -1.541  1.00 15.37 ? 1342 ARG A C   1 
ATOM   231  O O   . ARG A 1 51  ? 8.709   6.170   -0.512  1.00 22.42 ? 1342 ARG A O   1 
ATOM   232  C CB  . ARG A 1 51  ? 10.380  3.708   -0.700  1.00 14.92 ? 1342 ARG A CB  1 
ATOM   233  C CG  . ARG A 1 51  ? 10.477  2.301   -0.158  1.00 15.19 ? 1342 ARG A CG  1 
ATOM   234  C CD  . ARG A 1 51  ? 11.870  2.040   0.352   1.00 17.41 ? 1342 ARG A CD  1 
ATOM   235  N NE  . ARG A 1 51  ? 12.086  0.626   0.488   1.00 17.78 ? 1342 ARG A NE  1 
ATOM   236  C CZ  . ARG A 1 51  ? 13.297  0.048   0.430   1.00 20.59 ? 1342 ARG A CZ  1 
ATOM   237  N NH1 . ARG A 1 51  ? 14.397  0.785   0.332   1.00 23.71 ? 1342 ARG A NH1 1 
ATOM   238  N NH2 . ARG A 1 51  ? 13.431  -1.254  0.507   1.00 20.60 ? 1342 ARG A NH2 1 
ATOM   239  N N   . GLN A 1 52  ? 8.973   5.994   -2.757  1.00 14.86 ? 1343 GLN A N   1 
ATOM   240  C CA  . GLN A 1 52  ? 8.962   7.429   -3.059  1.00 17.94 ? 1343 GLN A CA  1 
ATOM   241  C C   . GLN A 1 52  ? 8.248   7.606   -4.381  1.00 17.75 ? 1343 GLN A C   1 
ATOM   242  O O   . GLN A 1 52  ? 8.116   6.631   -5.135  1.00 16.75 ? 1343 GLN A O   1 
ATOM   243  C CB  . GLN A 1 52  ? 10.398  7.971   -3.069  1.00 20.47 ? 1343 GLN A CB  1 
ATOM   244  C CG  . GLN A 1 52  ? 11.084  7.864   -1.712  1.00 29.54 ? 1343 GLN A CG  1 
ATOM   245  C CD  . GLN A 1 52  ? 10.442  8.603   -0.555  1.00 37.33 ? 1343 GLN A CD  1 
ATOM   246  O OE1 . GLN A 1 52  ? 9.847   9.668   -0.706  1.00 47.38 ? 1343 GLN A OE1 1 
ATOM   247  N NE2 . GLN A 1 52  ? 10.621  8.067   0.641   1.00 40.93 ? 1343 GLN A NE2 1 
ATOM   248  N N   . PRO A 1 53  ? 8.046   8.854   -4.892  0.50 19.37 ? 1344 PRO A N   1 
ATOM   249  C CA  . PRO A 1 53  ? 7.548   9.083   -6.260  0.50 19.04 ? 1344 PRO A CA  1 
ATOM   250  C C   . PRO A 1 53  ? 8.475   8.722   -7.437  0.50 19.89 ? 1344 PRO A C   1 
ATOM   251  O O   . PRO A 1 53  ? 9.656   8.605   -7.219  0.50 19.45 ? 1344 PRO A O   1 
ATOM   252  C CB  . PRO A 1 53  ? 7.386   10.610  -6.350  0.50 19.56 ? 1344 PRO A CB  1 
ATOM   253  C CG  . PRO A 1 53  ? 7.320   11.062  -4.904  0.50 19.39 ? 1344 PRO A CG  1 
ATOM   254  C CD  . PRO A 1 53  ? 8.236   10.117  -4.160  0.50 19.36 ? 1344 PRO A CD  1 
ATOM   255  N N   . VAL A 1 54  ? 7.931   8.625   -8.661  0.50 19.31 ? 1345 VAL A N   1 
ATOM   256  C CA  . VAL A 1 54  ? 8.717   8.344   -9.905  0.50 21.40 ? 1345 VAL A CA  1 
ATOM   257  C C   . VAL A 1 54  ? 9.267   9.654   -10.486 0.50 21.08 ? 1345 VAL A C   1 
ATOM   258  O O   . VAL A 1 54  ? 8.485   10.615  -10.681 0.50 22.93 ? 1345 VAL A O   1 
ATOM   259  C CB  . VAL A 1 54  ? 7.925   7.545   -10.962 0.50 22.30 ? 1345 VAL A CB  1 
ATOM   260  C CG1 . VAL A 1 54  ? 6.941   6.573   -10.332 0.50 21.65 ? 1345 VAL A CG1 1 
ATOM   261  C CG2 . VAL A 1 54  ? 7.255   8.417   -12.008 0.50 24.68 ? 1345 VAL A CG2 1 
ATOM   262  N N   . ASP A 1 55  ? 10.565  9.659   -10.802 0.50 21.33 ? 1346 ASP A N   1 
ATOM   263  C CA  . ASP A 1 55  ? 11.272  10.781  -11.477 0.50 21.73 ? 1346 ASP A CA  1 
ATOM   264  C C   . ASP A 1 55  ? 10.827  10.800  -12.944 0.50 22.23 ? 1346 ASP A C   1 
ATOM   265  O O   . ASP A 1 55  ? 10.964  9.752   -13.597 0.50 21.59 ? 1346 ASP A O   1 
ATOM   266  C CB  . ASP A 1 55  ? 12.786  10.597  -11.383 0.50 22.80 ? 1346 ASP A CB  1 
ATOM   267  C CG  . ASP A 1 55  ? 13.562  11.839  -11.780 0.50 25.08 ? 1346 ASP A CG  1 
ATOM   268  O OD1 . ASP A 1 55  ? 13.036  12.618  -12.600 0.50 25.72 ? 1346 ASP A OD1 1 
ATOM   269  O OD2 . ASP A 1 55  ? 14.669  12.041  -11.229 0.50 27.26 ? 1346 ASP A OD2 1 
ATOM   270  N N   . LEU A 1 56  ? 10.320  11.933  -13.444 0.50 23.86 ? 1347 LEU A N   1 
ATOM   271  C CA  . LEU A 1 56  ? 9.773   12.026  -14.825 0.50 22.53 ? 1347 LEU A CA  1 
ATOM   272  C C   . LEU A 1 56  ? 10.925  12.147  -15.835 0.50 23.38 ? 1347 LEU A C   1 
ATOM   273  O O   . LEU A 1 56  ? 10.700  11.828  -17.003 0.50 22.39 ? 1347 LEU A O   1 
ATOM   274  C CB  . LEU A 1 56  ? 8.753   13.174  -14.912 0.50 23.26 ? 1347 LEU A CB  1 
ATOM   275  C CG  . LEU A 1 56  ? 7.404   12.893  -14.239 0.50 24.55 ? 1347 LEU A CG  1 
ATOM   276  C CD1 . LEU A 1 56  ? 6.393   13.987  -14.563 0.50 25.65 ? 1347 LEU A CD1 1 
ATOM   277  C CD2 . LEU A 1 56  ? 6.850   11.533  -14.642 0.50 25.78 ? 1347 LEU A CD2 1 
ATOM   278  N N   . LEU A 1 57  ? 12.138  12.507  -15.404 0.50 23.48 ? 1348 LEU A N   1 
ATOM   279  C CA  . LEU A 1 57  ? 13.339  12.429  -16.284 0.50 24.25 ? 1348 LEU A CA  1 
ATOM   280  C C   . LEU A 1 57  ? 13.691  10.964  -16.557 0.50 24.03 ? 1348 LEU A C   1 
ATOM   281  O O   . LEU A 1 57  ? 14.233  10.679  -17.648 0.50 23.62 ? 1348 LEU A O   1 
ATOM   282  C CB  . LEU A 1 57  ? 14.509  13.160  -15.625 0.50 24.59 ? 1348 LEU A CB  1 
ATOM   283  C CG  . LEU A 1 57  ? 14.321  14.668  -15.495 0.50 24.91 ? 1348 LEU A CG  1 
ATOM   284  C CD1 . LEU A 1 57  ? 15.553  15.303  -14.877 0.50 25.70 ? 1348 LEU A CD1 1 
ATOM   285  C CD2 . LEU A 1 57  ? 14.009  15.296  -16.846 0.50 26.24 ? 1348 LEU A CD2 1 
ATOM   286  N N   . GLU A 1 58  ? 13.386  10.075  -15.607 0.50 24.90 ? 1349 GLU A N   1 
ATOM   287  C CA  . GLU A 1 58  ? 13.597  8.611   -15.736 0.50 25.22 ? 1349 GLU A CA  1 
ATOM   288  C C   . GLU A 1 58  ? 12.430  7.972   -16.502 0.50 22.96 ? 1349 GLU A C   1 
ATOM   289  O O   . GLU A 1 58  ? 12.697  7.045   -17.295 0.50 24.49 ? 1349 GLU A O   1 
ATOM   290  C CB  . GLU A 1 58  ? 13.742  7.987   -14.354 0.50 26.46 ? 1349 GLU A CB  1 
ATOM   291  C CG  . GLU A 1 58  ? 14.935  8.509   -13.578 0.50 28.63 ? 1349 GLU A CG  1 
ATOM   292  C CD  . GLU A 1 58  ? 15.011  8.021   -12.142 0.50 30.65 ? 1349 GLU A CD  1 
ATOM   293  O OE1 . GLU A 1 58  ? 14.071  7.319   -11.706 0.50 31.84 ? 1349 GLU A OE1 1 
ATOM   294  O OE2 . GLU A 1 58  ? 16.010  8.340   -11.459 0.50 32.52 ? 1349 GLU A OE2 1 
ATOM   295  N N   . TYR A 1 59  ? 11.202  8.443   -16.263 0.50 22.45 ? 1350 TYR A N   1 
ATOM   296  C CA  . TYR A 1 59  ? 9.935   7.852   -16.774 0.50 20.55 ? 1350 TYR A CA  1 
ATOM   297  C C   . TYR A 1 59  ? 9.014   8.966   -17.265 0.50 22.07 ? 1350 TYR A C   1 
ATOM   298  O O   . TYR A 1 59  ? 7.966   9.233   -16.686 0.50 20.27 ? 1350 TYR A O   1 
ATOM   299  C CB  . TYR A 1 59  ? 9.291   7.015   -15.667 0.50 19.34 ? 1350 TYR A CB  1 
ATOM   300  C CG  . TYR A 1 59  ? 10.102  5.816   -15.249 0.50 17.39 ? 1350 TYR A CG  1 
ATOM   301  C CD1 . TYR A 1 59  ? 9.974   4.609   -15.909 0.50 17.36 ? 1350 TYR A CD1 1 
ATOM   302  C CD2 . TYR A 1 59  ? 11.009  5.888   -14.200 0.50 17.44 ? 1350 TYR A CD2 1 
ATOM   303  C CE1 . TYR A 1 59  ? 10.708  3.497   -15.530 0.50 17.81 ? 1350 TYR A CE1 1 
ATOM   304  C CE2 . TYR A 1 59  ? 11.783  4.800   -13.833 0.50 16.80 ? 1350 TYR A CE2 1 
ATOM   305  C CZ  . TYR A 1 59  ? 11.608  3.592   -14.483 0.50 16.90 ? 1350 TYR A CZ  1 
ATOM   306  O OH  . TYR A 1 59  ? 12.326  2.493   -14.111 0.50 17.16 ? 1350 TYR A OH  1 
ATOM   307  N N   . PRO A 1 60  ? 9.384   9.658   -18.364 1.00 22.91 ? 1351 PRO A N   1 
ATOM   308  C CA  . PRO A 1 60  ? 8.693   10.882  -18.738 1.00 21.53 ? 1351 PRO A CA  1 
ATOM   309  C C   . PRO A 1 60  ? 7.216   10.775  -19.129 1.00 21.10 ? 1351 PRO A C   1 
ATOM   310  O O   . PRO A 1 60  ? 6.527   11.757  -19.035 1.00 20.93 ? 1351 PRO A O   1 
ATOM   311  C CB  . PRO A 1 60  ? 9.534   11.409  -19.922 1.00 24.78 ? 1351 PRO A CB  1 
ATOM   312  C CG  . PRO A 1 60  ? 10.421  10.314  -20.366 1.00 25.81 ? 1351 PRO A CG  1 
ATOM   313  C CD  . PRO A 1 60  ? 10.493  9.283   -19.256 1.00 25.04 ? 1351 PRO A CD  1 
ATOM   314  N N   . ASP A 1 61  ? 6.758   9.577   -19.460 1.00 20.95 ? 1352 ASP A N   1 
ATOM   315  C CA  . ASP A 1 61  ? 5.327   9.385   -19.792 1.00 20.53 ? 1352 ASP A CA  1 
ATOM   316  C C   . ASP A 1 61  ? 4.477   8.934   -18.584 1.00 19.19 ? 1352 ASP A C   1 
ATOM   317  O O   . ASP A 1 61  ? 3.262   8.675   -18.742 1.00 17.52 ? 1352 ASP A O   1 
ATOM   318  C CB  . ASP A 1 61  ? 5.199   8.335   -20.892 1.00 23.03 ? 1352 ASP A CB  1 
ATOM   319  C CG  . ASP A 1 61  ? 5.718   6.991   -20.479 1.00 23.71 ? 1352 ASP A CG  1 
ATOM   320  O OD1 . ASP A 1 61  ? 6.537   6.950   -19.524 1.00 28.27 ? 1352 ASP A OD1 1 
ATOM   321  O OD2 . ASP A 1 61  ? 5.354   5.991   -21.123 1.00 31.73 ? 1352 ASP A OD2 1 
ATOM   322  N N   . TYR A 1 62  ? 5.053   8.890   -17.384 0.50 18.18 ? 1353 TYR A N   1 
ATOM   323  C CA  . TYR A 1 62  ? 4.406   8.163   -16.263 0.50 17.41 ? 1353 TYR A CA  1 
ATOM   324  C C   . TYR A 1 62  ? 3.037   8.793   -15.943 0.50 17.56 ? 1353 TYR A C   1 
ATOM   325  O O   . TYR A 1 62  ? 2.062   8.036   -15.703 0.50 17.35 ? 1353 TYR A O   1 
ATOM   326  C CB  . TYR A 1 62  ? 5.376   8.070   -15.088 0.50 16.37 ? 1353 TYR A CB  1 
ATOM   327  C CG  . TYR A 1 62  ? 4.829   7.288   -13.922 0.50 15.64 ? 1353 TYR A CG  1 
ATOM   328  C CD1 . TYR A 1 62  ? 4.917   5.913   -13.901 0.50 15.69 ? 1353 TYR A CD1 1 
ATOM   329  C CD2 . TYR A 1 62  ? 4.229   7.924   -12.846 0.50 15.69 ? 1353 TYR A CD2 1 
ATOM   330  C CE1 . TYR A 1 62  ? 4.405   5.178   -12.847 0.50 14.69 ? 1353 TYR A CE1 1 
ATOM   331  C CE2 . TYR A 1 62  ? 3.732   7.206   -11.766 0.50 15.07 ? 1353 TYR A CE2 1 
ATOM   332  C CZ  . TYR A 1 62  ? 3.802   5.829   -11.785 0.50 14.93 ? 1353 TYR A CZ  1 
ATOM   333  O OH  . TYR A 1 62  ? 3.287   5.116   -10.744 0.50 14.03 ? 1353 TYR A OH  1 
ATOM   334  N N   . ARG A 1 63  ? 2.920   10.125  -15.946 1.00 18.06 ? 1354 ARG A N   1 
ATOM   335  C CA  . ARG A 1 63  ? 1.668   10.823  -15.670 1.00 16.41 ? 1354 ARG A CA  1 
ATOM   336  C C   . ARG A 1 63  ? 0.703   10.859  -16.857 1.00 16.78 ? 1354 ARG A C   1 
ATOM   337  O O   . ARG A 1 63  ? -0.453  11.166  -16.624 1.00 19.19 ? 1354 ARG A O   1 
ATOM   338  C CB  . ARG A 1 63  ? 1.910   12.211  -15.096 1.00 19.59 ? 1354 ARG A CB  1 
ATOM   339  C CG  . ARG A 1 63  ? 2.624   12.156  -13.756 1.00 22.85 ? 1354 ARG A CG  1 
ATOM   340  C CD  . ARG A 1 63  ? 1.885   11.354  -12.692 1.00 23.90 ? 1354 ARG A CD  1 
ATOM   341  N NE  . ARG A 1 63  ? 0.567   11.901  -12.475 1.00 25.09 ? 1354 ARG A NE  1 
ATOM   342  C CZ  . ARG A 1 63  ? 0.316   12.958  -11.713 1.00 29.18 ? 1354 ARG A CZ  1 
ATOM   343  N NH1 . ARG A 1 63  ? 1.316   13.567  -11.093 1.00 28.83 ? 1354 ARG A NH1 1 
ATOM   344  N NH2 . ARG A 1 63  ? -0.915  13.401  -11.594 1.00 31.65 ? 1354 ARG A NH2 1 
ATOM   345  N N   . ASP A 1 64  ? 1.127   10.413  -18.025 1.00 17.26 ? 1355 ASP A N   1 
ATOM   346  C CA  . ASP A 1 64  ? 0.215   10.196  -19.176 1.00 18.43 ? 1355 ASP A CA  1 
ATOM   347  C C   . ASP A 1 64  ? -0.617  8.936   -18.925 1.00 18.32 ? 1355 ASP A C   1 
ATOM   348  O O   . ASP A 1 64  ? -1.728  8.853   -19.393 1.00 22.66 ? 1355 ASP A O   1 
ATOM   349  C CB  . ASP A 1 64  ? 0.969   9.972   -20.486 1.00 19.87 ? 1355 ASP A CB  1 
ATOM   350  C CG  . ASP A 1 64  ? 1.906   11.100  -20.907 1.00 23.72 ? 1355 ASP A CG  1 
ATOM   351  O OD1 . ASP A 1 64  ? 1.766   12.217  -20.380 1.00 25.39 ? 1355 ASP A OD1 1 
ATOM   352  O OD2 . ASP A 1 64  ? 2.851   10.799  -21.647 1.00 25.20 ? 1355 ASP A OD2 1 
ATOM   353  N N   A ILE A 1 65  ? -0.074  7.984   -18.172 0.26 17.41 ? 1356 ILE A N   1 
ATOM   354  N N   B ILE A 1 65  ? -0.012  7.981   -18.201 0.24 16.97 ? 1356 ILE A N   1 
ATOM   355  C CA  A ILE A 1 65  ? -0.729  6.668   -17.942 0.26 16.96 ? 1356 ILE A CA  1 
ATOM   356  C CA  B ILE A 1 65  ? -0.523  6.601   -17.956 0.24 16.14 ? 1356 ILE A CA  1 
ATOM   357  C C   A ILE A 1 65  ? -1.368  6.684   -16.558 0.26 16.12 ? 1356 ILE A C   1 
ATOM   358  C C   B ILE A 1 65  ? -1.229  6.561   -16.596 0.24 15.69 ? 1356 ILE A C   1 
ATOM   359  O O   A ILE A 1 65  ? -2.523  6.238   -16.421 0.26 17.42 ? 1356 ILE A O   1 
ATOM   360  O O   B ILE A 1 65  ? -2.280  5.887   -16.523 0.24 16.73 ? 1356 ILE A O   1 
ATOM   361  C CB  A ILE A 1 65  ? 0.310   5.553   -18.115 0.26 17.34 ? 1356 ILE A CB  1 
ATOM   362  C CB  B ILE A 1 65  ? 0.623   5.568   -18.035 0.24 16.12 ? 1356 ILE A CB  1 
ATOM   363  C CG1 A ILE A 1 65  ? 0.926   5.624   -19.514 0.26 17.25 ? 1356 ILE A CG1 1 
ATOM   364  C CG1 B ILE A 1 65  ? 1.484   5.731   -19.293 0.24 15.71 ? 1356 ILE A CG1 1 
ATOM   365  C CG2 A ILE A 1 65  ? -0.282  4.185   -17.828 0.26 16.96 ? 1356 ILE A CG2 1 
ATOM   366  C CG2 B ILE A 1 65  ? 0.089   4.149   -17.908 0.24 15.49 ? 1356 ILE A CG2 1 
ATOM   367  C CD1 A ILE A 1 65  ? 2.317   5.105   -19.593 0.26 17.73 ? 1356 ILE A CD1 1 
ATOM   368  C CD1 B ILE A 1 65  ? 0.716   5.699   -20.595 0.24 16.02 ? 1356 ILE A CD1 1 
ATOM   369  N N   . ILE A 1 66  ? -0.652  7.218   -15.579 1.00 15.38 ? 1357 ILE A N   1 
ATOM   370  C CA  . ILE A 1 66  ? -1.070  7.123   -14.156 1.00 16.39 ? 1357 ILE A CA  1 
ATOM   371  C C   . ILE A 1 66  ? -1.678  8.452   -13.726 1.00 16.59 ? 1357 ILE A C   1 
ATOM   372  O O   . ILE A 1 66  ? -0.907  9.432   -13.602 1.00 19.43 ? 1357 ILE A O   1 
ATOM   373  C CB  . ILE A 1 66  ? 0.125   6.701   -13.292 1.00 14.41 ? 1357 ILE A CB  1 
ATOM   374  C CG1 . ILE A 1 66  ? 0.676   5.344   -13.735 1.00 15.45 ? 1357 ILE A CG1 1 
ATOM   375  C CG2 . ILE A 1 66  ? -0.262  6.743   -11.826 1.00 15.60 ? 1357 ILE A CG2 1 
ATOM   376  C CD1 . ILE A 1 66  ? -0.299  4.249   -13.740 1.00 15.75 ? 1357 ILE A CD1 1 
ATOM   377  N N   . ASP A 1 67  ? -2.952  8.405   -13.385 1.00 19.54 ? 1358 ASP A N   1 
ATOM   378  C CA  . ASP A 1 67  ? -3.732  9.585   -12.949 1.00 22.05 ? 1358 ASP A CA  1 
ATOM   379  C C   . ASP A 1 67  ? -3.426  9.944   -11.507 1.00 19.03 ? 1358 ASP A C   1 
ATOM   380  O O   . ASP A 1 67  ? -3.463  11.109  -11.151 1.00 21.05 ? 1358 ASP A O   1 
ATOM   381  C CB  . ASP A 1 67  ? -5.229  9.287   -12.912 1.00 25.79 ? 1358 ASP A CB  1 
ATOM   382  C CG  . ASP A 1 67  ? -5.964  9.141   -14.228 1.00 34.96 ? 1358 ASP A CG  1 
ATOM   383  O OD1 . ASP A 1 67  ? -5.377  9.426   -15.287 1.00 37.06 ? 1358 ASP A OD1 1 
ATOM   384  O OD2 . ASP A 1 67  ? -7.117  8.704   -14.178 1.00 47.65 ? 1358 ASP A OD2 1 
ATOM   385  N N   . THR A 1 68  ? -3.257  8.939   -10.639 1.00 16.18 ? 1359 THR A N   1 
ATOM   386  C CA  . THR A 1 68  ? -3.162  9.190   -9.189  1.00 15.94 ? 1359 THR A CA  1 
ATOM   387  C C   . THR A 1 68  ? -1.950  8.430   -8.675  1.00 14.82 ? 1359 THR A C   1 
ATOM   388  O O   . THR A 1 68  ? -2.105  7.260   -8.298  1.00 14.66 ? 1359 THR A O   1 
ATOM   389  C CB  . THR A 1 68  ? -4.426  8.745   -8.442  1.00 17.45 ? 1359 THR A CB  1 
ATOM   390  O OG1 . THR A 1 68  ? -5.526  9.340   -9.148  1.00 21.93 ? 1359 THR A OG1 1 
ATOM   391  C CG2 . THR A 1 68  ? -4.450  9.138   -6.981  1.00 19.48 ? 1359 THR A CG2 1 
ATOM   392  N N   . PRO A 1 69  ? -0.774  9.057   -8.642  1.00 14.64 ? 1360 PRO A N   1 
ATOM   393  C CA  . PRO A 1 69  ? 0.408   8.419   -8.086  1.00 14.44 ? 1360 PRO A CA  1 
ATOM   394  C C   . PRO A 1 69  ? 0.212   8.100   -6.611  1.00 12.59 ? 1360 PRO A C   1 
ATOM   395  O O   . PRO A 1 69  ? -0.546  8.724   -5.889  1.00 13.38 ? 1360 PRO A O   1 
ATOM   396  C CB  . PRO A 1 69  ? 1.528   9.449   -8.262  1.00 16.17 ? 1360 PRO A CB  1 
ATOM   397  C CG  . PRO A 1 69  ? 1.034   10.279  -9.428  1.00 18.89 ? 1360 PRO A CG  1 
ATOM   398  C CD  . PRO A 1 69  ? -0.462  10.404  -9.198  1.00 16.43 ? 1360 PRO A CD  1 
ATOM   399  N N   . MET A 1 70  ? 0.896   7.049   -6.191  1.00 11.46 ? 1361 MET A N   1 
ATOM   400  C CA  . MET A 1 70  ? 0.861   6.671   -4.784  1.00 10.68 ? 1361 MET A CA  1 
ATOM   401  C C   . MET A 1 70  ? 2.147   5.906   -4.473  1.00 10.64 ? 1361 MET A C   1 
ATOM   402  O O   . MET A 1 70  ? 2.681   5.221   -5.319  1.00 10.96 ? 1361 MET A O   1 
ATOM   403  C CB  . MET A 1 70  ? -0.374  5.821   -4.465  1.00 11.43 ? 1361 MET A CB  1 
ATOM   404  C CG  . MET A 1 70  ? -0.583  5.558   -3.016  1.00 10.65 ? 1361 MET A CG  1 
ATOM   405  S SD  . MET A 1 70  ? -0.602  6.982   -1.909  1.00 12.01 ? 1361 MET A SD  1 
ATOM   406  C CE  . MET A 1 70  ? -1.900  8.009   -2.573  1.00 13.43 ? 1361 MET A CE  1 
ATOM   407  N N   . ASP A 1 71  ? 2.616   6.018   -3.251  1.00 10.05 ? 1362 ASP A N   1 
ATOM   408  C CA  . ASP A 1 71  ? 3.853   5.350   -2.835  1.00 10.91 ? 1362 ASP A CA  1 
ATOM   409  C C   . ASP A 1 71  ? 3.760   5.144   -1.328  1.00 10.20 ? 1362 ASP A C   1 
ATOM   410  O O   . ASP A 1 71  ? 2.862   5.713   -0.634  1.00 10.81 ? 1362 ASP A O   1 
ATOM   411  C CB  . ASP A 1 71  ? 5.043   6.230   -3.236  1.00 12.52 ? 1362 ASP A CB  1 
ATOM   412  C CG  . ASP A 1 71  ? 5.027   7.522   -2.442  1.00 17.10 ? 1362 ASP A CG  1 
ATOM   413  O OD1 . ASP A 1 71  ? 4.331   8.465   -2.868  1.00 20.40 ? 1362 ASP A OD1 1 
ATOM   414  O OD2 . ASP A 1 71  ? 5.484   7.491   -1.320  1.00 15.42 ? 1362 ASP A OD2 1 
ATOM   415  N N   . PHE A 1 72  ? 4.648   4.317   -0.774  1.00 9.89  ? 1363 PHE A N   1 
ATOM   416  C CA  . PHE A 1 72  ? 4.523   3.933   0.628   1.00 10.14 ? 1363 PHE A CA  1 
ATOM   417  C C   . PHE A 1 72  ? 4.902   5.054   1.571   1.00 11.92 ? 1363 PHE A C   1 
ATOM   418  O O   . PHE A 1 72  ? 4.429   5.027   2.691   1.00 11.98 ? 1363 PHE A O   1 
ATOM   419  C CB  . PHE A 1 72  ? 5.354   2.688   0.901   1.00 10.38 ? 1363 PHE A CB  1 
ATOM   420  C CG  . PHE A 1 72  ? 4.696   1.449   0.391   1.00 10.04 ? 1363 PHE A CG  1 
ATOM   421  C CD1 . PHE A 1 72  ? 3.631   0.925   1.054   1.00 10.73 ? 1363 PHE A CD1 1 
ATOM   422  C CD2 . PHE A 1 72  ? 5.183   0.775   -0.701  1.00 11.59 ? 1363 PHE A CD2 1 
ATOM   423  C CE1 . PHE A 1 72  ? 3.005   -0.204  0.598   1.00 11.75 ? 1363 PHE A CE1 1 
ATOM   424  C CE2 . PHE A 1 72  ? 4.569   -0.366  -1.148  1.00 10.96 ? 1363 PHE A CE2 1 
ATOM   425  C CZ  . PHE A 1 72  ? 3.460   -0.825  -0.528  1.00 10.56 ? 1363 PHE A CZ  1 
ATOM   426  N N   . ALA A 1 73  ? 5.748   5.992   1.149   1.00 10.45 ? 1364 ALA A N   1 
ATOM   427  C CA  . ALA A 1 73  ? 6.022   7.148   2.037   1.00 11.49 ? 1364 ALA A CA  1 
ATOM   428  C C   . ALA A 1 73  ? 4.779   8.019   2.177   1.00 11.81 ? 1364 ALA A C   1 
ATOM   429  O O   . ALA A 1 73  ? 4.433   8.450   3.293   1.00 12.29 ? 1364 ALA A O   1 
ATOM   430  C CB  . ALA A 1 73  ? 7.166   7.956   1.502   1.00 12.71 ? 1364 ALA A CB  1 
ATOM   431  N N   . THR A 1 74  ? 4.031   8.204   1.114   1.00 11.44 ? 1365 THR A N   1 
ATOM   432  C CA  . THR A 1 74  ? 2.767   8.942   1.170   1.00 11.47 ? 1365 THR A CA  1 
ATOM   433  C C   . THR A 1 74  ? 1.793   8.183   2.075   1.00 10.81 ? 1365 THR A C   1 
ATOM   434  O O   . THR A 1 74  ? 1.153   8.805   2.931   1.00 11.17 ? 1365 THR A O   1 
ATOM   435  C CB  . THR A 1 74  ? 2.160   9.179   -0.200  1.00 12.16 ? 1365 THR A CB  1 
ATOM   436  O OG1 . THR A 1 74  ? 3.128   9.965   -0.915  1.00 14.53 ? 1365 THR A OG1 1 
ATOM   437  C CG2 . THR A 1 74  ? 0.788   9.808   -0.135  1.00 12.99 ? 1365 THR A CG2 1 
ATOM   438  N N   . VAL A 1 75  ? 1.702   6.874   1.932   1.00 10.43 ? 1366 VAL A N   1 
ATOM   439  C CA  . VAL A 1 75  ? 0.795   6.108   2.830   1.00 10.01 ? 1366 VAL A CA  1 
ATOM   440  C C   . VAL A 1 75  ? 1.220   6.284   4.289   1.00 10.50 ? 1366 VAL A C   1 
ATOM   441  O O   . VAL A 1 75  ? 0.385   6.531   5.177   1.00 9.75  ? 1366 VAL A O   1 
ATOM   442  C CB  . VAL A 1 75  ? 0.732   4.638   2.392   1.00 10.63 ? 1366 VAL A CB  1 
ATOM   443  C CG1 . VAL A 1 75  ? -0.048  3.847   3.392   1.00 10.41 ? 1366 VAL A CG1 1 
ATOM   444  C CG2 . VAL A 1 75  ? 0.167   4.483   1.013   1.00 11.34 ? 1366 VAL A CG2 1 
ATOM   445  N N   . ARG A 1 76  ? 2.499   6.081   4.586   1.00 9.87  ? 1367 ARG A N   1 
ATOM   446  C CA  . ARG A 1 76  ? 2.964   6.221   5.970   1.00 11.97 ? 1367 ARG A CA  1 
ATOM   447  C C   . ARG A 1 76  ? 2.689   7.615   6.519   1.00 11.30 ? 1367 ARG A C   1 
ATOM   448  O O   . ARG A 1 76  ? 2.258   7.735   7.667   1.00 12.28 ? 1367 ARG A O   1 
ATOM   449  C CB  . ARG A 1 76  ? 4.453   5.911   6.036   1.00 13.76 ? 1367 ARG A CB  1 
ATOM   450  C CG  . ARG A 1 76  ? 5.037   5.942   7.429   1.00 17.52 ? 1367 ARG A CG  1 
ATOM   451  C CD  . ARG A 1 76  ? 6.524   5.719   7.253   1.00 23.42 ? 1367 ARG A CD  1 
ATOM   452  N NE  . ARG A 1 76  ? 6.878   4.383   7.575   1.00 23.73 ? 1367 ARG A NE  1 
ATOM   453  C CZ  . ARG A 1 76  ? 8.090   3.861   7.387   1.00 23.95 ? 1367 ARG A CZ  1 
ATOM   454  N NH1 . ARG A 1 76  ? 9.009   4.513   6.691   1.00 23.48 ? 1367 ARG A NH1 1 
ATOM   455  N NH2 . ARG A 1 76  ? 8.317   2.654   7.846   1.00 26.79 ? 1367 ARG A NH2 1 
ATOM   456  N N   . GLU A 1 77  ? 2.972   8.644   5.742   1.00 10.89 ? 1368 GLU A N   1 
ATOM   457  C CA  . GLU A 1 77  ? 2.770   10.032  6.174   1.00 11.74 ? 1368 GLU A CA  1 
ATOM   458  C C   . GLU A 1 77  ? 1.282   10.267  6.400   1.00 11.59 ? 1368 GLU A C   1 
ATOM   459  O O   . GLU A 1 77  ? 0.920   10.993  7.351   1.00 11.89 ? 1368 GLU A O   1 
ATOM   460  C CB  . GLU A 1 77  ? 3.330   10.981  5.137   1.00 15.38 ? 1368 GLU A CB  1 
ATOM   461  C CG  . GLU A 1 77  ? 4.848   11.020  5.138   1.00 19.49 ? 1368 GLU A CG  1 
ATOM   462  C CD  . GLU A 1 77  ? 5.474   11.683  3.929   1.00 29.03 ? 1368 GLU A CD  1 
ATOM   463  O OE1 . GLU A 1 77  ? 4.786   12.513  3.274   1.00 31.63 ? 1368 GLU A OE1 1 
ATOM   464  O OE2 . GLU A 1 77  ? 6.683   11.401  3.676   1.00 41.50 ? 1368 GLU A OE2 1 
ATOM   465  N N   . THR A 1 78  ? 0.419   9.768   5.529   1.00 11.31 ? 1369 THR A N   1 
ATOM   466  C CA  . THR A 1 78  ? -1.048  9.949   5.697   1.00 10.34 ? 1369 THR A CA  1 
ATOM   467  C C   . THR A 1 78  ? -1.480  9.282   7.001   1.00 11.13 ? 1369 THR A C   1 
ATOM   468  O O   . THR A 1 78  ? -2.256  9.867   7.824   1.00 11.61 ? 1369 THR A O   1 
ATOM   469  C CB  . THR A 1 78  ? -1.779  9.372   4.492   1.00 11.43 ? 1369 THR A CB  1 
ATOM   470  O OG1 . THR A 1 78  ? -1.292  10.011  3.312   1.00 11.50 ? 1369 THR A OG1 1 
ATOM   471  C CG2 . THR A 1 78  ? -3.257  9.549   4.615   1.00 11.41 ? 1369 THR A CG2 1 
ATOM   472  N N   . LEU A 1 79  ? -0.992  8.074   7.252   1.00 10.05 ? 1370 LEU A N   1 
ATOM   473  C CA  . LEU A 1 79  ? -1.311  7.362   8.492   1.00 10.19 ? 1370 LEU A CA  1 
ATOM   474  C C   . LEU A 1 79  ? -0.831  8.172   9.692   1.00 10.46 ? 1370 LEU A C   1 
ATOM   475  O O   . LEU A 1 79  ? -1.634  8.415   10.671  1.00 11.09 ? 1370 LEU A O   1 
ATOM   476  C CB  . LEU A 1 79  ? -0.646  5.991   8.418   1.00 9.97  ? 1370 LEU A CB  1 
ATOM   477  C CG  . LEU A 1 79  ? -0.973  5.097   9.611   1.00 10.65 ? 1370 LEU A CG  1 
ATOM   478  C CD1 . LEU A 1 79  ? -2.451  4.733   9.677   1.00 10.48 ? 1370 LEU A CD1 1 
ATOM   479  C CD2 . LEU A 1 79  ? -0.111  3.842   9.530   1.00 11.48 ? 1370 LEU A CD2 1 
ATOM   480  N N   . GLU A 1 80  ? 0.430   8.593   9.667   1.00 11.58 ? 1371 GLU A N   1 
ATOM   481  C CA  . GLU A 1 80  ? 1.037   9.282   10.829  1.00 13.90 ? 1371 GLU A CA  1 
ATOM   482  C C   . GLU A 1 80  ? 0.410   10.656  11.033  1.00 13.11 ? 1371 GLU A C   1 
ATOM   483  O O   . GLU A 1 80  ? 0.396   11.094  12.162  1.00 14.66 ? 1371 GLU A O   1 
ATOM   484  C CB  . GLU A 1 80  ? 2.554   9.365   10.662  1.00 14.62 ? 1371 GLU A CB  1 
ATOM   485  C CG  . GLU A 1 80  ? 3.200   7.975   10.704  1.00 20.34 ? 1371 GLU A CG  1 
ATOM   486  C CD  . GLU A 1 80  ? 2.819   7.161   11.943  1.00 29.48 ? 1371 GLU A CD  1 
ATOM   487  O OE1 . GLU A 1 80  ? 3.610   7.252   12.902  1.00 38.59 ? 1371 GLU A OE1 1 
ATOM   488  O OE2 . GLU A 1 80  ? 1.714   6.471   11.999  1.00 26.95 ? 1371 GLU A OE2 1 
ATOM   489  N N   . ALA A 1 81  ? -0.118  11.293  10.022  1.00 12.46 ? 1372 ALA A N   1 
ATOM   490  C CA  . ALA A 1 81  ? -0.852  12.574  10.118  1.00 13.38 ? 1372 ALA A CA  1 
ATOM   491  C C   . ALA A 1 81  ? -2.217  12.405  10.763  1.00 14.14 ? 1372 ALA A C   1 
ATOM   492  O O   . ALA A 1 81  ? -2.877  13.379  11.083  1.00 14.32 ? 1372 ALA A O   1 
ATOM   493  C CB  . ALA A 1 81  ? -0.984  13.207  8.766   1.00 14.50 ? 1372 ALA A CB  1 
ATOM   494  N N   . GLY A 1 82  ? -2.683  11.162  10.894  1.00 11.81 ? 1373 GLY A N   1 
ATOM   495  C CA  . GLY A 1 82  ? -4.050  10.953  11.340  1.00 10.97 ? 1373 GLY A CA  1 
ATOM   496  C C   . GLY A 1 82  ? -5.038  11.274  10.274  1.00 10.96 ? 1373 GLY A C   1 
ATOM   497  O O   . GLY A 1 82  ? -6.128  11.746  10.559  1.00 11.94 ? 1373 GLY A O   1 
ATOM   498  N N   . ASN A 1 83  ? -4.724  10.933  9.010   1.00 10.63 ? 1374 ASN A N   1 
ATOM   499  C CA  . ASN A 1 83  ? -5.597  11.233  7.874   1.00 10.68 ? 1374 ASN A CA  1 
ATOM   500  C C   . ASN A 1 83  ? -6.147  9.972   7.180   1.00 10.82 ? 1374 ASN A C   1 
ATOM   501  O O   . ASN A 1 83  ? -6.788  10.078  6.168   1.00 11.72 ? 1374 ASN A O   1 
ATOM   502  C CB  . ASN A 1 83  ? -4.854  12.100  6.891   1.00 11.73 ? 1374 ASN A CB  1 
ATOM   503  C CG  . ASN A 1 83  ? -4.648  13.502  7.414   1.00 13.67 ? 1374 ASN A CG  1 
ATOM   504  O OD1 . ASN A 1 83  ? -5.166  13.962  8.447   1.00 15.62 ? 1374 ASN A OD1 1 
ATOM   505  N ND2 . ASN A 1 83  ? -3.906  14.236  6.623   1.00 15.26 ? 1374 ASN A ND2 1 
ATOM   506  N N   . TYR A 1 84  ? -6.003  8.839   7.870   1.00 11.36 ? 1375 TYR A N   1 
ATOM   507  C CA  . TYR A 1 84  ? -6.824  7.656   7.561   1.00 11.03 ? 1375 TYR A CA  1 
ATOM   508  C C   . TYR A 1 84  ? -7.826  7.476   8.682   1.00 11.24 ? 1375 TYR A C   1 
ATOM   509  O O   . TYR A 1 84  ? -7.420  7.505   9.832   1.00 11.58 ? 1375 TYR A O   1 
ATOM   510  C CB  . TYR A 1 84  ? -5.989  6.384   7.378   1.00 10.12 ? 1375 TYR A CB  1 
ATOM   511  C CG  . TYR A 1 84  ? -5.176  6.341   6.123   1.00 9.58  ? 1375 TYR A CG  1 
ATOM   512  C CD1 . TYR A 1 84  ? -5.731  6.551   4.892   1.00 9.15  ? 1375 TYR A CD1 1 
ATOM   513  C CD2 . TYR A 1 84  ? -3.830  6.067   6.177   1.00 10.14 ? 1375 TYR A CD2 1 
ATOM   514  C CE1 . TYR A 1 84  ? -4.966  6.461   3.751   1.00 9.05  ? 1375 TYR A CE1 1 
ATOM   515  C CE2 . TYR A 1 84  ? -3.055  5.980   5.056   1.00 9.54  ? 1375 TYR A CE2 1 
ATOM   516  C CZ  . TYR A 1 84  ? -3.625  6.198   3.826   1.00 9.41  ? 1375 TYR A CZ  1 
ATOM   517  O OH  . TYR A 1 84  ? -2.813  6.140   2.743   1.00 10.87 ? 1375 TYR A OH  1 
ATOM   518  N N   . GLU A 1 85  ? -9.073  7.249   8.317   1.00 12.11 ? 1376 GLU A N   1 
ATOM   519  C CA  . GLU A 1 85  ? -10.093 6.934   9.344   1.00 13.09 ? 1376 GLU A CA  1 
ATOM   520  C C   . GLU A 1 85  ? -10.169 5.432   9.598   1.00 13.19 ? 1376 GLU A C   1 
ATOM   521  O O   . GLU A 1 85  ? -10.680 5.031   10.635  1.00 16.64 ? 1376 GLU A O   1 
ATOM   522  C CB  . GLU A 1 85  ? -11.447 7.464   8.917   1.00 16.12 ? 1376 GLU A CB  1 
ATOM   523  C CG  . GLU A 1 85  ? -12.476 7.234   9.997   1.00 21.30 ? 1376 GLU A CG  1 
ATOM   524  C CD  . GLU A 1 85  ? -13.797 7.874   9.686   1.00 24.73 ? 1376 GLU A CD  1 
ATOM   525  O OE1 . GLU A 1 85  ? -14.025 8.161   8.488   1.00 30.05 ? 1376 GLU A OE1 1 
ATOM   526  O OE2 . GLU A 1 85  ? -14.532 8.163   10.698  1.00 32.42 ? 1376 GLU A OE2 1 
ATOM   527  N N   . SER A 1 86  ? -9.738  4.597   8.644   1.00 11.55 ? 1377 SER A N   1 
ATOM   528  C CA  . SER A 1 86  ? -9.915  3.140   8.765   1.00 11.49 ? 1377 SER A CA  1 
ATOM   529  C C   . SER A 1 86  ? -8.787  2.478   8.015   1.00 10.30 ? 1377 SER A C   1 
ATOM   530  O O   . SER A 1 86  ? -8.173  3.054   7.112   1.00 10.95 ? 1377 SER A O   1 
ATOM   531  C CB  . SER A 1 86  ? -11.205 2.696   8.176   1.00 11.32 ? 1377 SER A CB  1 
ATOM   532  O OG  . SER A 1 86  ? -11.203 2.875   6.775   1.00 12.49 ? 1377 SER A OG  1 
ATOM   533  N N   . PRO A 1 87  ? -8.519  1.201   8.324   1.00 10.46 ? 1378 PRO A N   1 
ATOM   534  C CA  . PRO A 1 87  ? -7.523  0.468   7.556   1.00 10.60 ? 1378 PRO A CA  1 
ATOM   535  C C   . PRO A 1 87  ? -7.999  0.203   6.137   1.00 10.06 ? 1378 PRO A C   1 
ATOM   536  O O   . PRO A 1 87  ? -7.164  -0.024  5.288   1.00 9.42  ? 1378 PRO A O   1 
ATOM   537  C CB  . PRO A 1 87  ? -7.338  -0.846  8.334   1.00 10.23 ? 1378 PRO A CB  1 
ATOM   538  C CG  . PRO A 1 87  ? -8.658  -1.011  9.103   1.00 10.90 ? 1378 PRO A CG  1 
ATOM   539  C CD  . PRO A 1 87  ? -9.074  0.405   9.432   1.00 11.03 ? 1378 PRO A CD  1 
ATOM   540  N N   . MET A 1 88  ? -9.287  0.248   5.858   1.00 9.06  ? 1379 MET A N   1 
ATOM   541  C CA  . MET A 1 88  ? -9.781  0.107   4.481   1.00 9.12  ? 1379 MET A CA  1 
ATOM   542  C C   . MET A 1 88  ? -9.243  1.219   3.591   1.00 9.22  ? 1379 MET A C   1 
ATOM   543  O O   . MET A 1 88  ? -8.892  0.996   2.448   1.00 9.98  ? 1379 MET A O   1 
ATOM   544  C CB  . MET A 1 88  ? -11.319 0.065   4.406   1.00 10.45 ? 1379 MET A CB  1 
ATOM   545  C CG  . MET A 1 88  ? -11.903 -1.135  5.116   1.00 11.49 ? 1379 MET A CG  1 
ATOM   546  S SD  . MET A 1 88  ? -12.107 -0.986  6.913   1.00 12.79 ? 1379 MET A SD  1 
ATOM   547  C CE  . MET A 1 88  ? -13.607 -0.021  6.943   1.00 15.53 ? 1379 MET A CE  1 
ATOM   548  N N   . GLU A 1 89  ? -9.203  2.430   4.140   1.00 9.52  ? 1380 GLU A N   1 
ATOM   549  C CA  . GLU A 1 89  ? -8.715  3.539   3.327   1.00 9.61  ? 1380 GLU A CA  1 
ATOM   550  C C   . GLU A 1 89  ? -7.228  3.339   3.048   1.00 9.32  ? 1380 GLU A C   1 
ATOM   551  O O   . GLU A 1 89  ? -6.763  3.619   1.947   1.00 9.81  ? 1380 GLU A O   1 
ATOM   552  C CB  . GLU A 1 89  ? -8.887  4.844   4.108   1.00 10.09 ? 1380 GLU A CB  1 
ATOM   553  C CG  . GLU A 1 89  ? -10.315 5.286   4.253   1.00 10.95 ? 1380 GLU A CG  1 
ATOM   554  C CD  . GLU A 1 89  ? -10.460 6.568   5.030   1.00 12.35 ? 1380 GLU A CD  1 
ATOM   555  O OE1 . GLU A 1 89  ? -9.494  7.017   5.571   1.00 12.74 ? 1380 GLU A OE1 1 
ATOM   556  O OE2 . GLU A 1 89  ? -11.570 7.106   5.002   1.00 17.54 ? 1380 GLU A OE2 1 
ATOM   557  N N   . LEU A 1 90  ? -6.448  2.939   4.045   1.00 9.06  ? 1381 LEU A N   1 
ATOM   558  C CA  . LEU A 1 90  ? -5.010  2.669   3.849   1.00 9.47  ? 1381 LEU A CA  1 
ATOM   559  C C   . LEU A 1 90  ? -4.836  1.592   2.792   1.00 9.93  ? 1381 LEU A C   1 
ATOM   560  O O   . LEU A 1 90  ? -3.986  1.675   1.908   1.00 9.58  ? 1381 LEU A O   1 
ATOM   561  C CB  . LEU A 1 90  ? -4.378  2.260   5.177   1.00 9.87  ? 1381 LEU A CB  1 
ATOM   562  C CG  . LEU A 1 90  ? -2.891  1.907   5.103   1.00 10.24 ? 1381 LEU A CG  1 
ATOM   563  C CD1 . LEU A 1 90  ? -2.147  2.385   6.326   1.00 10.72 ? 1381 LEU A CD1 1 
ATOM   564  C CD2 . LEU A 1 90  ? -2.638  0.414   4.863   1.00 10.58 ? 1381 LEU A CD2 1 
ATOM   565  N N   . CYS A 1 91  ? -5.640  0.544   2.914   0.50 10.06 ? 1382 CYS A N   1 
ATOM   566  C CA  . CYS A 1 91  ? -5.587  -0.611  1.998   0.50 10.62 ? 1382 CYS A CA  1 
ATOM   567  C C   . CYS A 1 91  ? -5.878  -0.135  0.568   0.50 10.37 ? 1382 CYS A C   1 
ATOM   568  O O   . CYS A 1 91  ? -5.204  -0.610  -0.370  0.50 10.85 ? 1382 CYS A O   1 
ATOM   569  C CB  . CYS A 1 91  ? -6.548  -1.679  2.502   0.50 10.96 ? 1382 CYS A CB  1 
ATOM   570  S SG  . CYS A 1 91  ? -6.391  -3.236  1.599   0.50 12.14 ? 1382 CYS A SG  1 
ATOM   571  N N   . LYS A 1 92  ? -6.834  0.782   0.382   1.00 9.95  ? 1383 LYS A N   1 
ATOM   572  C CA  . LYS A 1 92  ? -7.145  1.290   -0.939  1.00 11.27 ? 1383 LYS A CA  1 
ATOM   573  C C   . LYS A 1 92  ? -5.921  2.002   -1.525  1.00 10.13 ? 1383 LYS A C   1 
ATOM   574  O O   . LYS A 1 92  ? -5.586  1.813   -2.688  1.00 10.96 ? 1383 LYS A O   1 
ATOM   575  C CB  . LYS A 1 92  ? -8.367  2.193   -0.829  1.00 12.71 ? 1383 LYS A CB  1 
ATOM   576  C CG  . LYS A 1 92  ? -8.780  2.808   -2.147  1.00 15.87 ? 1383 LYS A CG  1 
ATOM   577  C CD  . LYS A 1 92  ? -10.079 3.586   -2.020  1.00 19.12 ? 1383 LYS A CD  1 
ATOM   578  C CE  . LYS A 1 92  ? -10.257 4.499   -3.216  1.00 26.93 ? 1383 LYS A CE  1 
ATOM   579  N NZ  . LYS A 1 92  ? -11.546 5.237   -3.168  1.00 30.85 ? 1383 LYS A NZ  1 
ATOM   580  N N   . ASP A 1 93  ? -5.233  2.811   -0.743  1.00 9.81  ? 1384 ASP A N   1 
ATOM   581  C CA  . ASP A 1 93  ? -4.042  3.523   -1.229  1.00 9.74  ? 1384 ASP A CA  1 
ATOM   582  C C   . ASP A 1 93  ? -2.896  2.534   -1.545  1.00 9.47  ? 1384 ASP A C   1 
ATOM   583  O O   . ASP A 1 93  ? -2.230  2.652   -2.553  1.00 8.95  ? 1384 ASP A O   1 
ATOM   584  C CB  . ASP A 1 93  ? -3.588  4.600   -0.276  1.00 9.93  ? 1384 ASP A CB  1 
ATOM   585  C CG  . ASP A 1 93  ? -4.417  5.859   -0.304  1.00 13.44 ? 1384 ASP A CG  1 
ATOM   586  O OD1 . ASP A 1 93  ? -5.245  5.985   -1.230  1.00 15.30 ? 1384 ASP A OD1 1 
ATOM   587  O OD2 . ASP A 1 93  ? -4.211  6.692   0.614   1.00 12.24 ? 1384 ASP A OD2 1 
ATOM   588  N N   . VAL A 1 94  ? -2.695  1.527   -0.705  1.00 9.02  ? 1385 VAL A N   1 
ATOM   589  C CA  . VAL A 1 94  ? -1.620  0.554   -0.982  1.00 8.73  ? 1385 VAL A CA  1 
ATOM   590  C C   . VAL A 1 94  ? -1.976  -0.204  -2.251  1.00 8.78  ? 1385 VAL A C   1 
ATOM   591  O O   . VAL A 1 94  ? -1.128  -0.392  -3.107  1.00 9.52  ? 1385 VAL A O   1 
ATOM   592  C CB  . VAL A 1 94  ? -1.420  -0.386  0.192   1.00 9.48  ? 1385 VAL A CB  1 
ATOM   593  C CG1 . VAL A 1 94  ? -0.496  -1.508  -0.165  1.00 9.16  ? 1385 VAL A CG1 1 
ATOM   594  C CG2 . VAL A 1 94  ? -0.855  0.357   1.402   1.00 9.66  ? 1385 VAL A CG2 1 
ATOM   595  N N   . ARG A 1 95  ? -3.249  -0.580  -2.422  1.00 8.71  ? 1386 ARG A N   1 
ATOM   596  C CA  . ARG A 1 95  ? -3.615  -1.307  -3.638  1.00 8.95  ? 1386 ARG A CA  1 
ATOM   597  C C   . ARG A 1 95  ? -3.404  -0.432  -4.865  1.00 9.33  ? 1386 ARG A C   1 
ATOM   598  O O   . ARG A 1 95  ? -3.091  -0.943  -5.937  1.00 9.45  ? 1386 ARG A O   1 
ATOM   599  C CB  . ARG A 1 95  ? -5.031  -1.829  -3.484  1.00 9.46  ? 1386 ARG A CB  1 
ATOM   600  C CG  . ARG A 1 95  ? -5.081  -3.036  -2.575  1.00 10.46 ? 1386 ARG A CG  1 
ATOM   601  C CD  . ARG A 1 95  ? -6.503  -3.406  -2.219  1.00 11.86 ? 1386 ARG A CD  1 
ATOM   602  N NE  . ARG A 1 95  ? -6.527  -4.566  -1.378  1.00 12.83 ? 1386 ARG A NE  1 
ATOM   603  C CZ  . ARG A 1 95  ? -7.638  -5.075  -0.848  1.00 16.16 ? 1386 ARG A CZ  1 
ATOM   604  N NH1 . ARG A 1 95  ? -8.801  -4.428  -0.985  1.00 15.76 ? 1386 ARG A NH1 1 
ATOM   605  N NH2 . ARG A 1 95  ? -7.581  -6.186  -0.128  1.00 16.64 ? 1386 ARG A NH2 1 
ATOM   606  N N   . LEU A 1 96  ? -3.587  0.875   -4.751  1.00 9.32  ? 1387 LEU A N   1 
ATOM   607  C CA  . LEU A 1 96  ? -3.320  1.841   -5.848  1.00 9.70  ? 1387 LEU A CA  1 
ATOM   608  C C   . LEU A 1 96  ? -1.828  1.812   -6.220  1.00 8.88  ? 1387 LEU A C   1 
ATOM   609  O O   . LEU A 1 96  ? -1.503  1.908   -7.373  1.00 9.29  ? 1387 LEU A O   1 
ATOM   610  C CB  . LEU A 1 96  ? -3.746  3.225   -5.399  1.00 9.76  ? 1387 LEU A CB  1 
ATOM   611  C CG  . LEU A 1 96  ? -3.526  4.330   -6.407  1.00 11.29 ? 1387 LEU A CG  1 
ATOM   612  C CD1 . LEU A 1 96  ? -4.295  4.077   -7.670  1.00 12.07 ? 1387 LEU A CD1 1 
ATOM   613  C CD2 . LEU A 1 96  ? -3.998  5.644   -5.811  1.00 11.81 ? 1387 LEU A CD2 1 
ATOM   614  N N   . ILE A 1 97  ? -0.933  1.666   -5.237  1.00 9.15  ? 1388 ILE A N   1 
ATOM   615  C CA  . ILE A 1 97  ? 0.504   1.517   -5.598  1.00 8.74  ? 1388 ILE A CA  1 
ATOM   616  C C   . ILE A 1 97  ? 0.627   0.357   -6.568  1.00 8.79  ? 1388 ILE A C   1 
ATOM   617  O O   . ILE A 1 97  ? 1.354   0.458   -7.591  1.00 9.96  ? 1388 ILE A O   1 
ATOM   618  C CB  . ILE A 1 97  ? 1.360   1.303   -4.341  1.00 9.50  ? 1388 ILE A CB  1 
ATOM   619  C CG1 . ILE A 1 97  ? 1.255   2.492   -3.377  1.00 9.19  ? 1388 ILE A CG1 1 
ATOM   620  C CG2 . ILE A 1 97  ? 2.785   0.997   -4.739  1.00 10.45 ? 1388 ILE A CG2 1 
ATOM   621  C CD1 . ILE A 1 97  ? 1.874   2.289   -2.040  1.00 9.66  ? 1388 ILE A CD1 1 
ATOM   622  N N   . PHE A 1 98  ? 0.010   -0.751  -6.236  1.00 9.00  ? 1389 PHE A N   1 
ATOM   623  C CA  . PHE A 1 98  ? 0.203   -1.951  -7.054  1.00 9.82  ? 1389 PHE A CA  1 
ATOM   624  C C   . PHE A 1 98  ? -0.549  -1.826  -8.365  1.00 9.80  ? 1389 PHE A C   1 
ATOM   625  O O   . PHE A 1 98  ? -0.041  -2.257  -9.387  1.00 10.24 ? 1389 PHE A O   1 
ATOM   626  C CB  . PHE A 1 98  ? -0.214  -3.182  -6.263  1.00 10.08 ? 1389 PHE A CB  1 
ATOM   627  C CG  . PHE A 1 98  ? 0.558   -3.326  -4.980  1.00 11.05 ? 1389 PHE A CG  1 
ATOM   628  C CD1 . PHE A 1 98  ? 1.943   -3.263  -4.983  1.00 12.86 ? 1389 PHE A CD1 1 
ATOM   629  C CD2 . PHE A 1 98  ? -0.095  -3.593  -3.802  1.00 11.89 ? 1389 PHE A CD2 1 
ATOM   630  C CE1 . PHE A 1 98  ? 2.663   -3.424  -3.798  1.00 13.91 ? 1389 PHE A CE1 1 
ATOM   631  C CE2 . PHE A 1 98  ? 0.662   -3.779  -2.641  1.00 12.54 ? 1389 PHE A CE2 1 
ATOM   632  C CZ  . PHE A 1 98  ? 1.996   -3.672  -2.652  1.00 13.11 ? 1389 PHE A CZ  1 
ATOM   633  N N   . SER A 1 99  ? -1.753  -1.275  -8.385  1.00 10.02 ? 1390 SER A N   1 
ATOM   634  C CA  . SER A 1 99  ? -2.459  -1.156  -9.681  1.00 10.57 ? 1390 SER A CA  1 
ATOM   635  C C   . SER A 1 99  ? -1.752  -0.162  -10.585 1.00 10.65 ? 1390 SER A C   1 
ATOM   636  O O   . SER A 1 99  ? -1.729  -0.372  -11.823 1.00 10.97 ? 1390 SER A O   1 
ATOM   637  C CB  . SER A 1 99  ? -3.901  -0.771  -9.500  1.00 11.28 ? 1390 SER A CB  1 
ATOM   638  O OG  . SER A 1 99  ? -4.098  0.420   -8.834  1.00 12.48 ? 1390 SER A OG  1 
ATOM   639  N N   . ASN A 1 100 ? -1.155  0.878   -10.044 1.00 10.03 ? 1391 ASN A N   1 
ATOM   640  C CA  . ASN A 1 100 ? -0.338  1.786   -10.860 1.00 10.22 ? 1391 ASN A CA  1 
ATOM   641  C C   . ASN A 1 100 ? 0.818   1.029   -11.486 1.00 10.40 ? 1391 ASN A C   1 
ATOM   642  O O   . ASN A 1 100 ? 1.131   1.233   -12.662 1.00 11.36 ? 1391 ASN A O   1 
ATOM   643  C CB  . ASN A 1 100 ? 0.178   2.955   -10.055 1.00 10.34 ? 1391 ASN A CB  1 
ATOM   644  C CG  . ASN A 1 100 ? -0.885  3.960   -9.698  1.00 10.34 ? 1391 ASN A CG  1 
ATOM   645  O OD1 . ASN A 1 100 ? -1.965  3.958   -10.276 1.00 11.37 ? 1391 ASN A OD1 1 
ATOM   646  N ND2 . ASN A 1 100 ? -0.559  4.878   -8.831  1.00 11.45 ? 1391 ASN A ND2 1 
ATOM   647  N N   . SER A 1 101 ? 1.498   0.180   -10.746 1.00 10.81 ? 1392 SER A N   1 
ATOM   648  C CA  . SER A 1 101 ? 2.614   -0.584  -11.308 1.00 10.96 ? 1392 SER A CA  1 
ATOM   649  C C   . SER A 1 101 ? 2.127   -1.489  -12.422 1.00 10.67 ? 1392 SER A C   1 
ATOM   650  O O   . SER A 1 101 ? 2.756   -1.588  -13.502 1.00 11.56 ? 1392 SER A O   1 
ATOM   651  C CB  . SER A 1 101 ? 3.300   -1.342  -10.209 1.00 9.94  ? 1392 SER A CB  1 
ATOM   652  O OG  . SER A 1 101 ? 4.474   -1.961  -10.721 1.00 11.17 ? 1392 SER A OG  1 
ATOM   653  N N   . LYS A 1 102 ? 1.009   -2.159  -12.255 1.00 10.65 ? 1393 LYS A N   1 
ATOM   654  C CA  . LYS A 1 102 ? 0.437   -3.029  -13.307 1.00 11.65 ? 1393 LYS A CA  1 
ATOM   655  C C   . LYS A 1 102 ? 0.051   -2.205  -14.521 1.00 13.04 ? 1393 LYS A C   1 
ATOM   656  O O   . LYS A 1 102 ? 0.271   -2.715  -15.646 1.00 13.95 ? 1393 LYS A O   1 
ATOM   657  C CB  . LYS A 1 102 ? -0.760  -3.750  -12.732 1.00 11.28 ? 1393 LYS A CB  1 
ATOM   658  C CG  . LYS A 1 102 ? -1.323  -4.856  -13.599 1.00 12.91 ? 1393 LYS A CG  1 
ATOM   659  C CD  . LYS A 1 102 ? -2.391  -5.613  -12.923 1.00 13.78 ? 1393 LYS A CD  1 
ATOM   660  C CE  . LYS A 1 102 ? -2.817  -6.777  -13.779 1.00 15.05 ? 1393 LYS A CE  1 
ATOM   661  N NZ  . LYS A 1 102 ? -3.871  -7.570  -13.127 1.00 17.60 ? 1393 LYS A NZ  1 
ATOM   662  N N   . ALA A 1 103 ? -0.477  -1.008  -14.340 1.00 12.38 ? 1394 ALA A N   1 
ATOM   663  C CA  . ALA A 1 103 ? -0.903  -0.161  -15.460 1.00 13.35 ? 1394 ALA A CA  1 
ATOM   664  C C   . ALA A 1 103 ? 0.326   0.348   -16.184 1.00 13.49 ? 1394 ALA A C   1 
ATOM   665  O O   . ALA A 1 103 ? 0.293   0.522   -17.431 1.00 14.61 ? 1394 ALA A O   1 
ATOM   666  C CB  . ALA A 1 103 ? -1.758  0.941   -14.923 1.00 13.34 ? 1394 ALA A CB  1 
ATOM   667  N N   . TYR A 1 104 ? 1.390   0.685   -15.476 1.00 12.35 ? 1395 TYR A N   1 
ATOM   668  C CA  . TYR A 1 104 ? 2.556   1.338   -16.111 1.00 12.95 ? 1395 TYR A CA  1 
ATOM   669  C C   . TYR A 1 104 ? 3.486   0.321   -16.760 1.00 13.10 ? 1395 TYR A C   1 
ATOM   670  O O   . TYR A 1 104 ? 4.248   0.644   -17.679 1.00 13.46 ? 1395 TYR A O   1 
ATOM   671  C CB  . TYR A 1 104 ? 3.322   2.198   -15.119 1.00 12.64 ? 1395 TYR A CB  1 
ATOM   672  C CG  . TYR A 1 104 ? 4.335   3.020   -15.843 1.00 15.01 ? 1395 TYR A CG  1 
ATOM   673  C CD1 . TYR A 1 104 ? 3.986   4.041   -16.707 1.00 14.78 ? 1395 TYR A CD1 1 
ATOM   674  C CD2 . TYR A 1 104 ? 5.663   2.684   -15.704 1.00 18.18 ? 1395 TYR A CD2 1 
ATOM   675  C CE1 . TYR A 1 104 ? 4.949   4.718   -17.449 1.00 16.10 ? 1395 TYR A CE1 1 
ATOM   676  C CE2 . TYR A 1 104 ? 6.636   3.335   -16.430 1.00 17.78 ? 1395 TYR A CE2 1 
ATOM   677  C CZ  . TYR A 1 104 ? 6.277   4.383   -17.250 1.00 17.04 ? 1395 TYR A CZ  1 
ATOM   678  O OH  . TYR A 1 104 ? 7.273   4.995   -17.941 1.00 19.62 ? 1395 TYR A OH  1 
ATOM   679  N N   . THR A 1 105 ? 3.474   -0.925  -16.318 1.00 13.50 ? 1396 THR A N   1 
ATOM   680  C CA  . THR A 1 105 ? 4.472   -1.893  -16.801 1.00 12.87 ? 1396 THR A CA  1 
ATOM   681  C C   . THR A 1 105 ? 4.261   -2.223  -18.285 1.00 15.28 ? 1396 THR A C   1 
ATOM   682  O O   . THR A 1 105 ? 3.135   -2.396  -18.746 1.00 15.05 ? 1396 THR A O   1 
ATOM   683  C CB  . THR A 1 105 ? 4.464   -3.164  -15.962 1.00 12.89 ? 1396 THR A CB  1 
ATOM   684  O OG1 . THR A 1 105 ? 5.648   -3.891  -16.302 1.00 13.85 ? 1396 THR A OG1 1 
ATOM   685  C CG2 . THR A 1 105 ? 3.267   -4.043  -16.202 1.00 13.81 ? 1396 THR A CG2 1 
ATOM   686  N N   . PRO A 1 106 ? 5.356   -2.314  -19.075 1.00 15.26 ? 1397 PRO A N   1 
ATOM   687  C CA  . PRO A 1 106 ? 5.243   -2.678  -20.490 1.00 19.00 ? 1397 PRO A CA  1 
ATOM   688  C C   . PRO A 1 106 ? 5.101   -4.187  -20.635 1.00 20.45 ? 1397 PRO A C   1 
ATOM   689  O O   . PRO A 1 106 ? 4.778   -4.675  -21.708 1.00 20.74 ? 1397 PRO A O   1 
ATOM   690  C CB  . PRO A 1 106 ? 6.556   -2.171  -21.092 1.00 19.14 ? 1397 PRO A CB  1 
ATOM   691  C CG  . PRO A 1 106 ? 7.539   -2.193  -19.950 1.00 18.67 ? 1397 PRO A CG  1 
ATOM   692  C CD  . PRO A 1 106 ? 6.713   -1.894  -18.709 1.00 16.05 ? 1397 PRO A CD  1 
ATOM   693  N N   . SER A 1 107 ? 5.449   -4.916  -19.581 1.00 16.37 ? 1398 SER A N   1 
ATOM   694  C CA  . SER A 1 107 ? 5.568   -6.380  -19.589 1.00 17.74 ? 1398 SER A CA  1 
ATOM   695  C C   . SER A 1 107 ? 5.125   -6.908  -18.238 1.00 17.14 ? 1398 SER A C   1 
ATOM   696  O O   . SER A 1 107 ? 5.503   -6.324  -17.204 1.00 15.71 ? 1398 SER A O   1 
ATOM   697  C CB  . SER A 1 107 ? 6.992   -6.788  -19.811 1.00 19.05 ? 1398 SER A CB  1 
ATOM   698  O OG  . SER A 1 107 ? 7.063   -8.163  -19.706 1.00 20.45 ? 1398 SER A OG  1 
ATOM   699  N N   . LYS A 1 108 ? 4.466   -8.040  -18.238 1.00 18.08 ? 1399 LYS A N   1 
ATOM   700  C CA  . LYS A 1 108 ? 4.100   -8.708  -16.989 1.00 20.95 ? 1399 LYS A CA  1 
ATOM   701  C C   . LYS A 1 108 ? 5.328   -9.395  -16.411 1.00 20.34 ? 1399 LYS A C   1 
ATOM   702  O O   . LYS A 1 108 ? 5.194   -9.862  -15.295 1.00 21.82 ? 1399 LYS A O   1 
ATOM   703  C CB  . LYS A 1 108 ? 2.825   -9.512  -17.242 1.00 24.07 ? 1399 LYS A CB  1 
ATOM   704  C CG  . LYS A 1 108 ? 1.614   -8.575  -17.255 1.00 29.20 ? 1399 LYS A CG  1 
ATOM   705  C CD  . LYS A 1 108 ? 0.269   -9.205  -17.583 1.00 34.05 ? 1399 LYS A CD  1 
ATOM   706  C CE  . LYS A 1 108 ? -0.904  -8.300  -17.303 1.00 35.82 ? 1399 LYS A CE  1 
ATOM   707  N NZ  . LYS A 1 108 ? -2.155  -9.080  -17.113 1.00 37.08 ? 1399 LYS A NZ  1 
ATOM   708  N N   . ARG A 1 109 ? 6.478   -9.378  -17.107 1.00 18.56 ? 1400 ARG A N   1 
ATOM   709  C CA  . ARG A 1 109 ? 7.739   -9.970  -16.605 1.00 21.63 ? 1400 ARG A CA  1 
ATOM   710  C C   . ARG A 1 109 ? 8.760   -8.887  -16.265 1.00 18.51 ? 1400 ARG A C   1 
ATOM   711  O O   . ARG A 1 109 ? 9.908   -9.216  -16.039 1.00 22.30 ? 1400 ARG A O   1 
ATOM   712  C CB  . ARG A 1 109 ? 8.334   -10.926 -17.649 1.00 26.95 ? 1400 ARG A CB  1 
ATOM   713  C CG  . ARG A 1 109 ? 7.311   -11.897 -18.230 1.00 34.59 ? 1400 ARG A CG  1 
ATOM   714  C CD  . ARG A 1 109 ? 7.791   -12.581 -19.499 1.00 43.06 ? 1400 ARG A CD  1 
ATOM   715  N NE  . ARG A 1 109 ? 8.988   -13.370 -19.240 1.00 47.92 ? 1400 ARG A NE  1 
ATOM   716  C CZ  . ARG A 1 109 ? 10.230  -13.061 -19.631 1.00 54.98 ? 1400 ARG A CZ  1 
ATOM   717  N NH1 . ARG A 1 109 ? 10.480  -11.958 -20.319 1.00 61.98 ? 1400 ARG A NH1 1 
ATOM   718  N NH2 . ARG A 1 109 ? 11.232  -13.867 -19.321 1.00 54.94 ? 1400 ARG A NH2 1 
ATOM   719  N N   . SER A 1 110 ? 8.349   -7.622  -16.240 0.50 17.23 ? 1401 SER A N   1 
ATOM   720  C CA  . SER A 1 110 ? 9.270   -6.514  -15.891 0.50 15.68 ? 1401 SER A CA  1 
ATOM   721  C C   . SER A 1 110 ? 9.769   -6.696  -14.455 0.50 14.74 ? 1401 SER A C   1 
ATOM   722  O O   . SER A 1 110 ? 9.054   -7.277  -13.612 0.50 14.69 ? 1401 SER A O   1 
ATOM   723  C CB  . SER A 1 110 ? 8.658   -5.167  -16.084 0.50 15.85 ? 1401 SER A CB  1 
ATOM   724  O OG  . SER A 1 110 ? 8.060   -4.709  -14.886 0.50 15.67 ? 1401 SER A OG  1 
ATOM   725  N N   . ARG A 1 111 ? 10.980  -6.225  -14.187 1.00 14.54 ? 1402 ARG A N   1 
ATOM   726  C CA  . ARG A 1 111 ? 11.564  -6.321  -12.838 1.00 13.22 ? 1402 ARG A CA  1 
ATOM   727  C C   . ARG A 1 111 ? 10.670  -5.611  -11.834 1.00 12.43 ? 1402 ARG A C   1 
ATOM   728  O O   . ARG A 1 111 ? 10.320  -6.214  -10.822 1.00 12.14 ? 1402 ARG A O   1 
ATOM   729  C CB  . ARG A 1 111 ? 12.946  -5.663  -12.843 1.00 13.38 ? 1402 ARG A CB  1 
ATOM   730  C CG  . ARG A 1 111 ? 13.609  -5.710  -11.476 1.00 14.86 ? 1402 ARG A CG  1 
ATOM   731  C CD  . ARG A 1 111 ? 14.078  -7.101  -11.125 1.00 18.05 ? 1402 ARG A CD  1 
ATOM   732  N NE  . ARG A 1 111 ? 14.429  -7.193  -9.715  1.00 24.37 ? 1402 ARG A NE  1 
ATOM   733  C CZ  . ARG A 1 111 ? 15.601  -6.887  -9.169  1.00 24.28 ? 1402 ARG A CZ  1 
ATOM   734  N NH1 . ARG A 1 111 ? 16.623  -6.531  -9.920  1.00 20.60 ? 1402 ARG A NH1 1 
ATOM   735  N NH2 . ARG A 1 111 ? 15.766  -6.965  -7.853  1.00 28.99 ? 1402 ARG A NH2 1 
ATOM   736  N N   . ILE A 1 112 ? 10.344  -4.388  -12.085 1.00 12.07 ? 1403 ILE A N   1 
ATOM   737  C CA  . ILE A 1 112 ? 9.638   -3.587  -11.031 1.00 11.98 ? 1403 ILE A CA  1 
ATOM   738  C C   . ILE A 1 112 ? 8.222   -4.128  -10.851 1.00 11.66 ? 1403 ILE A C   1 
ATOM   739  O O   . ILE A 1 112 ? 7.761   -4.274  -9.708  1.00 11.35 ? 1403 ILE A O   1 
ATOM   740  C CB  . ILE A 1 112 ? 9.659   -2.092  -11.375 1.00 12.72 ? 1403 ILE A CB  1 
ATOM   741  C CG1 . ILE A 1 112 ? 11.099  -1.587  -11.259 1.00 13.71 ? 1403 ILE A CG1 1 
ATOM   742  C CG2 . ILE A 1 112 ? 8.705   -1.331  -10.452 1.00 13.48 ? 1403 ILE A CG2 1 
ATOM   743  C CD1 . ILE A 1 112 ? 11.344  -0.200  -11.779 1.00 16.19 ? 1403 ILE A CD1 1 
ATOM   744  N N   . TYR A 1 113 ? 7.540   -4.535  -11.917 1.00 11.65 ? 1404 TYR A N   1 
ATOM   745  C CA  . TYR A 1 113 ? 6.201   -5.115  -11.779 1.00 11.52 ? 1404 TYR A CA  1 
ATOM   746  C C   . TYR A 1 113 ? 6.275   -6.412  -11.004 1.00 12.04 ? 1404 TYR A C   1 
ATOM   747  O O   . TYR A 1 113 ? 5.449   -6.671  -10.170 1.00 12.13 ? 1404 TYR A O   1 
ATOM   748  C CB  . TYR A 1 113 ? 5.537   -5.276  -13.135 1.00 11.70 ? 1404 TYR A CB  1 
ATOM   749  C CG  . TYR A 1 113 ? 4.216   -5.985  -13.041 1.00 11.76 ? 1404 TYR A CG  1 
ATOM   750  C CD1 . TYR A 1 113 ? 3.156   -5.407  -12.382 1.00 13.39 ? 1404 TYR A CD1 1 
ATOM   751  C CD2 . TYR A 1 113 ? 4.021   -7.205  -13.688 1.00 13.06 ? 1404 TYR A CD2 1 
ATOM   752  C CE1 . TYR A 1 113 ? 1.938   -6.062  -12.306 1.00 13.32 ? 1404 TYR A CE1 1 
ATOM   753  C CE2 . TYR A 1 113 ? 2.804   -7.845  -13.637 1.00 14.76 ? 1404 TYR A CE2 1 
ATOM   754  C CZ  . TYR A 1 113 ? 1.752   -7.260  -12.968 1.00 14.80 ? 1404 TYR A CZ  1 
ATOM   755  O OH  . TYR A 1 113 ? 0.540   -7.912  -12.943 1.00 16.40 ? 1404 TYR A OH  1 
ATOM   756  N N   A SER A 1 114 ? 7.279   -7.246  -11.278 0.26 12.31 ? 1405 SER A N   1 
ATOM   757  N N   B SER A 1 114 ? 7.275   -7.243  -11.278 0.24 12.30 ? 1405 SER A N   1 
ATOM   758  C CA  A SER A 1 114 ? 7.445   -8.534  -10.567 0.26 12.96 ? 1405 SER A CA  1 
ATOM   759  C CA  B SER A 1 114 ? 7.439   -8.531  -10.569 0.24 12.89 ? 1405 SER A CA  1 
ATOM   760  C C   A SER A 1 114 ? 7.650   -8.260  -9.068  0.26 12.28 ? 1405 SER A C   1 
ATOM   761  C C   B SER A 1 114 ? 7.657   -8.267  -9.069  0.24 12.27 ? 1405 SER A C   1 
ATOM   762  O O   A SER A 1 114 ? 7.132   -9.026  -8.238  0.26 12.10 ? 1405 SER A O   1 
ATOM   763  O O   B SER A 1 114 ? 7.146   -9.040  -8.242  0.24 12.13 ? 1405 SER A O   1 
ATOM   764  C CB  A SER A 1 114 ? 8.578   -9.351  -11.130 0.26 13.40 ? 1405 SER A CB  1 
ATOM   765  C CB  B SER A 1 114 ? 8.556   -9.334  -11.160 0.24 13.31 ? 1405 SER A CB  1 
ATOM   766  O OG  A SER A 1 114 ? 9.842   -8.823  -10.752 0.26 14.63 ? 1405 SER A OG  1 
ATOM   767  O OG  B SER A 1 114 ? 8.246   -9.687  -12.500 0.24 14.42 ? 1405 SER A OG  1 
ATOM   768  N N   . MET A 1 115 ? 8.402   -7.224  -8.719  1.00 12.04 ? 1406 MET A N   1 
ATOM   769  C CA  . MET A 1 115 ? 8.607   -6.815  -7.315  1.00 11.52 ? 1406 MET A CA  1 
ATOM   770  C C   . MET A 1 115 ? 7.242   -6.430  -6.731  1.00 10.32 ? 1406 MET A C   1 
ATOM   771  O O   . MET A 1 115 ? 6.928   -6.810  -5.589  1.00 10.52 ? 1406 MET A O   1 
ATOM   772  C CB  . MET A 1 115 ? 9.582   -5.673  -7.241  1.00 11.30 ? 1406 MET A CB  1 
ATOM   773  C CG  . MET A 1 115 ? 10.965  -6.062  -7.607  1.00 11.41 ? 1406 MET A CG  1 
ATOM   774  S SD  . MET A 1 115 ? 12.081  -4.700  -7.937  1.00 14.60 ? 1406 MET A SD  1 
ATOM   775  C CE  . MET A 1 115 ? 12.380  -4.241  -6.274  1.00 14.83 ? 1406 MET A CE  1 
ATOM   776  N N   . SER A 1 116 ? 6.426   -5.725  -7.503  1.00 10.96 ? 1407 SER A N   1 
ATOM   777  C CA  . SER A 1 116 ? 5.098   -5.276  -7.029  1.00 10.13 ? 1407 SER A CA  1 
ATOM   778  C C   . SER A 1 116 ? 4.252   -6.494  -6.690  1.00 10.20 ? 1407 SER A C   1 
ATOM   779  O O   . SER A 1 116 ? 3.543   -6.464  -5.699  1.00 11.14 ? 1407 SER A O   1 
ATOM   780  C CB  . SER A 1 116 ? 4.371   -4.339  -7.984  1.00 11.56 ? 1407 SER A CB  1 
ATOM   781  O OG  . SER A 1 116 ? 3.682   -5.033  -9.006  1.00 11.58 ? 1407 SER A OG  1 
ATOM   782  N N   . LEU A 1 117 ? 4.287   -7.554  -7.484  1.00 10.68 ? 1408 LEU A N   1 
ATOM   783  C CA  . LEU A 1 117 ? 3.401   -8.699  -7.241  1.00 11.66 ? 1408 LEU A CA  1 
ATOM   784  C C   . LEU A 1 117 ? 3.831   -9.406  -5.967  1.00 11.10 ? 1408 LEU A C   1 
ATOM   785  O O   . LEU A 1 117 ? 2.950   -9.839  -5.225  1.00 11.01 ? 1408 LEU A O   1 
ATOM   786  C CB  . LEU A 1 117 ? 3.449   -9.642  -8.428  1.00 12.59 ? 1408 LEU A CB  1 
ATOM   787  C CG  . LEU A 1 117 ? 2.859   -9.091  -9.717  1.00 13.81 ? 1408 LEU A CG  1 
ATOM   788  C CD1 . LEU A 1 117 ? 2.957   -10.154 -10.802 1.00 16.79 ? 1408 LEU A CD1 1 
ATOM   789  C CD2 . LEU A 1 117 ? 1.442   -8.634  -9.494  1.00 16.66 ? 1408 LEU A CD2 1 
ATOM   790  N N   . ARG A 1 118 ? 5.133   -9.544  -5.714  1.00 10.74 ? 1409 ARG A N   1 
ATOM   791  C CA  . ARG A 1 118 ? 5.543   -10.189 -4.453  1.00 11.18 ? 1409 ARG A CA  1 
ATOM   792  C C   . ARG A 1 118 ? 5.152   -9.333  -3.264  1.00 11.29 ? 1409 ARG A C   1 
ATOM   793  O O   . ARG A 1 118 ? 4.649   -9.827  -2.249  1.00 11.32 ? 1409 ARG A O   1 
ATOM   794  C CB  . ARG A 1 118 ? 7.035   -10.442 -4.442  1.00 10.97 ? 1409 ARG A CB  1 
ATOM   795  C CG  . ARG A 1 118 ? 7.475   -11.519 -5.437  1.00 11.52 ? 1409 ARG A CG  1 
ATOM   796  C CD  . ARG A 1 118 ? 8.934   -11.857 -5.183  1.00 12.05 ? 1409 ARG A CD  1 
ATOM   797  N NE  . ARG A 1 118 ? 9.851   -10.808 -5.471  1.00 12.65 ? 1409 ARG A NE  1 
ATOM   798  C CZ  . ARG A 1 118 ? 10.481  -10.596 -6.604  1.00 14.57 ? 1409 ARG A CZ  1 
ATOM   799  N NH1 . ARG A 1 118 ? 10.344  -11.403 -7.625  1.00 16.04 ? 1409 ARG A NH1 1 
ATOM   800  N NH2 . ARG A 1 118 ? 11.281  -9.547  -6.694  1.00 15.65 ? 1409 ARG A NH2 1 
ATOM   801  N N   . LEU A 1 119 ? 5.345   -8.038  -3.376  1.00 10.79 ? 1410 LEU A N   1 
ATOM   802  C CA  . LEU A 1 119 ? 5.033   -7.149  -2.272  1.00 10.48 ? 1410 LEU A CA  1 
ATOM   803  C C   . LEU A 1 119 ? 3.537   -7.101  -2.021  1.00 10.19 ? 1410 LEU A C   1 
ATOM   804  O O   . LEU A 1 119 ? 3.126   -7.098  -0.862  1.00 10.24 ? 1410 LEU A O   1 
ATOM   805  C CB  . LEU A 1 119 ? 5.619   -5.795  -2.585  1.00 11.78 ? 1410 LEU A CB  1 
ATOM   806  C CG  . LEU A 1 119 ? 5.656   -4.875  -1.378  1.00 12.97 ? 1410 LEU A CG  1 
ATOM   807  C CD1 . LEU A 1 119 ? 6.638   -5.421  -0.329  1.00 15.35 ? 1410 LEU A CD1 1 
ATOM   808  C CD2 . LEU A 1 119 ? 6.088   -3.508  -1.849  1.00 13.19 ? 1410 LEU A CD2 1 
ATOM   809  N N   . SER A 1 120 ? 2.752   -7.152  -3.077  1.00 10.17 ? 1411 SER A N   1 
ATOM   810  C CA  . SER A 1 120 ? 1.297   -7.169  -2.986  1.00 10.29 ? 1411 SER A CA  1 
ATOM   811  C C   . SER A 1 120 ? 0.869   -8.438  -2.230  1.00 10.96 ? 1411 SER A C   1 
ATOM   812  O O   . SER A 1 120 ? 0.012   -8.387  -1.348  1.00 10.37 ? 1411 SER A O   1 
ATOM   813  C CB  . SER A 1 120 ? 0.699   -7.150  -4.364  1.00 10.30 ? 1411 SER A CB  1 
ATOM   814  O OG  . SER A 1 120 ? -0.726  -7.303  -4.257  1.00 11.55 ? 1411 SER A OG  1 
ATOM   815  N N   . ALA A 1 121 ? 1.433   -9.582  -2.586  1.00 9.85  ? 1412 ALA A N   1 
ATOM   816  C CA  . ALA A 1 121 ? 1.062   -10.841 -1.899  1.00 9.73  ? 1412 ALA A CA  1 
ATOM   817  C C   . ALA A 1 121 ? 1.393   -10.743 -0.429  1.00 9.73  ? 1412 ALA A C   1 
ATOM   818  O O   . ALA A 1 121 ? 0.611   -11.168 0.417   1.00 10.11 ? 1412 ALA A O   1 
ATOM   819  C CB  . ALA A 1 121 ? 1.804   -12.001 -2.522  1.00 10.28 ? 1412 ALA A CB  1 
ATOM   820  N N   . PHE A 1 122 ? 2.551   -10.194 -0.093  1.00 10.47 ? 1413 PHE A N   1 
ATOM   821  C CA  . PHE A 1 122 ? 2.965   -10.023 1.310   1.00 10.40 ? 1413 PHE A CA  1 
ATOM   822  C C   . PHE A 1 122 ? 1.984   -9.091  2.028   1.00 10.26 ? 1413 PHE A C   1 
ATOM   823  O O   . PHE A 1 122 ? 1.517   -9.368  3.143   1.00 10.42 ? 1413 PHE A O   1 
ATOM   824  C CB  . PHE A 1 122 ? 4.398   -9.501  1.336   1.00 10.46 ? 1413 PHE A CB  1 
ATOM   825  C CG  . PHE A 1 122 ? 4.866   -9.185  2.725   1.00 12.15 ? 1413 PHE A CG  1 
ATOM   826  C CD1 . PHE A 1 122 ? 5.340   -10.183 3.557   1.00 13.93 ? 1413 PHE A CD1 1 
ATOM   827  C CD2 . PHE A 1 122 ? 4.824   -7.900  3.224   1.00 13.28 ? 1413 PHE A CD2 1 
ATOM   828  C CE1 . PHE A 1 122 ? 5.782   -9.910  4.848   1.00 16.08 ? 1413 PHE A CE1 1 
ATOM   829  C CE2 . PHE A 1 122 ? 5.357   -7.621  4.468   1.00 15.16 ? 1413 PHE A CE2 1 
ATOM   830  C CZ  . PHE A 1 122 ? 5.790   -8.629  5.299   1.00 16.60 ? 1413 PHE A CZ  1 
ATOM   831  N N   . PHE A 1 123 ? 1.679   -7.971  1.392   1.00 10.33 ? 1414 PHE A N   1 
ATOM   832  C CA  . PHE A 1 123 ? 0.742   -7.004  1.974   1.00 9.88  ? 1414 PHE A CA  1 
ATOM   833  C C   . PHE A 1 123 ? -0.606  -7.657  2.220   1.00 9.24  ? 1414 PHE A C   1 
ATOM   834  O O   . PHE A 1 123 ? -1.178  -7.524  3.334   1.00 9.85  ? 1414 PHE A O   1 
ATOM   835  C CB  . PHE A 1 123 ? 0.624   -5.790  1.070   1.00 10.00 ? 1414 PHE A CB  1 
ATOM   836  C CG  . PHE A 1 123 ? -0.430  -4.827  1.573   1.00 9.93  ? 1414 PHE A CG  1 
ATOM   837  C CD1 . PHE A 1 123 ? -0.192  -4.002  2.661   1.00 9.10  ? 1414 PHE A CD1 1 
ATOM   838  C CD2 . PHE A 1 123 ? -1.689  -4.809  0.946   1.00 10.27 ? 1414 PHE A CD2 1 
ATOM   839  C CE1 . PHE A 1 123 ? -1.220  -3.169  3.104   1.00 10.43 ? 1414 PHE A CE1 1 
ATOM   840  C CE2 . PHE A 1 123 ? -2.660  -3.940  1.387   1.00 11.23 ? 1414 PHE A CE2 1 
ATOM   841  C CZ  . PHE A 1 123 ? -2.428  -3.164  2.465   1.00 11.15 ? 1414 PHE A CZ  1 
ATOM   842  N N   . GLU A 1 124 ? -1.162  -8.314  1.229   1.00 9.36  ? 1415 GLU A N   1 
ATOM   843  C CA  . GLU A 1 124 ? -2.509  -8.881  1.373   1.00 10.39 ? 1415 GLU A CA  1 
ATOM   844  C C   . GLU A 1 124 ? -2.517  -9.930  2.473   1.00 10.47 ? 1415 GLU A C   1 
ATOM   845  O O   . GLU A 1 124 ? -3.485  -10.049 3.190   1.00 12.00 ? 1415 GLU A O   1 
ATOM   846  C CB  . GLU A 1 124 ? -2.975  -9.469  0.057   1.00 11.24 ? 1415 GLU A CB  1 
ATOM   847  C CG  . GLU A 1 124 ? -3.233  -8.387  -1.000  1.00 12.38 ? 1415 GLU A CG  1 
ATOM   848  C CD  . GLU A 1 124 ? -4.353  -7.393  -0.681  1.00 13.40 ? 1415 GLU A CD  1 
ATOM   849  O OE1 . GLU A 1 124 ? -5.279  -7.741  0.042   1.00 15.46 ? 1415 GLU A OE1 1 
ATOM   850  O OE2 . GLU A 1 124 ? -4.276  -6.270  -1.144  1.00 12.22 ? 1415 GLU A OE2 1 
ATOM   851  N N   . GLU A 1 125 ? -1.456  -10.724 2.566   1.00 10.59 ? 1416 GLU A N   1 
ATOM   852  C CA  . GLU A 1 125 ? -1.359  -11.781 3.593   1.00 10.72 ? 1416 GLU A CA  1 
ATOM   853  C C   . GLU A 1 125 ? -1.482  -11.157 4.964   1.00 10.67 ? 1416 GLU A C   1 
ATOM   854  O O   . GLU A 1 125 ? -2.073  -11.752 5.834   1.00 11.74 ? 1416 GLU A O   1 
ATOM   855  C CB  . GLU A 1 125 ? 0.004   -12.441 3.420   1.00 10.99 ? 1416 GLU A CB  1 
ATOM   856  C CG  . GLU A 1 125 ? 0.357   -13.478 4.466   1.00 11.96 ? 1416 GLU A CG  1 
ATOM   857  C CD  . GLU A 1 125 ? 1.665   -14.122 4.078   1.00 12.32 ? 1416 GLU A CD  1 
ATOM   858  O OE1 . GLU A 1 125 ? 1.667   -14.829 3.004   1.00 12.44 ? 1416 GLU A OE1 1 
ATOM   859  O OE2 . GLU A 1 125 ? 2.668   -13.839 4.740   1.00 14.05 ? 1416 GLU A OE2 1 
ATOM   860  N N   . HIS A 1 126 ? -0.852  -10.018 5.164   1.00 10.62 ? 1417 HIS A N   1 
ATOM   861  C CA  . HIS A 1 126 ? -0.784  -9.373  6.473   1.00 12.55 ? 1417 HIS A CA  1 
ATOM   862  C C   . HIS A 1 126 ? -1.956  -8.433  6.759   1.00 11.91 ? 1417 HIS A C   1 
ATOM   863  O O   . HIS A 1 126 ? -2.347  -8.300  7.953   1.00 13.76 ? 1417 HIS A O   1 
ATOM   864  C CB  . HIS A 1 126 ? 0.541   -8.624  6.605   1.00 13.46 ? 1417 HIS A CB  1 
ATOM   865  C CG  . HIS A 1 126 ? 1.693   -9.530  6.811   1.00 16.86 ? 1417 HIS A CG  1 
ATOM   866  N ND1 . HIS A 1 126 ? 2.215   -10.317 5.835   1.00 17.48 ? 1417 HIS A ND1 1 
ATOM   867  C CD2 . HIS A 1 126 ? 2.408   -9.727  7.929   1.00 22.23 ? 1417 HIS A CD2 1 
ATOM   868  C CE1 . HIS A 1 126 ? 3.141   -11.089 6.418   1.00 19.58 ? 1417 HIS A CE1 1 
ATOM   869  N NE2 . HIS A 1 126 ? 3.376   -10.632 7.597   1.00 26.09 ? 1417 HIS A NE2 1 
ATOM   870  N N   . ILE A 1 127 ? -2.520  -7.772  5.758   1.00 11.11 ? 1418 ILE A N   1 
ATOM   871  C CA  . ILE A 1 127 ? -3.586  -6.803  6.033   1.00 10.87 ? 1418 ILE A CA  1 
ATOM   872  C C   . ILE A 1 127 ? -4.902  -7.501  6.327   1.00 11.04 ? 1418 ILE A C   1 
ATOM   873  O O   . ILE A 1 127 ? -5.781  -6.910  6.921   1.00 10.70 ? 1418 ILE A O   1 
ATOM   874  C CB  . ILE A 1 127 ? -3.720  -5.837  4.848   1.00 10.11 ? 1418 ILE A CB  1 
ATOM   875  C CG1 . ILE A 1 127 ? -4.368  -4.498  5.209   1.00 11.34 ? 1418 ILE A CG1 1 
ATOM   876  C CG2 . ILE A 1 127 ? -4.500  -6.444  3.702   1.00 11.10 ? 1418 ILE A CG2 1 
ATOM   877  C CD1 . ILE A 1 127 ? -3.657  -3.722  6.216   1.00 12.45 ? 1418 ILE A CD1 1 
ATOM   878  N N   A SER A 1 128 ? -5.081  -8.746  5.896   0.25 11.01 ? 1419 SER A N   1 
ATOM   879  N N   B SER A 1 128 ? -5.044  -8.753  5.895   0.25 11.10 ? 1419 SER A N   1 
ATOM   880  C CA  A SER A 1 128 ? -6.395  -9.425  6.036   0.25 11.44 ? 1419 SER A CA  1 
ATOM   881  C CA  B SER A 1 128 ? -6.306  -9.518  6.050   0.25 11.63 ? 1419 SER A CA  1 
ATOM   882  C C   A SER A 1 128 ? -6.842  -9.463  7.511   0.25 11.51 ? 1419 SER A C   1 
ATOM   883  C C   B SER A 1 128 ? -6.811  -9.446  7.498   0.25 11.66 ? 1419 SER A C   1 
ATOM   884  O O   A SER A 1 128 ? -8.018  -9.154  7.774   0.25 11.01 ? 1419 SER A O   1 
ATOM   885  O O   B SER A 1 128 ? -7.980  -9.076  7.714   0.25 11.25 ? 1419 SER A O   1 
ATOM   886  C CB  A SER A 1 128 ? -6.357  -10.781 5.396   0.25 12.28 ? 1419 SER A CB  1 
ATOM   887  C CB  B SER A 1 128 ? -6.136  -10.943 5.601   0.25 12.64 ? 1419 SER A CB  1 
ATOM   888  O OG  A SER A 1 128 ? -5.303  -11.529 5.954   0.25 13.90 ? 1419 SER A OG  1 
ATOM   889  O OG  B SER A 1 128 ? -7.350  -11.636 5.817   0.25 14.68 ? 1419 SER A OG  1 
ATOM   890  N N   . SER A 1 129 ? -5.952  -9.763  8.459   1.00 11.41 ? 1420 SER A N   1 
ATOM   891  C CA  . SER A 1 129 ? -6.354  -9.847  9.872   1.00 12.13 ? 1420 SER A CA  1 
ATOM   892  C C   . SER A 1 129 ? -6.617  -8.439  10.400  1.00 10.16 ? 1420 SER A C   1 
ATOM   893  O O   . SER A 1 129 ? -7.437  -8.268  11.283  1.00 10.92 ? 1420 SER A O   1 
ATOM   894  C CB  . SER A 1 129 ? -5.342  -10.568 10.732  1.00 13.79 ? 1420 SER A CB  1 
ATOM   895  O OG  . SER A 1 129 ? -4.099  -9.936  10.718  1.00 19.44 ? 1420 SER A OG  1 
ATOM   896  N N   . VAL A 1 130 ? -5.844  -7.487  9.912   1.00 9.83  ? 1421 VAL A N   1 
ATOM   897  C CA  . VAL A 1 130 ? -6.026  -6.096  10.357  1.00 10.34 ? 1421 VAL A CA  1 
ATOM   898  C C   . VAL A 1 130 ? -7.432  -5.639  9.985   1.00 10.03 ? 1421 VAL A C   1 
ATOM   899  O O   . VAL A 1 130 ? -8.147  -5.067  10.831  1.00 10.59 ? 1421 VAL A O   1 
ATOM   900  C CB  . VAL A 1 130 ? -4.994  -5.176  9.735   1.00 9.83  ? 1421 VAL A CB  1 
ATOM   901  C CG1 . VAL A 1 130 ? -5.276  -3.734  10.138  1.00 10.75 ? 1421 VAL A CG1 1 
ATOM   902  C CG2 . VAL A 1 130 ? -3.585  -5.596  10.144  1.00 10.56 ? 1421 VAL A CG2 1 
ATOM   903  N N   . LEU A 1 131 ? -7.878  -5.893  8.762   1.00 9.64  ? 1422 LEU A N   1 
ATOM   904  C CA  . LEU A 1 131 ? -9.215  -5.519  8.305   1.00 9.66  ? 1422 LEU A CA  1 
ATOM   905  C C   . LEU A 1 131 ? -10.255 -6.298  9.094   1.00 9.81  ? 1422 LEU A C   1 
ATOM   906  O O   . LEU A 1 131 ? -11.229 -5.719  9.545   1.00 10.85 ? 1422 LEU A O   1 
ATOM   907  C CB  . LEU A 1 131 ? -9.350  -5.793  6.811   1.00 10.26 ? 1422 LEU A CB  1 
ATOM   908  C CG  . LEU A 1 131 ? -8.477  -4.956  5.880   1.00 11.51 ? 1422 LEU A CG  1 
ATOM   909  C CD1 . LEU A 1 131 ? -8.509  -5.521  4.475   1.00 12.97 ? 1422 LEU A CD1 1 
ATOM   910  C CD2 . LEU A 1 131 ? -8.887  -3.506  5.898   1.00 13.19 ? 1422 LEU A CD2 1 
ATOM   911  N N   . SER A 1 132 ? -10.060 -7.589  9.225   1.00 10.63 ? 1423 SER A N   1 
ATOM   912  C CA  . SER A 1 132 ? -11.053 -8.433  9.922   1.00 11.44 ? 1423 SER A CA  1 
ATOM   913  C C   . SER A 1 132 ? -11.218 -7.948  11.356  1.00 11.06 ? 1423 SER A C   1 
ATOM   914  O O   . SER A 1 132 ? -12.350 -7.834  11.833  1.00 11.34 ? 1423 SER A O   1 
ATOM   915  C CB  . SER A 1 132 ? -10.643 -9.891  9.899   1.00 12.47 ? 1423 SER A CB  1 
ATOM   916  O OG  . SER A 1 132 ? -10.785 -10.383 8.578   1.00 16.14 ? 1423 SER A OG  1 
ATOM   917  N N   . ASP A 1 133 ? -10.126 -7.710  12.038  1.00 10.68 ? 1424 ASP A N   1 
ATOM   918  C CA  . ASP A 1 133 ? -10.189 -7.321  13.454  1.00 11.81 ? 1424 ASP A CA  1 
ATOM   919  C C   . ASP A 1 133 ? -10.872 -5.980  13.582  1.00 11.29 ? 1424 ASP A C   1 
ATOM   920  O O   . ASP A 1 133 ? -11.682 -5.777  14.478  1.00 11.62 ? 1424 ASP A O   1 
ATOM   921  C CB  . ASP A 1 133 ? -8.815  -7.246  14.098  1.00 12.76 ? 1424 ASP A CB  1 
ATOM   922  C CG  . ASP A 1 133 ? -8.184  -8.589  14.382  1.00 17.69 ? 1424 ASP A CG  1 
ATOM   923  O OD1 . ASP A 1 133 ? -8.802  -9.614  14.100  1.00 17.30 ? 1424 ASP A OD1 1 
ATOM   924  O OD2 . ASP A 1 133 ? -7.039  -8.567  14.839  1.00 23.97 ? 1424 ASP A OD2 1 
ATOM   925  N N   . TYR A 1 134 ? -10.537 -5.036  12.711  1.00 10.11 ? 1425 TYR A N   1 
ATOM   926  C CA  . TYR A 1 134 ? -11.163 -3.704  12.755  1.00 10.22 ? 1425 TYR A CA  1 
ATOM   927  C C   . TYR A 1 134 ? -12.660 -3.847  12.555  1.00 10.36 ? 1425 TYR A C   1 
ATOM   928  O O   . TYR A 1 134 ? -13.477 -3.236  13.261  1.00 10.71 ? 1425 TYR A O   1 
ATOM   929  C CB  . TYR A 1 134 ? -10.548 -2.781  11.701  1.00 10.10 ? 1425 TYR A CB  1 
ATOM   930  C CG  . TYR A 1 134 ? -11.241 -1.465  11.617  1.00 10.59 ? 1425 TYR A CG  1 
ATOM   931  C CD1 . TYR A 1 134 ? -11.016 -0.514  12.599  1.00 11.71 ? 1425 TYR A CD1 1 
ATOM   932  C CD2 . TYR A 1 134 ? -12.142 -1.201  10.625  1.00 11.64 ? 1425 TYR A CD2 1 
ATOM   933  C CE1 . TYR A 1 134 ? -11.639 0.705   12.555  1.00 13.37 ? 1425 TYR A CE1 1 
ATOM   934  C CE2 . TYR A 1 134 ? -12.749 0.030   10.542  1.00 12.31 ? 1425 TYR A CE2 1 
ATOM   935  C CZ  . TYR A 1 134 ? -12.507 0.961   11.522  1.00 12.75 ? 1425 TYR A CZ  1 
ATOM   936  O OH  . TYR A 1 134 ? -13.102 2.189   11.461  1.00 16.50 ? 1425 TYR A OH  1 
ATOM   937  N N   . LYS A 1 135 ? -13.056 -4.566  11.515  1.00 10.64 ? 1426 LYS A N   1 
ATOM   938  C CA  . LYS A 1 135 ? -14.484 -4.624  11.204  1.00 10.43 ? 1426 LYS A CA  1 
ATOM   939  C C   . LYS A 1 135 ? -15.205 -5.343  12.343  1.00 10.02 ? 1426 LYS A C   1 
ATOM   940  O O   . LYS A 1 135 ? -16.335 -4.932  12.644  1.00 10.35 ? 1426 LYS A O   1 
ATOM   941  C CB  . LYS A 1 135 ? -14.726 -5.270  9.847   1.00 11.19 ? 1426 LYS A CB  1 
ATOM   942  C CG  . LYS A 1 135 ? -14.166 -4.440  8.708   1.00 12.08 ? 1426 LYS A CG  1 
ATOM   943  C CD  . LYS A 1 135 ? -14.347 -5.136  7.361   1.00 12.97 ? 1426 LYS A CD  1 
ATOM   944  C CE  . LYS A 1 135 ? -13.734 -4.366  6.219   1.00 17.30 ? 1426 LYS A CE  1 
ATOM   945  N NZ  . LYS A 1 135 ? -13.467 -5.361  5.152   1.00 23.83 ? 1426 LYS A NZ  1 
ATOM   946  N N   . SER A 1 136 ? -14.610 -6.352  12.921  1.00 10.20 ? 1427 SER A N   1 
ATOM   947  C CA  . SER A 1 136 ? -15.209 -7.075  14.065  1.00 11.75 ? 1427 SER A CA  1 
ATOM   948  C C   . SER A 1 136 ? -15.340 -6.115  15.245  1.00 11.11 ? 1427 SER A C   1 
ATOM   949  O O   . SER A 1 136 ? -16.363 -6.086  15.901  1.00 11.40 ? 1427 SER A O   1 
ATOM   950  C CB  . SER A 1 136 ? -14.327 -8.225  14.414  1.00 12.57 ? 1427 SER A CB  1 
ATOM   951  O OG  . SER A 1 136 ? -14.674 -8.704  15.715  1.00 18.97 ? 1427 SER A OG  1 
ATOM   952  N N   . ALA A 1 137 ? -14.348 -5.273  15.479  1.00 12.39 ? 1428 ALA A N   1 
ATOM   953  C CA  . ALA A 1 137 ? -14.360 -4.301  16.587  1.00 12.64 ? 1428 ALA A CA  1 
ATOM   954  C C   . ALA A 1 137 ? -15.474 -3.310  16.378  1.00 12.38 ? 1428 ALA A C   1 
ATOM   955  O O   . ALA A 1 137 ? -16.204 -2.961  17.342  1.00 13.20 ? 1428 ALA A O   1 
ATOM   956  C CB  . ALA A 1 137 ? -13.003 -3.599  16.634  1.00 13.95 ? 1428 ALA A CB  1 
ATOM   957  N N   . LEU A 1 138 ? -15.670 -2.804  15.161  0.50 12.82 ? 1429 LEU A N   1 
ATOM   958  C CA  . LEU A 1 138 ? -16.756 -1.840  14.874  0.50 13.82 ? 1429 LEU A CA  1 
ATOM   959  C C   . LEU A 1 138 ? -18.099 -2.525  15.080  0.50 12.37 ? 1429 LEU A C   1 
ATOM   960  O O   . LEU A 1 138 ? -19.004 -1.911  15.663  0.50 12.01 ? 1429 LEU A O   1 
ATOM   961  C CB  . LEU A 1 138 ? -16.649 -1.287  13.453  0.50 16.26 ? 1429 LEU A CB  1 
ATOM   962  C CG  . LEU A 1 138 ? -15.844 -0.006  13.300  0.50 17.83 ? 1429 LEU A CG  1 
ATOM   963  C CD1 . LEU A 1 138 ? -16.146 0.615   11.953  0.50 18.25 ? 1429 LEU A CD1 1 
ATOM   964  C CD2 . LEU A 1 138 ? -16.138 0.974   14.426  0.50 18.02 ? 1429 LEU A CD2 1 
ATOM   965  N N   . ARG A 1 139 ? -18.230 -3.767  14.617  1.00 10.82 ? 1430 ARG A N   1 
ATOM   966  C CA  . ARG A 1 139 ? -19.506 -4.459  14.817  1.00 11.16 ? 1430 ARG A CA  1 
ATOM   967  C C   . ARG A 1 139 ? -19.801 -4.618  16.323  1.00 10.20 ? 1430 ARG A C   1 
ATOM   968  O O   . ARG A 1 139 ? -20.908 -4.404  16.751  1.00 12.27 ? 1430 ARG A O   1 
ATOM   969  C CB  . ARG A 1 139 ? -19.525 -5.820  14.145  1.00 11.50 ? 1430 ARG A CB  1 
ATOM   970  C CG  . ARG A 1 139 ? -19.567 -5.748  12.633  1.00 11.44 ? 1430 ARG A CG  1 
ATOM   971  C CD  . ARG A 1 139 ? -19.794 -7.109  12.010  1.00 12.72 ? 1430 ARG A CD  1 
ATOM   972  N NE  . ARG A 1 139 ? -18.733 -8.044  12.226  1.00 12.74 ? 1430 ARG A NE  1 
ATOM   973  C CZ  . ARG A 1 139 ? -17.714 -8.250  11.397  1.00 11.25 ? 1430 ARG A CZ  1 
ATOM   974  N NH1 . ARG A 1 139 ? -17.554 -7.483  10.324  1.00 12.16 ? 1430 ARG A NH1 1 
ATOM   975  N NH2 . ARG A 1 139 ? -16.888 -9.222  11.670  1.00 11.55 ? 1430 ARG A NH2 1 
ATOM   976  N N   . PHE A 1 140 ? -18.784 -4.945  17.119  1.00 9.93  ? 1431 PHE A N   1 
ATOM   977  C CA  . PHE A 1 140 ? -18.977 -5.130  18.567  1.00 10.75 ? 1431 PHE A CA  1 
ATOM   978  C C   . PHE A 1 140 ? -19.365 -3.796  19.179  1.00 11.03 ? 1431 PHE A C   1 
ATOM   979  O O   . PHE A 1 140 ? -20.290 -3.720  19.951  1.00 11.01 ? 1431 PHE A O   1 
ATOM   980  C CB  . PHE A 1 140 ? -17.718 -5.688  19.204  1.00 11.44 ? 1431 PHE A CB  1 
ATOM   981  C CG  . PHE A 1 140 ? -17.885 -6.023  20.661  1.00 13.05 ? 1431 PHE A CG  1 
ATOM   982  C CD1 . PHE A 1 140 ? -18.504 -7.212  21.022  1.00 15.14 ? 1431 PHE A CD1 1 
ATOM   983  C CD2 . PHE A 1 140 ? -17.504 -5.149  21.648  1.00 14.12 ? 1431 PHE A CD2 1 
ATOM   984  C CE1 . PHE A 1 140 ? -18.711 -7.516  22.357  1.00 15.92 ? 1431 PHE A CE1 1 
ATOM   985  C CE2 . PHE A 1 140 ? -17.703 -5.461  22.983  1.00 15.79 ? 1431 PHE A CE2 1 
ATOM   986  C CZ  . PHE A 1 140 ? -18.305 -6.647  23.319  1.00 16.99 ? 1431 PHE A CZ  1 
ATOM   987  N N   . HIS A 1 141 ? -18.726 -2.724  18.710  1.00 11.83 ? 1432 HIS A N   1 
ATOM   988  C CA  . HIS A 1 141 ? -19.058 -1.383  19.225  1.00 13.11 ? 1432 HIS A CA  1 
ATOM   989  C C   . HIS A 1 141 ? -20.529 -1.085  18.961  1.00 15.28 ? 1432 HIS A C   1 
ATOM   990  O O   . HIS A 1 141 ? -21.180 -0.443  19.806  1.00 16.84 ? 1432 HIS A O   1 
ATOM   991  C CB  . HIS A 1 141 ? -18.113 -0.380  18.586  1.00 13.70 ? 1432 HIS A CB  1 
ATOM   992  C CG  . HIS A 1 141 ? -18.297 0.975   19.187  1.00 13.07 ? 1432 HIS A CG  1 
ATOM   993  N ND1 . HIS A 1 141 ? -17.795 1.239   20.436  1.00 13.88 ? 1432 HIS A ND1 1 
ATOM   994  C CD2 . HIS A 1 141 ? -18.873 2.084   18.716  1.00 15.71 ? 1432 HIS A CD2 1 
ATOM   995  C CE1 . HIS A 1 141 ? -18.094 2.508   20.740  1.00 13.19 ? 1432 HIS A CE1 1 
ATOM   996  N NE2 . HIS A 1 141 ? -18.761 3.051   19.716  1.00 14.05 ? 1432 HIS A NE2 1 
ATOM   997  N N   . LYS A 1 142 ? -21.065 -1.451  17.808  1.00 15.80 ? 1433 LYS A N   1 
ATOM   998  C CA  . LYS A 1 142 ? -22.465 -1.154  17.426  1.00 19.39 ? 1433 LYS A CA  1 
ATOM   999  C C   . LYS A 1 142 ? -23.416 -2.292  17.805  1.00 20.91 ? 1433 LYS A C   1 
ATOM   1000 O O   . LYS A 1 142 ? -24.586 -2.264  17.357  1.00 27.33 ? 1433 LYS A O   1 
ATOM   1001 C CB  . LYS A 1 142 ? -22.465 -0.909  15.907  1.00 24.14 ? 1433 LYS A CB  1 
ATOM   1002 C CG  . LYS A 1 142 ? -21.536 0.191   15.399  1.00 25.00 ? 1433 LYS A CG  1 
ATOM   1003 C CD  . LYS A 1 142 ? -21.641 0.407   13.883  1.00 31.21 ? 1433 LYS A CD  1 
ATOM   1004 C CE  . LYS A 1 142 ? -20.366 0.839   13.183  1.00 35.14 ? 1433 LYS A CE  1 
ATOM   1005 N NZ  . LYS A 1 142 ? -19.736 2.000   13.853  1.00 40.01 ? 1433 LYS A NZ  1 
ATOM   1006 N N   . ARG A 1 143 ? -23.038 -3.267  18.637  1.00 19.30 ? 1434 ARG A N   1 
ATOM   1007 C CA  . ARG A 1 143 ? -23.829 -4.500  18.851  1.00 19.98 ? 1434 ARG A CA  1 
ATOM   1008 C C   . ARG A 1 143 ? -25.231 -4.194  19.432  1.00 26.06 ? 1434 ARG A C   1 
ATOM   1009 O O   . ARG A 1 143 ? -25.354 -3.335  20.264  1.00 24.66 ? 1434 ARG A O   1 
ATOM   1010 C CB  . ARG A 1 143 ? -23.004 -5.448  19.700  1.00 18.24 ? 1434 ARG A CB  1 
ATOM   1011 C CG  . ARG A 1 143 ? -22.884 -4.988  21.145  1.00 17.55 ? 1434 ARG A CG  1 
ATOM   1012 C CD  . ARG A 1 143 ? -21.837 -5.808  21.808  1.00 17.80 ? 1434 ARG A CD  1 
ATOM   1013 N NE  . ARG A 1 143 ? -21.676 -5.466  23.207  1.00 18.17 ? 1434 ARG A NE  1 
ATOM   1014 C CZ  . ARG A 1 143 ? -21.010 -4.461  23.690  1.00 19.41 ? 1434 ARG A CZ  1 
ATOM   1015 N NH1 . ARG A 1 143 ? -20.407 -3.582  22.897  1.00 16.25 ? 1434 ARG A NH1 1 
ATOM   1016 N NH2 . ARG A 1 143 ? -20.926 -4.321  24.998  1.00 22.46 ? 1434 ARG A NH2 1 
HETATM 1017 N N1  . Y1M B 2 .   ? 9.099   3.567   -10.289 0.50 12.23 ? 1501 Y1M A N1  1 
HETATM 1018 C C4  . Y1M B 2 .   ? 14.041  3.342   -6.172  0.50 18.28 ? 1501 Y1M A C4  1 
HETATM 1019 C C5  . Y1M B 2 .   ? 13.986  2.472   -7.210  0.50 18.37 ? 1501 Y1M A C5  1 
HETATM 1020 C C6  . Y1M B 2 .   ? 9.178   3.164   -11.704 0.50 12.04 ? 1501 Y1M A C6  1 
HETATM 1021 C C7  . Y1M B 2 .   ? 7.784   3.078   -12.313 0.50 11.63 ? 1501 Y1M A C7  1 
HETATM 1022 C C8  . Y1M B 2 .   ? 6.401   1.011   -11.832 0.50 11.05 ? 1501 Y1M A C8  1 
HETATM 1023 C C10 . Y1M B 2 .   ? 6.356   -0.845  -13.594 0.50 10.85 ? 1501 Y1M A C10 1 
HETATM 1024 C C13 . Y1M B 2 .   ? 6.796   2.752   -10.167 0.50 11.46 ? 1501 Y1M A C13 1 
HETATM 1025 N N   . Y1M B 2 .   ? 10.120  4.499   -8.436  0.50 14.02 ? 1501 Y1M A N   1 
HETATM 1026 C C   . Y1M B 2 .   ? 10.081  4.356   -9.773  0.50 13.86 ? 1501 Y1M A C   1 
HETATM 1027 O O   . Y1M B 2 .   ? 10.906  4.896   -10.503 0.50 14.66 ? 1501 Y1M A O   1 
HETATM 1028 C C1  . Y1M B 2 .   ? 11.233  5.165   -7.793  0.50 15.23 ? 1501 Y1M A C1  1 
HETATM 1029 C C11 . Y1M B 2 .   ? 7.251   -1.230  -14.607 0.50 10.26 ? 1501 Y1M A C11 1 
HETATM 1030 C C12 . Y1M B 2 .   ? 8.249   -0.374  -14.588 0.50 10.90 ? 1501 Y1M A C12 1 
HETATM 1031 C C14 . Y1M B 2 .   ? 8.144   2.790   -9.490  0.50 11.36 ? 1501 Y1M A C14 1 
HETATM 1032 C C2  . Y1M B 2 .   ? 12.329  4.251   -7.440  0.50 16.28 ? 1501 Y1M A C2  1 
HETATM 1033 C C3  . Y1M B 2 .   ? 13.105  4.401   -6.243  0.50 16.42 ? 1501 Y1M A C3  1 
HETATM 1034 C C9  . Y1M B 2 .   ? 6.876   0.257   -13.014 0.50 10.92 ? 1501 Y1M A C9  1 
HETATM 1035 N N2  . Y1M B 2 .   ? 6.950   2.185   -11.503 0.50 11.30 ? 1501 Y1M A N2  1 
HETATM 1036 O O1  . Y1M B 2 .   ? 5.527   0.522   -11.133 0.50 11.01 ? 1501 Y1M A O1  1 
HETATM 1037 O O2  . Y1M B 2 .   ? 8.055   0.581   -13.619 0.50 10.38 ? 1501 Y1M A O2  1 
HETATM 1038 S S   . Y1M B 2 .   ? 12.812  2.850   -8.379  0.50 20.40 ? 1501 Y1M A S   1 
HETATM 1039 O O   . HOH C 3 .   ? 8.404   11.023  -0.238  1.00 37.99 ? 1601 HOH A O   1 
HETATM 1040 O O   . HOH C 3 .   ? 7.906   -1.834  13.599  1.00 34.09 ? 1602 HOH A O   1 
HETATM 1041 O O   . HOH C 3 .   ? 2.620   13.627  -18.737 1.00 40.39 ? 1603 HOH A O   1 
HETATM 1042 O O   . HOH C 3 .   ? 16.431  11.725  -12.774 1.00 57.03 ? 1604 HOH A O   1 
HETATM 1043 O O   . HOH C 3 .   ? -16.841 8.760   11.014  1.00 35.24 ? 1605 HOH A O   1 
HETATM 1044 O O   . HOH C 3 .   ? 11.926  -8.682  -9.546  1.00 25.49 ? 1606 HOH A O   1 
HETATM 1045 O O   . HOH C 3 .   ? 7.280   5.006   -22.310 1.00 33.73 ? 1607 HOH A O   1 
HETATM 1046 O O   . HOH C 3 .   ? 9.172   -11.555 -13.885 1.00 32.38 ? 1608 HOH A O   1 
HETATM 1047 O O   . HOH C 3 .   ? 18.040  9.679   -12.051 1.00 49.70 ? 1609 HOH A O   1 
HETATM 1048 O O   . HOH C 3 .   ? 12.698  0.440   -15.499 1.00 37.31 ? 1610 HOH A O   1 
HETATM 1049 O O   . HOH C 3 .   ? 3.672   6.460   -22.922 1.00 25.80 ? 1611 HOH A O   1 
HETATM 1050 O O   . HOH C 3 .   ? 11.793  7.249   -10.517 0.50 17.95 ? 1612 HOH A O   1 
HETATM 1051 O O   . HOH C 3 .   ? -1.322  -9.031  10.134  1.00 25.11 ? 1613 HOH A O   1 
HETATM 1052 O O   . HOH C 3 .   ? -3.617  4.644   -18.271 1.00 35.13 ? 1614 HOH A O   1 
HETATM 1053 O O   . HOH C 3 .   ? -5.053  9.066   0.405   1.00 34.03 ? 1615 HOH A O   1 
HETATM 1054 O O   . HOH C 3 .   ? -1.729  0.823   -18.942 1.00 18.74 ? 1616 HOH A O   1 
HETATM 1055 O O   . HOH C 3 .   ? 3.528   8.843   -5.252  1.00 20.30 ? 1617 HOH A O   1 
HETATM 1056 O O   . HOH C 3 .   ? -1.682  10.993  -5.586  1.00 29.33 ? 1618 HOH A O   1 
HETATM 1057 O O   . HOH C 3 .   ? 4.253   1.233   15.646  1.00 41.85 ? 1619 HOH A O   1 
HETATM 1058 O O   . HOH C 3 .   ? 2.615   9.032   -23.531 1.00 27.79 ? 1620 HOH A O   1 
HETATM 1059 O O   . HOH C 3 .   ? 0.524   -2.481  -18.708 1.00 19.41 ? 1621 HOH A O   1 
HETATM 1060 O O   . HOH C 3 .   ? 2.530   5.525   -8.277  1.00 14.97 ? 1622 HOH A O   1 
HETATM 1061 O O   . HOH C 3 .   ? -14.799 2.848   9.584   1.00 25.28 ? 1623 HOH A O   1 
HETATM 1062 O O   . HOH C 3 .   ? -4.035  -7.272  -17.334 1.00 38.80 ? 1624 HOH A O   1 
HETATM 1063 O O   . HOH C 3 .   ? 2.275   12.221  -1.937  1.00 37.84 ? 1625 HOH A O   1 
HETATM 1064 O O   . HOH C 3 .   ? -0.471  -15.914 1.936   1.00 20.46 ? 1626 HOH A O   1 
HETATM 1065 O O   . HOH C 3 .   ? -13.638 3.404   5.949   1.00 27.74 ? 1627 HOH A O   1 
HETATM 1066 O O   . HOH C 3 .   ? -2.227  -10.100 -14.695 1.00 36.11 ? 1628 HOH A O   1 
HETATM 1067 O O   . HOH C 3 .   ? 3.668   2.517   -10.772 1.00 15.37 ? 1629 HOH A O   1 
HETATM 1068 O O   . HOH C 3 .   ? 4.795   -11.883 -13.657 1.00 32.59 ? 1630 HOH A O   1 
HETATM 1069 O O   . HOH C 3 .   ? 8.950   6.187   -20.263 1.00 52.87 ? 1631 HOH A O   1 
HETATM 1070 O O   . HOH C 3 .   ? 6.996   4.830   -6.711  1.00 18.73 ? 1632 HOH A O   1 
HETATM 1071 O O   . HOH C 3 .   ? -12.851 4.053   13.317  1.00 33.27 ? 1633 HOH A O   1 
HETATM 1072 O O   . HOH C 3 .   ? 13.806  0.873   3.897   1.00 36.36 ? 1634 HOH A O   1 
HETATM 1073 O O   . HOH C 3 .   ? 18.594  -0.508  -6.505  1.00 44.42 ? 1635 HOH A O   1 
HETATM 1074 O O   . HOH C 3 .   ? -1.769  15.772  11.433  1.00 31.11 ? 1636 HOH A O   1 
HETATM 1075 O O   . HOH C 3 .   ? 17.418  -3.707  5.497   1.00 19.19 ? 1637 HOH A O   1 
HETATM 1076 O O   . HOH C 3 .   ? -1.313  10.548  14.132  1.00 15.16 ? 1638 HOH A O   1 
HETATM 1077 O O   . HOH C 3 .   ? 0.299   -10.451 -13.720 1.00 29.72 ? 1639 HOH A O   1 
HETATM 1078 O O   . HOH C 3 .   ? 7.760   14.113  -18.819 1.00 29.05 ? 1640 HOH A O   1 
HETATM 1079 O O   . HOH C 3 .   ? -16.622 -0.847  21.624  1.00 13.62 ? 1641 HOH A O   1 
HETATM 1080 O O   . HOH C 3 .   ? 4.682   3.702   -6.247  1.00 18.06 ? 1642 HOH A O   1 
HETATM 1081 O O   . HOH C 3 .   ? -2.553  -5.580  -3.077  1.00 15.64 ? 1643 HOH A O   1 
HETATM 1082 O O   . HOH C 3 .   ? -6.310  0.329   -7.316  1.00 15.96 ? 1644 HOH A O   1 
HETATM 1083 O O   . HOH C 3 .   ? 14.995  5.014   -10.670 0.50 15.10 ? 1645 HOH A O   1 
HETATM 1084 O O   . HOH C 3 .   ? 8.908   13.045  -9.589  1.00 50.07 ? 1646 HOH A O   1 
HETATM 1085 O O   . HOH C 3 .   ? 13.408  3.910   -2.707  1.00 34.33 ? 1647 HOH A O   1 
HETATM 1086 O O   . HOH C 3 .   ? -23.131 -5.156  15.417  1.00 25.55 ? 1648 HOH A O   1 
HETATM 1087 O O   . HOH C 3 .   ? -0.047  5.157   16.367  1.00 33.86 ? 1649 HOH A O   1 
HETATM 1088 O O   . HOH C 3 .   ? -5.948  -9.355  2.110   1.00 15.18 ? 1650 HOH A O   1 
HETATM 1089 O O   . HOH C 3 .   ? -8.990  -12.400 8.387   1.00 20.35 ? 1651 HOH A O   1 
HETATM 1090 O O   . HOH C 3 .   ? -16.624 -11.504 23.189  1.00 39.50 ? 1652 HOH A O   1 
HETATM 1091 O O   . HOH C 3 .   ? -2.093  12.341  -14.815 1.00 29.50 ? 1653 HOH A O   1 
HETATM 1092 O O   . HOH C 3 .   ? -5.270  13.091  -11.537 1.00 36.40 ? 1654 HOH A O   1 
HETATM 1093 O O   . HOH C 3 .   ? -15.400 -2.596  19.905  1.00 13.35 ? 1655 HOH A O   1 
HETATM 1094 O O   . HOH C 3 .   ? -3.984  2.242   -10.873 1.00 14.45 ? 1656 HOH A O   1 
HETATM 1095 O O   . HOH C 3 .   ? -9.872  -9.460  5.796   1.00 17.62 ? 1657 HOH A O   1 
HETATM 1096 O O   . HOH C 3 .   ? 4.799   -13.655 3.054   1.00 13.78 ? 1658 HOH A O   1 
HETATM 1097 O O   . HOH C 3 .   ? 0.971   -4.846  -9.225  1.00 14.44 ? 1659 HOH A O   1 
HETATM 1098 O O   . HOH C 3 .   ? 4.254   12.193  -17.590 1.00 27.13 ? 1660 HOH A O   1 
HETATM 1099 O O   . HOH C 3 .   ? -3.147  1.556   17.118  1.00 12.61 ? 1661 HOH A O   1 
HETATM 1100 O O   . HOH C 3 .   ? 0.510   -10.752 -6.039  1.00 21.22 ? 1662 HOH A O   1 
HETATM 1101 O O   . HOH C 3 .   ? 2.344   -14.881 7.245   1.00 22.97 ? 1663 HOH A O   1 
HETATM 1102 O O   . HOH C 3 .   ? 6.503   -11.606 -8.949  1.00 17.31 ? 1664 HOH A O   1 
HETATM 1103 O O   . HOH C 3 .   ? 9.417   -8.954  -20.862 1.00 30.00 ? 1665 HOH A O   1 
HETATM 1104 O O   . HOH C 3 .   ? -10.120 -0.953  0.962   1.00 20.42 ? 1666 HOH A O   1 
HETATM 1105 O O   . HOH C 3 .   ? 14.764  -2.792  11.023  1.00 15.87 ? 1667 HOH A O   1 
HETATM 1106 O O   . HOH C 3 .   ? 11.400  5.779   -19.352 1.00 45.31 ? 1668 HOH A O   1 
HETATM 1107 O O   . HOH C 3 .   ? 1.705   13.212  13.317  1.00 41.79 ? 1669 HOH A O   1 
HETATM 1108 O O   . HOH C 3 .   ? -7.092  1.219   -4.906  1.00 14.51 ? 1670 HOH A O   1 
HETATM 1109 O O   . HOH C 3 .   ? -19.312 -9.436  14.529  1.00 18.09 ? 1671 HOH A O   1 
HETATM 1110 O O   . HOH C 3 .   ? -2.821  10.887  1.195   1.00 28.12 ? 1672 HOH A O   1 
HETATM 1111 O O   . HOH C 3 .   ? -1.835  -7.380  -6.777  1.00 24.66 ? 1673 HOH A O   1 
HETATM 1112 O O   . HOH C 3 .   ? 1.008   -5.603  11.677  1.00 24.23 ? 1674 HOH A O   1 
HETATM 1113 O O   . HOH C 3 .   ? 19.192  -4.950  1.471   1.00 20.66 ? 1675 HOH A O   1 
HETATM 1114 O O   . HOH C 3 .   ? -6.860  5.632   -3.441  1.00 25.79 ? 1676 HOH A O   1 
HETATM 1115 O O   . HOH C 3 .   ? -10.782 -5.147  0.802   1.00 23.83 ? 1677 HOH A O   1 
HETATM 1116 O O   . HOH C 3 .   ? -13.798 4.513   -1.739  1.00 43.37 ? 1678 HOH A O   1 
HETATM 1117 O O   . HOH C 3 .   ? -7.313  -4.134  13.420  1.00 10.75 ? 1679 HOH A O   1 
HETATM 1118 O O   . HOH C 3 .   ? 2.726   12.550  8.750   1.00 24.38 ? 1680 HOH A O   1 
HETATM 1119 O O   . HOH C 3 .   ? -1.876  13.344  4.969   1.00 34.63 ? 1681 HOH A O   1 
HETATM 1120 O O   . HOH C 3 .   ? 15.352  -6.649  8.032   1.00 36.30 ? 1682 HOH A O   1 
HETATM 1121 O O   . HOH C 3 .   ? -2.371  -2.293  17.699  1.00 20.36 ? 1683 HOH A O   1 
HETATM 1122 O O   . HOH C 3 .   ? -1.283  -13.019 -0.393  1.00 20.50 ? 1684 HOH A O   1 
HETATM 1123 O O   . HOH C 3 .   ? -4.215  -3.322  -6.806  1.00 13.02 ? 1685 HOH A O   1 
HETATM 1124 O O   . HOH C 3 .   ? 3.280   2.381   -8.125  1.00 18.31 ? 1686 HOH A O   1 
HETATM 1125 O O   . HOH C 3 .   ? 13.984  -7.429  -5.574  1.00 29.22 ? 1687 HOH A O   1 
HETATM 1126 O O   . HOH C 3 .   ? 13.508  2.946   -11.640 1.00 25.75 ? 1688 HOH A O   1 
HETATM 1127 O O   . HOH C 3 .   ? -3.306  -14.214 5.471   1.00 25.11 ? 1689 HOH A O   1 
HETATM 1128 O O   . HOH C 3 .   ? 6.114   -11.814 -0.965  1.00 16.87 ? 1690 HOH A O   1 
HETATM 1129 O O   . HOH C 3 .   ? 11.428  -0.569  8.445   1.00 26.67 ? 1691 HOH A O   1 
HETATM 1130 O O   . HOH C 3 .   ? 10.820  -11.261 -2.179  1.00 26.77 ? 1692 HOH A O   1 
HETATM 1131 O O   . HOH C 3 .   ? -4.329  7.862   10.146  1.00 11.38 ? 1693 HOH A O   1 
HETATM 1132 O O   . HOH C 3 .   ? -7.747  5.842   0.556   1.00 21.75 ? 1694 HOH A O   1 
HETATM 1133 O O   . HOH C 3 .   ? -3.866  -1.751  -13.003 1.00 20.25 ? 1695 HOH A O   1 
HETATM 1134 O O   . HOH C 3 .   ? -20.698 0.958   22.190  1.00 41.19 ? 1696 HOH A O   1 
HETATM 1135 O O   . HOH C 3 .   ? -3.553  -11.437 8.201   1.00 17.97 ? 1697 HOH A O   1 
HETATM 1136 O O   . HOH C 3 .   ? -17.622 -3.336  10.715  1.00 16.31 ? 1698 HOH A O   1 
HETATM 1137 O O   . HOH C 3 .   ? -2.883  8.007   17.001  1.00 17.23 ? 1699 HOH A O   1 
HETATM 1138 O O   . HOH C 3 .   ? -9.015  -4.907  17.012  1.00 17.77 ? 1700 HOH A O   1 
HETATM 1139 O O   . HOH C 3 .   ? 15.385  -3.241  -4.349  1.00 26.51 ? 1701 HOH A O   1 
HETATM 1140 O O   . HOH C 3 .   ? -3.682  6.094   -10.985 1.00 17.15 ? 1702 HOH A O   1 
HETATM 1141 O O   . HOH C 3 .   ? -13.001 3.312   -4.663  1.00 33.21 ? 1703 HOH A O   1 
HETATM 1142 O O   . HOH C 3 .   ? -12.241 5.541   -5.903  1.00 29.47 ? 1704 HOH A O   1 
HETATM 1143 O O   . HOH C 3 .   ? -6.648  -6.206  16.524  1.00 18.48 ? 1705 HOH A O   1 
HETATM 1144 O O   . HOH C 3 .   ? -4.760  -7.844  13.299  1.00 27.52 ? 1706 HOH A O   1 
HETATM 1145 O O   . HOH C 3 .   ? -5.718  8.404   -2.660  1.00 33.95 ? 1707 HOH A O   1 
HETATM 1146 O O   . HOH C 3 .   ? -1.626  -10.021 -4.188  1.00 21.14 ? 1708 HOH A O   1 
HETATM 1147 O O   . HOH C 3 .   ? 15.179  3.541   0.234   1.00 38.23 ? 1709 HOH A O   1 
HETATM 1148 O O   . HOH C 3 .   ? 8.456   -13.464 -8.278  1.00 15.69 ? 1710 HOH A O   1 
HETATM 1149 O O   . HOH C 3 .   ? 16.318  -7.334  -4.485  1.00 30.77 ? 1711 HOH A O   1 
HETATM 1150 O O   . HOH C 3 .   ? -9.725  -7.500  1.301   1.00 21.39 ? 1712 HOH A O   1 
HETATM 1151 O O   . HOH C 3 .   ? -4.295  5.856   -13.694 1.00 30.05 ? 1713 HOH A O   1 
HETATM 1152 O O   . HOH C 3 .   ? 14.147  -8.129  1.371   1.00 24.87 ? 1714 HOH A O   1 
HETATM 1153 O O   . HOH C 3 .   ? 7.610   -3.838  11.884  1.00 31.60 ? 1715 HOH A O   1 
HETATM 1154 O O   . HOH C 3 .   ? -18.033 -8.346  16.657  1.00 13.67 ? 1716 HOH A O   1 
HETATM 1155 O O   . HOH C 3 .   ? 5.484   2.874   9.711   1.00 29.40 ? 1717 HOH A O   1 
HETATM 1156 O O   . HOH C 3 .   ? -6.786  9.682   3.281   1.00 26.01 ? 1718 HOH A O   1 
HETATM 1157 O O   . HOH C 3 .   ? -11.681 5.482   16.418  1.00 23.33 ? 1719 HOH A O   1 
HETATM 1158 O O   . HOH C 3 .   ? 8.271   -12.603 -12.669 1.00 37.21 ? 1720 HOH A O   1 
HETATM 1159 O O   . HOH C 3 .   ? -8.583  -2.058  14.890  1.00 11.59 ? 1721 HOH A O   1 
HETATM 1160 O O   . HOH C 3 .   ? 17.015  2.678   -2.013  1.00 56.44 ? 1722 HOH A O   1 
HETATM 1161 O O   . HOH C 3 .   ? -11.980 -9.052  16.804  1.00 34.41 ? 1723 HOH A O   1 
HETATM 1162 O O   . HOH C 3 .   ? 11.172  -2.911  -14.475 1.00 16.05 ? 1724 HOH A O   1 
HETATM 1163 O O   . HOH C 3 .   ? 18.994  -6.288  -8.195  1.00 26.27 ? 1725 HOH A O   1 
HETATM 1164 O O   . HOH C 3 .   ? -18.964 -5.139  9.225   1.00 17.27 ? 1726 HOH A O   1 
HETATM 1165 O O   . HOH C 3 .   ? -6.361  4.347   15.608  1.00 14.67 ? 1727 HOH A O   1 
HETATM 1166 O O   . HOH C 3 .   ? 15.929  -2.346  1.692   1.00 32.82 ? 1728 HOH A O   1 
HETATM 1167 O O   . HOH C 3 .   ? -5.132  0.750   19.736  1.00 17.07 ? 1729 HOH A O   1 
HETATM 1168 O O   . HOH C 3 .   ? -8.934  4.671   14.814  1.00 17.90 ? 1730 HOH A O   1 
HETATM 1169 O O   . HOH C 3 .   ? 16.135  -1.996  -0.503  1.00 39.59 ? 1731 HOH A O   1 
HETATM 1170 O O   . HOH C 3 .   ? 7.876   -9.136  -1.125  1.00 23.37 ? 1732 HOH A O   1 
HETATM 1171 O O   . HOH C 3 .   ? -2.345  9.090   0.655   1.00 35.40 ? 1733 HOH A O   1 
HETATM 1172 O O   . HOH C 3 .   ? -0.079  12.763  3.538   1.00 44.60 ? 1734 HOH A O   1 
HETATM 1173 O O   . HOH C 3 .   ? -8.448  -5.843  20.167  1.00 22.56 ? 1735 HOH A O   1 
HETATM 1174 O O   . HOH C 3 .   ? -2.069  -8.301  -10.806 1.00 26.51 ? 1736 HOH A O   1 
HETATM 1175 O O   . HOH C 3 .   ? 9.186   6.898   4.821   1.00 42.82 ? 1737 HOH A O   1 
HETATM 1176 O O   . HOH C 3 .   ? -5.880  -13.474 8.224   1.00 29.71 ? 1738 HOH A O   1 
HETATM 1177 O O   . HOH C 3 .   ? -14.242 6.281   13.096  0.50 33.68 ? 1739 HOH A O   1 
HETATM 1178 O O   . HOH C 3 .   ? 0.088   -5.523  -16.879 1.00 30.64 ? 1740 HOH A O   1 
HETATM 1179 O O   . HOH C 3 .   ? 4.402   13.445  -11.147 1.00 48.85 ? 1741 HOH A O   1 
HETATM 1180 O O   . HOH C 3 .   ? 9.958   -7.707  5.948   1.00 40.44 ? 1742 HOH A O   1 
HETATM 1181 O O   . HOH C 3 .   ? 5.056   9.699   -9.092  1.00 25.99 ? 1743 HOH A O   1 
HETATM 1182 O O   . HOH C 3 .   ? 16.604  -4.464  2.892   1.00 27.03 ? 1744 HOH A O   1 
HETATM 1183 O O   . HOH C 3 .   ? 16.351  -2.502  -2.752  1.00 42.87 ? 1745 HOH A O   1 
HETATM 1184 O O   . HOH C 3 .   ? 5.808   11.311  0.347   1.00 46.24 ? 1746 HOH A O   1 
HETATM 1185 O O   . HOH C 3 .   ? 18.131  -8.873  -6.674  1.00 39.33 ? 1747 HOH A O   1 
HETATM 1186 O O   . HOH C 3 .   ? 7.044   8.513   5.251   1.00 32.02 ? 1748 HOH A O   1 
HETATM 1187 O O   . HOH C 3 .   ? 16.801  -5.150  -5.274  1.00 34.00 ? 1749 HOH A O   1 
HETATM 1188 O O   . HOH C 3 .   ? 5.277   4.837   11.275  1.00 41.22 ? 1750 HOH A O   1 
HETATM 1189 O O   . HOH C 3 .   ? -26.795 -6.097  21.513  1.00 43.07 ? 1751 HOH A O   1 
HETATM 1190 O O   . HOH C 3 .   ? -13.817 -2.934  2.799   1.00 24.58 ? 1752 HOH A O   1 
HETATM 1191 O O   . HOH C 3 .   ? -20.614 -7.886  17.924  1.00 15.14 ? 1753 HOH A O   1 
HETATM 1192 O O   . HOH C 3 .   ? -3.303  -4.371  -9.244  1.00 14.77 ? 1754 HOH A O   1 
HETATM 1193 O O   . HOH C 3 .   ? -11.909 2.801   1.796   1.00 27.81 ? 1755 HOH A O   1 
HETATM 1194 O O   . HOH C 3 .   ? 20.422  0.915   -5.303  1.00 32.64 ? 1756 HOH A O   1 
HETATM 1195 O O   . HOH C 3 .   ? 4.338   7.619   -7.514  1.00 20.35 ? 1757 HOH A O   1 
HETATM 1196 O O   . HOH C 3 .   ? 13.238  5.645   -0.137  1.00 39.56 ? 1758 HOH A O   1 
HETATM 1197 O O   . HOH C 3 .   ? -19.772 -1.907  11.869  1.00 26.52 ? 1759 HOH A O   1 
HETATM 1198 O O   . HOH C 3 .   ? 5.978   -12.411 -11.468 1.00 23.68 ? 1760 HOH A O   1 
HETATM 1199 O O   . HOH C 3 .   ? 16.227  -0.100  3.485   1.00 27.94 ? 1761 HOH A O   1 
HETATM 1200 O O   . HOH C 3 .   ? -22.932 -7.557  16.354  1.00 35.99 ? 1762 HOH A O   1 
HETATM 1201 O O   . HOH C 3 .   ? -8.489  -9.085  3.208   1.00 17.79 ? 1763 HOH A O   1 
HETATM 1202 O O   . HOH C 3 .   ? 12.583  5.134   2.130   1.00 37.03 ? 1764 HOH A O   1 
HETATM 1203 O O   . HOH C 3 .   ? 17.580  1.941   2.162   1.00 26.29 ? 1765 HOH A O   1 
HETATM 1204 O O   . HOH C 3 .   ? -3.747  -2.581  -15.756 1.00 28.41 ? 1766 HOH A O   1 
HETATM 1205 O O   . HOH C 3 .   ? 3.633   -13.705 -5.393  1.00 34.00 ? 1767 HOH A O   1 
HETATM 1206 O O   . HOH C 3 .   ? -10.890 3.777   -6.790  1.00 36.16 ? 1768 HOH A O   1 
HETATM 1207 O O   . HOH C 3 .   ? -4.122  -5.555  -5.347  1.00 19.65 ? 1769 HOH A O   1 
HETATM 1208 O O   . HOH C 3 .   ? -13.521 -13.651 20.012  1.00 46.81 ? 1770 HOH A O   1 
HETATM 1209 O O   . HOH C 3 .   ? 4.096   -13.091 -7.551  1.00 42.37 ? 1771 HOH A O   1 
HETATM 1210 O O   . HOH C 3 .   ? -2.172  4.134   17.453  1.00 20.47 ? 1772 HOH A O   1 
HETATM 1211 O O   . HOH C 3 .   ? -1.611  10.583  -23.198 1.00 47.67 ? 1773 HOH A O   1 
HETATM 1212 O O   . HOH C 3 .   ? -12.517 0.552   0.390   1.00 33.38 ? 1774 HOH A O   1 
HETATM 1213 O O   . HOH C 3 .   ? -2.447  -0.091  19.232  1.00 23.88 ? 1775 HOH A O   1 
HETATM 1214 O O   . HOH C 3 .   ? 2.153   -12.282 -13.700 1.00 34.74 ? 1776 HOH A O   1 
HETATM 1215 O O   . HOH C 3 .   ? -1.315  -6.246  -9.059  1.00 14.26 ? 1777 HOH A O   1 
HETATM 1216 O O   . HOH C 3 .   ? -7.915  3.793   -5.591  1.00 23.80 ? 1778 HOH A O   1 
HETATM 1217 O O   . HOH C 3 .   ? -10.759 8.251   -16.257 0.50 24.17 ? 1779 HOH A O   1 
HETATM 1218 O O   . HOH C 3 .   ? -10.894 -3.023  2.409   1.00 23.65 ? 1780 HOH A O   1 
HETATM 1219 O O   . HOH C 3 .   ? 2.848   11.650  -5.349  1.00 33.77 ? 1781 HOH A O   1 
HETATM 1220 O O   . HOH C 3 .   ? -1.538  -10.833 -10.450 1.00 39.98 ? 1782 HOH A O   1 
HETATM 1221 O O   . HOH C 3 .   ? 10.941  -3.137  -17.944 1.00 40.00 ? 1783 HOH A O   1 
HETATM 1222 O O   . HOH C 3 .   ? -22.214 -3.055  12.586  1.00 33.13 ? 1784 HOH A O   1 
HETATM 1223 O O   . HOH C 3 .   ? 4.026   11.697  -7.947  1.00 53.34 ? 1785 HOH A O   1 
HETATM 1224 O O   . HOH C 3 .   ? -5.021  5.796   17.946  0.50 9.13  ? 1786 HOH A O   1 
HETATM 1225 O O   . HOH C 3 .   ? -2.746  -11.784 -2.865  1.00 32.27 ? 1787 HOH A O   1 
HETATM 1226 O O   . HOH C 3 .   ? 1.193   -14.191 -5.647  1.00 53.70 ? 1788 HOH A O   1 
HETATM 1227 O O   . HOH C 3 .   ? -16.664 1.058   8.580   1.00 22.34 ? 1789 HOH A O   1 
HETATM 1228 O O   . HOH C 3 .   ? -2.691  11.071  -1.079  1.00 40.84 ? 1790 HOH A O   1 
HETATM 1229 O O   . HOH C 3 .   ? -0.173  -12.037 -8.036  1.00 54.60 ? 1791 HOH A O   1 
HETATM 1230 O O   . HOH C 3 .   ? -21.577 -5.150  9.349   1.00 30.22 ? 1792 HOH A O   1 
HETATM 1231 O O   . HOH C 3 .   ? -16.212 -1.554  8.861   1.00 21.47 ? 1793 HOH A O   1 
# 
